data_2RGN
#
_entry.id   2RGN
#
_cell.length_a   67.187
_cell.length_b   68.056
_cell.length_c   138.018
_cell.angle_alpha   80.870
_cell.angle_beta   85.160
_cell.angle_gamma   87.090
#
_symmetry.space_group_name_H-M   'P 1'
#
loop_
_entity.id
_entity.type
_entity.pdbx_description
1 polymer 'Guanine nucleotide-binding protein G(i) subunit alpha-1,Guanine nucleotide-binding protein G(q) subunit alpha'
2 polymer 'Rho guanine nucleotide exchange factor 25'
3 polymer 'Transforming protein RhoA'
4 non-polymer 'TETRAFLUOROALUMINATE ION'
5 non-polymer 'MAGNESIUM ION'
6 non-polymer "GUANOSINE-5'-DIPHOSPHATE"
7 water water
#
loop_
_entity_poly.entity_id
_entity_poly.type
_entity_poly.pdbx_seq_one_letter_code
_entity_poly.pdbx_strand_id
1 'polypeptide(L)'
;MGCTLSAEDKAAVERSKMIDRNLREDGERSRRELKLLLLGTGESGKSTFIKQMRIIHGSGYSDEDKRGFTKLVYQNIFTA
MQAMIRAMDTLKIPYKYEHNKAHAQLVREVDVEKVSAFENPYVDAIKSLWNDPGIQECYDRRREYQLSDSTKYYLNDLDR
VADPSYLPTQQDVLRVRVPTTGIIEYPFDLQSVIFRMVDVGGQRSERRKWIHCFENVTSIMFLVALSEYDQVLVESDNEN
RMEESKALFRTIITYPWFQNSSVILFLNKKDLLEEKIMYSHLVDYFPEYDGPQRDAQAAREFILKMFVDLNPDSDKIIYS
HFTCATDTENIRFVFAAVKDTILQLNLKEYNLV
;
A,D
2 'polypeptide(L)'
;SEEEQKKKALERSMYVLSELVETEKMYVDDLGQIVEGYMATMAAQGVPESLRGRDRIVFGNIQQIYEWHRDYFLQELQRC
LKDPDWLAQLFIKHERRLHMYVVYCQNKPKSEHVVSEFGDSYFEELRQQLGHRLQLNDLLIKPVQRIMKYQLLLKDFLKY
YNRAGMDTADLEQAVEVMCFVPKRCNDMMTLGRLRGFEGKLTAQGKLLGQDTFWVTEPEAGGLLSSRGRERRVFLFEQII
IFSEALGGGVRGGTQPGYVYKNSIKVSCLGLEGNLQGDPCRFALTSRGPEGGIQRYVLQAADPAISQAWIKHVAQILESQ
RDFLNALQSPIEYQRRESQTNSLGRPRGPGVGSP
;
B,E
3 'polypeptide(L)'
;GEFMAAIRKKLVIVGDGACGKTCLLIVFSKDQFPEVYVPTVFENYVADIEVDGKQVELALWDTAGQEDYDRLRPLSYPDT
DVILMCFSIDSPDSLENIPEKWTPEVKHFCPNVPIILVGNKKDLRNDEHTRRELAKMKQEPVKPEEGRDMANRIGAFGYM
ECSAKTKDGVREVFEMATRAALQARRGKKKSGCLVL
;
C,F
#
loop_
_chem_comp.id
_chem_comp.type
_chem_comp.name
_chem_comp.formula
ALF non-polymer 'TETRAFLUOROALUMINATE ION' 'Al F4 -1'
GDP RNA linking GUANOSINE-5'-DIPHOSPHATE 'C10 H15 N5 O11 P2'
MG non-polymer 'MAGNESIUM ION' 'Mg 2'
#
# COMPACT_ATOMS: atom_id res chain seq x y z
N ARG A 29 13.24 -13.17 -26.23
CA ARG A 29 13.72 -11.78 -26.02
C ARG A 29 12.94 -10.78 -26.89
N SER A 30 11.64 -11.04 -27.09
CA SER A 30 10.80 -10.21 -27.97
C SER A 30 10.50 -8.83 -27.38
N ARG A 31 10.20 -7.86 -28.24
CA ARG A 31 10.01 -6.45 -27.85
C ARG A 31 8.82 -5.82 -28.61
N ARG A 32 7.68 -6.52 -28.64
CA ARG A 32 6.58 -6.17 -29.55
C ARG A 32 5.63 -5.04 -29.11
N GLU A 33 6.15 -4.09 -28.32
CA GLU A 33 5.35 -3.05 -27.71
C GLU A 33 5.87 -1.67 -28.17
N LEU A 34 5.02 -0.65 -28.16
CA LEU A 34 5.41 0.70 -28.62
C LEU A 34 4.65 1.81 -27.88
N LYS A 35 5.34 2.57 -27.04
CA LYS A 35 4.70 3.66 -26.31
C LYS A 35 4.48 4.87 -27.25
N LEU A 36 3.32 5.51 -27.12
CA LEU A 36 3.04 6.76 -27.83
C LEU A 36 2.46 7.77 -26.84
N LEU A 37 3.05 8.95 -26.75
CA LEU A 37 2.45 10.05 -25.99
C LEU A 37 1.45 10.82 -26.83
N LEU A 38 0.28 11.06 -26.27
CA LEU A 38 -0.61 12.11 -26.74
C LEU A 38 -0.27 13.32 -25.90
N LEU A 39 0.01 14.45 -26.53
CA LEU A 39 0.32 15.68 -25.79
C LEU A 39 -0.36 16.91 -26.43
N GLY A 40 -0.49 17.96 -25.63
CA GLY A 40 -0.97 19.26 -26.11
C GLY A 40 -1.80 20.01 -25.10
N THR A 41 -2.05 21.29 -25.37
CA THR A 41 -2.96 22.08 -24.55
C THR A 41 -4.23 21.29 -24.30
N GLY A 42 -4.84 21.57 -23.18
CA GLY A 42 -6.12 20.99 -22.83
C GLY A 42 -7.21 21.35 -23.82
N GLU A 43 -8.28 20.57 -23.81
CA GLU A 43 -9.41 20.77 -24.72
C GLU A 43 -9.02 20.71 -26.22
N SER A 44 -8.09 19.82 -26.56
CA SER A 44 -7.60 19.69 -27.94
C SER A 44 -7.88 18.33 -28.53
N GLY A 45 -8.49 17.44 -27.76
CA GLY A 45 -8.92 16.15 -28.29
C GLY A 45 -7.98 14.98 -28.02
N LYS A 46 -7.28 15.00 -26.90
CA LYS A 46 -6.40 13.90 -26.54
C LYS A 46 -7.22 12.70 -26.05
N SER A 47 -8.17 12.94 -25.15
CA SER A 47 -9.07 11.87 -24.66
C SER A 47 -9.95 11.33 -25.77
N THR A 48 -10.40 12.22 -26.65
CA THR A 48 -11.29 11.84 -27.75
C THR A 48 -10.60 10.95 -28.76
N PHE A 49 -9.30 11.17 -28.95
CA PHE A 49 -8.48 10.23 -29.74
C PHE A 49 -8.54 8.83 -29.13
N ILE A 50 -8.34 8.77 -27.81
CA ILE A 50 -8.30 7.49 -27.10
C ILE A 50 -9.64 6.79 -27.22
N LYS A 51 -10.72 7.57 -27.31
CA LYS A 51 -12.04 6.99 -27.49
C LYS A 51 -12.19 6.37 -28.86
N GLN A 52 -11.67 7.04 -29.89
CA GLN A 52 -11.75 6.54 -31.26
C GLN A 52 -10.79 5.36 -31.49
N MET A 53 -9.59 5.47 -30.93
CA MET A 53 -8.64 4.38 -30.98
C MET A 53 -9.22 3.18 -30.21
N ARG A 54 -10.12 3.42 -29.25
CA ARG A 54 -10.86 2.31 -28.62
C ARG A 54 -11.94 1.77 -29.53
N ILE A 55 -12.75 2.66 -30.09
CA ILE A 55 -13.81 2.31 -31.06
C ILE A 55 -13.30 1.46 -32.20
N ILE A 56 -12.12 1.81 -32.68
CA ILE A 56 -11.53 1.21 -33.86
C ILE A 56 -10.78 -0.11 -33.55
N HIS A 57 -9.81 -0.03 -32.63
CA HIS A 57 -8.93 -1.17 -32.33
C HIS A 57 -9.23 -1.88 -30.99
N GLY A 58 -10.09 -1.29 -30.16
CA GLY A 58 -10.45 -1.87 -28.86
C GLY A 58 -11.79 -2.56 -28.90
N SER A 59 -12.39 -2.75 -27.73
CA SER A 59 -13.79 -3.19 -27.63
C SER A 59 -14.65 -1.94 -27.72
N GLY A 60 -15.60 -1.93 -28.64
CA GLY A 60 -16.46 -0.76 -28.79
C GLY A 60 -17.19 -0.40 -27.51
N TYR A 61 -18.05 0.61 -27.62
CA TYR A 61 -18.90 1.00 -26.52
C TYR A 61 -20.23 0.25 -26.61
N SER A 62 -20.58 -0.50 -25.56
CA SER A 62 -21.85 -1.22 -25.50
C SER A 62 -22.93 -0.29 -24.93
N ASP A 63 -24.17 -0.74 -24.96
CA ASP A 63 -25.26 0.01 -24.34
C ASP A 63 -25.00 0.28 -22.85
N GLU A 64 -24.57 -0.74 -22.11
CA GLU A 64 -24.30 -0.55 -20.70
C GLU A 64 -23.16 0.44 -20.56
N ASP A 65 -22.15 0.35 -21.44
CA ASP A 65 -21.04 1.31 -21.43
C ASP A 65 -21.53 2.74 -21.70
N LYS A 66 -22.48 2.91 -22.60
CA LYS A 66 -23.01 4.25 -22.89
C LYS A 66 -23.75 4.80 -21.69
N ARG A 67 -24.64 4.01 -21.10
CA ARG A 67 -25.47 4.50 -19.99
C ARG A 67 -24.67 5.06 -18.86
N GLY A 68 -23.39 4.71 -18.78
CA GLY A 68 -22.48 5.32 -17.82
C GLY A 68 -22.26 6.79 -18.05
N PHE A 69 -22.32 7.19 -19.32
CA PHE A 69 -22.01 8.55 -19.74
C PHE A 69 -23.17 9.55 -19.61
N THR A 70 -24.40 9.05 -19.51
CA THR A 70 -25.60 9.89 -19.36
C THR A 70 -25.41 10.92 -18.24
N LYS A 71 -24.97 10.47 -17.07
CA LYS A 71 -24.63 11.40 -15.99
C LYS A 71 -23.74 12.53 -16.49
N LEU A 72 -22.80 12.23 -17.37
CA LEU A 72 -21.85 13.25 -17.80
C LEU A 72 -22.43 14.12 -18.93
N VAL A 73 -23.26 13.54 -19.79
CA VAL A 73 -23.99 14.35 -20.77
C VAL A 73 -24.88 15.34 -20.04
N TYR A 74 -25.67 14.82 -19.11
CA TYR A 74 -26.51 15.64 -18.27
C TYR A 74 -25.68 16.75 -17.63
N GLN A 75 -24.56 16.39 -17.02
CA GLN A 75 -23.72 17.39 -16.34
C GLN A 75 -23.28 18.50 -17.29
N ASN A 76 -22.69 18.11 -18.43
CA ASN A 76 -22.14 19.05 -19.40
C ASN A 76 -23.09 20.17 -19.80
N ILE A 77 -24.37 19.82 -19.89
CA ILE A 77 -25.41 20.78 -20.25
C ILE A 77 -25.47 21.91 -19.24
N PHE A 78 -25.41 21.56 -17.96
CA PHE A 78 -25.42 22.54 -16.87
C PHE A 78 -24.16 23.37 -16.86
N THR A 79 -23.02 22.68 -16.94
CA THR A 79 -21.72 23.34 -17.05
C THR A 79 -21.84 24.44 -18.11
N ALA A 80 -22.20 24.05 -19.33
CA ALA A 80 -22.32 24.96 -20.46
C ALA A 80 -23.29 26.11 -20.18
N MET A 81 -24.51 25.77 -19.73
CA MET A 81 -25.54 26.79 -19.50
C MET A 81 -25.09 27.72 -18.39
N GLN A 82 -24.74 27.18 -17.23
CA GLN A 82 -24.29 28.01 -16.12
C GLN A 82 -23.18 28.92 -16.61
N ALA A 83 -22.27 28.37 -17.41
CA ALA A 83 -21.20 29.13 -18.06
C ALA A 83 -21.69 30.44 -18.68
N MET A 84 -22.69 30.32 -19.56
CA MET A 84 -23.31 31.48 -20.24
C MET A 84 -24.13 32.33 -19.28
N ILE A 85 -24.92 31.68 -18.43
CA ILE A 85 -25.75 32.37 -17.43
C ILE A 85 -24.92 33.39 -16.69
N ARG A 86 -23.67 33.02 -16.39
CA ARG A 86 -22.72 33.90 -15.74
C ARG A 86 -22.14 34.92 -16.69
N ALA A 87 -21.82 34.47 -17.90
CA ALA A 87 -21.41 35.37 -18.98
C ALA A 87 -22.37 36.53 -19.21
N MET A 88 -23.68 36.27 -19.15
CA MET A 88 -24.70 37.31 -19.27
C MET A 88 -24.38 38.44 -18.29
N ASP A 89 -24.28 38.08 -17.02
CA ASP A 89 -23.99 39.06 -15.97
C ASP A 89 -22.63 39.72 -16.23
N THR A 90 -21.61 38.92 -16.45
CA THR A 90 -20.27 39.45 -16.65
C THR A 90 -20.24 40.49 -17.77
N LEU A 91 -20.82 40.16 -18.92
CA LEU A 91 -20.76 41.02 -20.11
C LEU A 91 -22.01 41.89 -20.29
N LYS A 92 -22.79 42.05 -19.21
CA LYS A 92 -23.99 42.91 -19.22
C LYS A 92 -24.93 42.69 -20.39
N ILE A 93 -25.03 41.46 -20.86
CA ILE A 93 -26.03 41.13 -21.86
C ILE A 93 -27.38 41.03 -21.18
N PRO A 94 -28.41 41.67 -21.75
CA PRO A 94 -29.78 41.61 -21.25
C PRO A 94 -30.62 40.45 -21.79
N TYR A 95 -31.32 39.76 -20.89
CA TYR A 95 -32.25 38.69 -21.30
C TYR A 95 -33.43 39.31 -22.01
N LYS A 96 -33.82 38.75 -23.14
CA LYS A 96 -34.94 39.31 -23.87
C LYS A 96 -36.29 39.04 -23.18
N TYR A 97 -36.53 37.80 -22.78
CA TYR A 97 -37.80 37.44 -22.17
C TYR A 97 -37.67 37.43 -20.65
N GLU A 98 -38.24 38.44 -20.01
CA GLU A 98 -38.18 38.59 -18.57
C GLU A 98 -38.23 37.24 -17.81
N HIS A 99 -39.11 36.32 -18.22
CA HIS A 99 -39.32 35.09 -17.43
C HIS A 99 -38.08 34.25 -17.27
N ASN A 100 -37.10 34.48 -18.14
CA ASN A 100 -35.82 33.77 -18.06
C ASN A 100 -34.95 34.22 -16.92
N LYS A 101 -35.23 35.36 -16.30
CA LYS A 101 -34.42 35.83 -15.15
C LYS A 101 -34.48 34.80 -14.04
N ALA A 102 -35.69 34.34 -13.74
CA ALA A 102 -35.90 33.21 -12.84
C ALA A 102 -35.09 32.00 -13.33
N HIS A 103 -35.51 31.43 -14.45
CA HIS A 103 -34.81 30.30 -15.06
C HIS A 103 -33.28 30.33 -14.88
N ALA A 104 -32.66 31.49 -15.10
CA ALA A 104 -31.22 31.59 -15.05
C ALA A 104 -30.71 31.54 -13.61
N GLN A 105 -31.52 32.00 -12.67
CA GLN A 105 -31.16 31.93 -11.25
C GLN A 105 -31.16 30.47 -10.84
N LEU A 106 -32.31 29.83 -11.02
CA LEU A 106 -32.54 28.43 -10.65
C LEU A 106 -31.44 27.50 -11.10
N VAL A 107 -31.03 27.65 -12.36
CA VAL A 107 -30.02 26.81 -12.97
C VAL A 107 -28.65 27.11 -12.39
N ARG A 108 -28.32 28.38 -12.23
CA ARG A 108 -27.01 28.72 -11.71
C ARG A 108 -26.79 28.25 -10.26
N GLU A 109 -27.86 27.96 -9.55
CA GLU A 109 -27.78 27.50 -8.17
C GLU A 109 -27.40 26.03 -8.12
N VAL A 110 -27.58 25.30 -9.22
CA VAL A 110 -27.45 23.85 -9.21
C VAL A 110 -26.02 23.37 -9.08
N ASP A 111 -25.81 22.35 -8.24
CA ASP A 111 -24.47 21.75 -8.05
C ASP A 111 -24.26 20.70 -9.13
N VAL A 112 -23.30 20.95 -10.02
CA VAL A 112 -23.11 20.11 -11.18
C VAL A 112 -22.53 18.73 -10.85
N GLU A 113 -21.74 18.64 -9.77
CA GLU A 113 -21.09 17.37 -9.38
C GLU A 113 -22.08 16.35 -8.81
N LYS A 114 -23.27 16.81 -8.44
CA LYS A 114 -24.32 15.93 -7.90
C LYS A 114 -25.45 15.67 -8.91
N VAL A 115 -25.62 16.57 -9.88
CA VAL A 115 -26.63 16.39 -10.91
C VAL A 115 -26.46 15.02 -11.54
N SER A 116 -27.53 14.22 -11.45
CA SER A 116 -27.58 12.93 -12.16
C SER A 116 -28.99 12.60 -12.68
N ALA A 117 -29.78 13.63 -12.95
CA ALA A 117 -31.07 13.48 -13.65
C ALA A 117 -31.52 14.80 -14.27
N PHE A 118 -32.06 14.70 -15.49
CA PHE A 118 -32.56 15.87 -16.20
C PHE A 118 -34.09 15.87 -16.11
N GLU A 119 -34.57 16.53 -15.06
CA GLU A 119 -35.97 16.57 -14.71
C GLU A 119 -36.50 17.99 -14.88
N ASN A 120 -37.82 18.15 -14.77
CA ASN A 120 -38.45 19.27 -15.46
C ASN A 120 -38.49 20.66 -14.80
N PRO A 121 -38.27 20.77 -13.48
CA PRO A 121 -38.09 22.17 -13.09
C PRO A 121 -37.02 22.85 -13.96
N TYR A 122 -35.96 22.09 -14.28
CA TYR A 122 -34.78 22.58 -15.01
C TYR A 122 -34.81 22.33 -16.51
N VAL A 123 -35.15 21.13 -16.94
CA VAL A 123 -35.20 20.81 -18.37
C VAL A 123 -35.90 21.89 -19.18
N ASP A 124 -36.99 22.44 -18.64
CA ASP A 124 -37.70 23.53 -19.29
C ASP A 124 -36.95 24.84 -19.20
N ALA A 125 -36.38 25.10 -18.03
CA ALA A 125 -35.63 26.33 -17.82
C ALA A 125 -34.40 26.42 -18.73
N ILE A 126 -33.64 25.34 -18.86
CA ILE A 126 -32.45 25.34 -19.75
C ILE A 126 -32.85 25.46 -21.22
N LYS A 127 -33.98 24.83 -21.57
CA LYS A 127 -34.55 24.98 -22.91
C LYS A 127 -34.95 26.43 -23.18
N SER A 128 -35.59 27.09 -22.21
CA SER A 128 -36.02 28.47 -22.40
C SER A 128 -34.85 29.41 -22.54
N LEU A 129 -33.83 29.19 -21.72
CA LEU A 129 -32.65 30.04 -21.75
C LEU A 129 -31.92 29.89 -23.08
N TRP A 130 -31.82 28.66 -23.58
CA TRP A 130 -31.16 28.43 -24.85
C TRP A 130 -31.89 29.16 -25.96
N ASN A 131 -33.20 29.34 -25.78
CA ASN A 131 -34.08 29.95 -26.78
C ASN A 131 -34.03 31.49 -26.76
N ASP A 132 -33.71 32.07 -25.59
CA ASP A 132 -33.63 33.52 -25.46
C ASP A 132 -32.55 34.06 -26.41
N PRO A 133 -32.93 34.99 -27.33
CA PRO A 133 -31.92 35.61 -28.22
C PRO A 133 -30.78 36.30 -27.47
N GLY A 134 -31.05 36.69 -26.23
CA GLY A 134 -30.03 37.20 -25.34
C GLY A 134 -28.95 36.20 -25.04
N ILE A 135 -29.33 34.98 -24.69
CA ILE A 135 -28.32 33.93 -24.40
C ILE A 135 -27.54 33.59 -25.66
N GLN A 136 -28.22 33.61 -26.81
CA GLN A 136 -27.57 33.30 -28.08
C GLN A 136 -26.59 34.40 -28.46
N GLU A 137 -27.01 35.65 -28.32
CA GLU A 137 -26.12 36.79 -28.46
C GLU A 137 -24.84 36.54 -27.65
N CYS A 138 -25.02 36.11 -26.40
CA CYS A 138 -23.92 35.75 -25.51
C CYS A 138 -23.13 34.57 -26.08
N TYR A 139 -23.82 33.55 -26.54
CA TYR A 139 -23.18 32.40 -27.18
C TYR A 139 -22.45 32.76 -28.47
N ASP A 140 -22.98 33.69 -29.27
CA ASP A 140 -22.32 34.12 -30.48
C ASP A 140 -20.98 34.76 -30.14
N ARG A 141 -20.90 35.37 -28.96
CA ARG A 141 -19.67 36.01 -28.53
C ARG A 141 -18.86 35.09 -27.61
N ARG A 142 -18.84 33.79 -27.89
CA ARG A 142 -18.30 32.84 -26.91
C ARG A 142 -16.78 33.00 -26.69
N ARG A 143 -16.09 33.52 -27.69
CA ARG A 143 -14.65 33.84 -27.62
C ARG A 143 -14.24 34.46 -26.28
N GLU A 144 -15.13 35.27 -25.69
CA GLU A 144 -14.76 36.13 -24.55
C GLU A 144 -14.89 35.48 -23.17
N TYR A 145 -15.17 34.18 -23.13
CA TYR A 145 -15.27 33.46 -21.85
C TYR A 145 -15.10 31.95 -22.10
N GLN A 146 -15.07 31.15 -21.04
CA GLN A 146 -14.76 29.74 -21.20
C GLN A 146 -16.05 28.93 -21.28
N LEU A 147 -16.48 28.66 -22.50
CA LEU A 147 -17.61 27.77 -22.81
C LEU A 147 -17.08 26.60 -23.62
N SER A 148 -17.63 25.41 -23.42
CA SER A 148 -17.15 24.23 -24.15
C SER A 148 -17.64 24.16 -25.60
N ASP A 149 -17.14 23.17 -26.34
CA ASP A 149 -17.32 23.12 -27.80
C ASP A 149 -18.53 22.29 -28.20
N SER A 150 -18.90 21.34 -27.37
CA SER A 150 -20.04 20.53 -27.68
C SER A 150 -21.33 21.08 -27.04
N THR A 151 -21.31 22.34 -26.58
CA THR A 151 -22.52 22.95 -26.02
C THR A 151 -23.63 22.97 -27.03
N LYS A 152 -23.30 23.43 -28.25
CA LYS A 152 -24.27 23.50 -29.35
C LYS A 152 -24.86 22.13 -29.59
N TYR A 153 -23.97 21.16 -29.82
CA TYR A 153 -24.36 19.79 -30.17
C TYR A 153 -25.42 19.22 -29.22
N TYR A 154 -25.31 19.59 -27.94
CA TYR A 154 -26.22 19.13 -26.91
C TYR A 154 -27.41 20.05 -26.77
N LEU A 155 -27.16 21.34 -26.55
CA LEU A 155 -28.25 22.27 -26.22
C LEU A 155 -29.22 22.44 -27.37
N ASN A 156 -28.76 22.32 -28.61
CA ASN A 156 -29.69 22.22 -29.72
C ASN A 156 -30.59 20.98 -29.56
N ASP A 157 -29.97 19.82 -29.34
CA ASP A 157 -30.71 18.56 -29.26
C ASP A 157 -31.08 18.16 -27.82
N LEU A 158 -31.62 19.12 -27.05
CA LEU A 158 -32.08 18.88 -25.68
C LEU A 158 -33.17 17.82 -25.61
N ASP A 159 -34.23 17.99 -26.40
CA ASP A 159 -35.40 17.11 -26.33
C ASP A 159 -35.08 15.64 -26.32
N ARG A 160 -34.03 15.26 -27.04
CA ARG A 160 -33.56 13.88 -27.09
C ARG A 160 -32.91 13.49 -25.77
N VAL A 161 -32.07 14.36 -25.26
CA VAL A 161 -31.41 14.11 -23.98
C VAL A 161 -32.45 14.10 -22.88
N ALA A 162 -33.34 15.09 -22.90
CA ALA A 162 -34.31 15.29 -21.82
C ALA A 162 -35.32 14.15 -21.72
N ASP A 163 -35.56 13.46 -22.83
CA ASP A 163 -36.33 12.21 -22.82
C ASP A 163 -35.94 11.35 -21.61
N PRO A 164 -36.94 10.82 -20.89
CA PRO A 164 -36.62 9.94 -19.79
C PRO A 164 -35.97 8.61 -20.19
N SER A 165 -36.13 8.20 -21.45
CA SER A 165 -35.55 6.96 -21.95
C SER A 165 -34.26 7.19 -22.77
N TYR A 166 -33.58 8.29 -22.50
CA TYR A 166 -32.36 8.62 -23.20
C TYR A 166 -31.29 7.53 -23.03
N LEU A 167 -30.53 7.28 -24.10
CA LEU A 167 -29.35 6.41 -24.07
C LEU A 167 -28.28 6.87 -25.07
N PRO A 168 -27.22 7.56 -24.59
CA PRO A 168 -26.27 8.33 -25.41
C PRO A 168 -25.81 7.61 -26.66
N THR A 169 -25.84 8.31 -27.79
CA THR A 169 -25.36 7.77 -29.05
C THR A 169 -23.84 7.80 -29.01
N GLN A 170 -23.20 6.90 -29.75
CA GLN A 170 -21.74 6.86 -29.75
C GLN A 170 -21.15 8.24 -30.00
N GLN A 171 -21.78 9.01 -30.88
CA GLN A 171 -21.37 10.40 -31.11
C GLN A 171 -21.49 11.29 -29.85
N ASP A 172 -22.58 11.12 -29.10
CA ASP A 172 -22.75 11.81 -27.81
C ASP A 172 -21.60 11.46 -26.88
N VAL A 173 -21.30 10.16 -26.78
CA VAL A 173 -20.17 9.67 -26.01
C VAL A 173 -18.84 10.22 -26.51
N LEU A 174 -18.72 10.40 -27.82
CA LEU A 174 -17.51 11.02 -28.37
C LEU A 174 -17.41 12.50 -28.06
N ARG A 175 -18.56 13.18 -27.93
CA ARG A 175 -18.60 14.63 -27.69
C ARG A 175 -18.71 15.08 -26.24
N VAL A 176 -18.73 14.16 -25.29
CA VAL A 176 -18.80 14.55 -23.87
C VAL A 176 -17.45 15.10 -23.45
N ARG A 177 -17.34 15.51 -22.19
CA ARG A 177 -16.19 16.25 -21.74
C ARG A 177 -15.91 15.97 -20.28
N VAL A 178 -15.08 14.97 -20.01
CA VAL A 178 -14.63 14.71 -18.65
C VAL A 178 -13.13 15.02 -18.60
N PRO A 179 -12.77 16.20 -18.08
CA PRO A 179 -11.40 16.65 -18.19
C PRO A 179 -10.40 15.81 -17.40
N THR A 180 -9.24 15.55 -18.01
CA THR A 180 -8.24 14.64 -17.47
C THR A 180 -7.32 15.32 -16.47
N THR A 181 -7.14 14.72 -15.31
CA THR A 181 -6.08 15.12 -14.38
C THR A 181 -5.44 13.85 -13.85
N GLY A 182 -4.61 13.25 -14.70
CA GLY A 182 -3.96 12.00 -14.37
C GLY A 182 -3.47 11.32 -15.63
N ILE A 183 -2.30 10.68 -15.54
CA ILE A 183 -1.71 9.98 -16.67
C ILE A 183 -2.23 8.55 -16.62
N ILE A 184 -3.25 8.28 -17.44
CA ILE A 184 -3.88 6.95 -17.51
C ILE A 184 -3.36 6.34 -18.80
N GLU A 185 -2.73 5.18 -18.74
CA GLU A 185 -2.21 4.58 -19.98
C GLU A 185 -3.13 3.53 -20.56
N TYR A 186 -3.27 3.55 -21.88
CA TYR A 186 -4.22 2.70 -22.60
C TYR A 186 -3.50 1.85 -23.63
N PRO A 187 -3.34 0.53 -23.38
CA PRO A 187 -2.73 -0.32 -24.38
C PRO A 187 -3.75 -0.75 -25.39
N PHE A 188 -3.25 -1.07 -26.59
CA PHE A 188 -4.07 -1.57 -27.69
C PHE A 188 -3.31 -2.59 -28.50
N ASP A 189 -3.74 -3.85 -28.41
CA ASP A 189 -3.16 -4.92 -29.24
C ASP A 189 -3.62 -4.73 -30.68
N LEU A 190 -2.67 -4.84 -31.60
CA LEU A 190 -2.91 -4.45 -32.99
C LEU A 190 -1.85 -5.09 -33.91
N GLN A 191 -2.27 -6.09 -34.69
CA GLN A 191 -1.38 -6.83 -35.61
C GLN A 191 -0.14 -7.33 -34.87
N SER A 192 -0.37 -8.13 -33.83
CA SER A 192 0.70 -8.71 -33.02
C SER A 192 1.64 -7.69 -32.39
N VAL A 193 1.33 -6.41 -32.53
CA VAL A 193 2.12 -5.32 -31.92
C VAL A 193 1.24 -4.52 -30.97
N ILE A 194 1.76 -4.25 -29.79
CA ILE A 194 1.04 -3.48 -28.80
C ILE A 194 1.49 -2.03 -28.95
N PHE A 195 0.55 -1.09 -28.99
CA PHE A 195 0.86 0.34 -28.90
C PHE A 195 0.34 0.80 -27.57
N ARG A 196 1.22 1.25 -26.69
CA ARG A 196 0.79 1.69 -25.38
C ARG A 196 0.55 3.22 -25.43
N MET A 197 -0.71 3.62 -25.47
CA MET A 197 -1.08 4.99 -25.78
C MET A 197 -1.35 5.81 -24.52
N VAL A 198 -0.43 6.73 -24.21
CA VAL A 198 -0.50 7.54 -22.99
C VAL A 198 -1.34 8.79 -23.18
N ASP A 199 -2.19 9.07 -22.20
CA ASP A 199 -3.12 10.18 -22.23
C ASP A 199 -2.77 11.12 -21.09
N VAL A 200 -2.16 12.27 -21.39
CA VAL A 200 -1.72 13.19 -20.32
C VAL A 200 -2.70 14.35 -20.10
N GLY A 201 -2.50 15.06 -19.00
CA GLY A 201 -3.25 16.27 -18.69
C GLY A 201 -2.95 17.35 -19.71
N GLY A 202 -3.55 18.52 -19.56
CA GLY A 202 -3.47 19.57 -20.58
C GLY A 202 -3.20 20.97 -20.08
N GLN A 203 -3.79 21.32 -18.95
CA GLN A 203 -3.64 22.67 -18.40
C GLN A 203 -2.26 22.80 -17.77
N ARG A 204 -1.74 24.02 -17.73
CA ARG A 204 -0.44 24.28 -17.10
C ARG A 204 -0.29 23.47 -15.79
N SER A 205 -1.39 23.40 -15.07
CA SER A 205 -1.52 22.66 -13.83
C SER A 205 -0.83 21.28 -13.81
N GLU A 206 -1.03 20.52 -14.88
CA GLU A 206 -0.65 19.10 -14.92
C GLU A 206 0.72 18.80 -15.51
N ARG A 207 1.29 19.73 -16.26
CA ARG A 207 2.39 19.42 -17.16
C ARG A 207 3.68 18.95 -16.46
N ARG A 208 3.80 19.22 -15.15
CA ARG A 208 4.91 18.69 -14.36
C ARG A 208 4.95 17.17 -14.54
N LYS A 209 3.83 16.55 -14.19
CA LYS A 209 3.70 15.10 -14.24
C LYS A 209 4.16 14.47 -15.57
N TRP A 210 3.97 15.17 -16.68
CA TRP A 210 4.29 14.63 -18.01
C TRP A 210 5.63 13.93 -18.03
N ILE A 211 6.65 14.53 -17.38
CA ILE A 211 8.04 14.01 -17.43
C ILE A 211 8.20 12.58 -16.89
N HIS A 212 7.28 12.15 -16.03
CA HIS A 212 7.28 10.77 -15.53
C HIS A 212 6.79 9.71 -16.55
N CYS A 213 6.21 10.15 -17.66
CA CYS A 213 5.90 9.22 -18.75
C CYS A 213 6.62 9.63 -20.03
N PHE A 214 7.88 10.04 -19.87
CA PHE A 214 8.75 10.43 -21.00
C PHE A 214 9.78 9.32 -21.22
N GLU A 215 9.44 8.11 -20.76
CA GLU A 215 10.48 7.12 -20.47
C GLU A 215 11.03 6.46 -21.74
N ASN A 216 10.30 5.50 -22.28
CA ASN A 216 10.72 4.84 -23.51
C ASN A 216 9.76 5.24 -24.63
N VAL A 217 9.78 6.54 -24.96
CA VAL A 217 8.82 7.12 -25.91
C VAL A 217 9.28 6.90 -27.34
N THR A 218 8.42 6.31 -28.16
CA THR A 218 8.75 6.02 -29.55
C THR A 218 8.33 7.17 -30.45
N SER A 219 7.16 7.77 -30.18
CA SER A 219 6.66 8.87 -31.03
C SER A 219 5.72 9.80 -30.25
N ILE A 220 5.82 11.10 -30.54
CA ILE A 220 5.06 12.13 -29.84
C ILE A 220 3.89 12.63 -30.68
N MET A 221 2.71 12.09 -30.46
CA MET A 221 1.54 12.58 -31.15
C MET A 221 1.15 13.89 -30.48
N PHE A 222 1.30 15.02 -31.18
CA PHE A 222 0.98 16.32 -30.60
C PHE A 222 -0.26 16.94 -31.25
N LEU A 223 -1.27 17.21 -30.43
CA LEU A 223 -2.54 17.77 -30.91
C LEU A 223 -2.63 19.31 -30.79
N VAL A 224 -3.11 19.95 -31.86
CA VAL A 224 -3.43 21.38 -31.83
C VAL A 224 -4.84 21.51 -32.33
N ALA A 225 -5.62 22.36 -31.67
CA ALA A 225 -7.04 22.58 -32.02
C ALA A 225 -7.11 23.75 -32.98
N LEU A 226 -7.29 23.45 -34.26
CA LEU A 226 -7.26 24.51 -35.26
C LEU A 226 -8.12 25.71 -34.87
N SER A 227 -9.24 25.46 -34.19
CA SER A 227 -10.15 26.53 -33.80
C SER A 227 -9.72 27.33 -32.56
N GLU A 228 -8.51 27.08 -32.05
CA GLU A 228 -7.98 27.81 -30.87
C GLU A 228 -7.54 29.23 -31.23
N TYR A 229 -7.24 29.46 -32.50
CA TYR A 229 -6.63 30.71 -32.95
C TYR A 229 -7.22 32.01 -32.40
N ASP A 230 -8.52 32.02 -32.08
CA ASP A 230 -9.14 33.25 -31.60
C ASP A 230 -9.38 33.34 -30.09
N GLN A 231 -9.12 32.26 -29.32
CA GLN A 231 -9.46 32.23 -27.87
C GLN A 231 -8.26 32.55 -26.95
N VAL A 232 -8.52 32.67 -25.65
CA VAL A 232 -7.46 32.84 -24.62
C VAL A 232 -7.48 31.69 -23.60
N LEU A 233 -6.33 31.43 -22.99
CA LEU A 233 -6.16 30.24 -22.13
C LEU A 233 -7.03 30.27 -20.87
N VAL A 234 -7.59 29.09 -20.55
CA VAL A 234 -8.52 28.94 -19.43
C VAL A 234 -7.82 29.29 -18.12
N GLU A 235 -6.60 28.80 -17.98
CA GLU A 235 -5.81 29.05 -16.79
C GLU A 235 -5.30 30.51 -16.67
N SER A 236 -4.90 31.13 -17.78
CA SER A 236 -4.33 32.49 -17.76
C SER A 236 -4.78 33.31 -18.98
N ASP A 237 -5.66 34.29 -18.74
CA ASP A 237 -6.52 34.84 -19.82
C ASP A 237 -5.98 36.11 -20.52
N ASN A 238 -4.66 36.23 -20.58
CA ASN A 238 -4.01 37.30 -21.34
C ASN A 238 -3.40 36.77 -22.66
N GLU A 239 -3.38 35.46 -22.82
CA GLU A 239 -2.47 34.76 -23.73
C GLU A 239 -3.22 33.86 -24.73
N ASN A 240 -2.93 34.08 -26.03
CA ASN A 240 -3.66 33.41 -27.12
C ASN A 240 -3.44 31.92 -27.11
N ARG A 241 -4.53 31.18 -27.33
CA ARG A 241 -4.50 29.74 -27.17
C ARG A 241 -3.62 29.00 -28.19
N MET A 242 -3.37 29.62 -29.33
CA MET A 242 -2.47 29.04 -30.27
C MET A 242 -1.06 29.46 -29.92
N GLU A 243 -0.87 30.74 -29.58
CA GLU A 243 0.43 31.23 -29.10
C GLU A 243 1.06 30.23 -28.14
N GLU A 244 0.22 29.58 -27.33
CA GLU A 244 0.71 28.67 -26.31
C GLU A 244 0.86 27.25 -26.80
N SER A 245 -0.09 26.75 -27.59
CA SER A 245 0.06 25.45 -28.24
C SER A 245 1.35 25.43 -29.04
N LYS A 246 1.65 26.57 -29.66
CA LYS A 246 2.87 26.77 -30.45
C LYS A 246 4.12 26.72 -29.55
N ALA A 247 4.10 27.47 -28.46
CA ALA A 247 5.21 27.50 -27.52
C ALA A 247 5.54 26.13 -26.93
N LEU A 248 4.50 25.47 -26.41
CA LEU A 248 4.59 24.11 -25.91
C LEU A 248 5.25 23.17 -26.92
N PHE A 249 4.83 23.26 -28.18
CA PHE A 249 5.32 22.37 -29.21
C PHE A 249 6.82 22.51 -29.31
N ARG A 250 7.30 23.69 -29.67
CA ARG A 250 8.72 23.92 -29.80
C ARG A 250 9.46 23.48 -28.52
N THR A 251 8.85 23.70 -27.36
CA THR A 251 9.45 23.33 -26.08
C THR A 251 9.68 21.82 -25.92
N ILE A 252 8.72 21.02 -26.41
CA ILE A 252 8.81 19.55 -26.35
C ILE A 252 9.77 19.02 -27.39
N ILE A 253 9.55 19.38 -28.65
CA ILE A 253 10.44 19.05 -29.79
C ILE A 253 11.93 19.29 -29.47
N THR A 254 12.23 20.39 -28.77
CA THR A 254 13.58 20.72 -28.35
C THR A 254 14.13 19.69 -27.39
N TYR A 255 13.31 19.27 -26.43
CA TYR A 255 13.78 18.45 -25.30
C TYR A 255 14.58 17.25 -25.79
N PRO A 256 15.78 17.03 -25.21
CA PRO A 256 16.74 16.14 -25.85
C PRO A 256 16.51 14.63 -25.67
N TRP A 257 15.44 14.19 -24.99
CA TRP A 257 15.11 12.76 -24.96
C TRP A 257 14.20 12.38 -26.11
N PHE A 258 13.71 13.39 -26.83
CA PHE A 258 12.80 13.18 -27.96
C PHE A 258 13.48 13.28 -29.33
N GLN A 259 14.81 13.31 -29.34
CA GLN A 259 15.56 13.36 -30.59
C GLN A 259 15.63 12.00 -31.24
N ASN A 260 15.39 10.93 -30.48
CA ASN A 260 15.36 9.59 -31.03
C ASN A 260 13.93 9.07 -31.04
N SER A 261 13.00 9.99 -31.31
CA SER A 261 11.56 9.71 -31.34
C SER A 261 10.86 10.63 -32.34
N SER A 262 10.08 10.05 -33.24
CA SER A 262 9.39 10.80 -34.29
C SER A 262 8.32 11.70 -33.68
N VAL A 263 7.90 12.71 -34.44
CA VAL A 263 6.85 13.62 -33.99
C VAL A 263 5.78 13.72 -35.08
N ILE A 264 4.52 13.58 -34.67
CA ILE A 264 3.38 13.59 -35.58
C ILE A 264 2.39 14.64 -35.10
N LEU A 265 2.16 15.63 -35.94
CA LEU A 265 1.33 16.78 -35.59
C LEU A 265 -0.10 16.59 -36.11
N PHE A 266 -1.07 16.45 -35.20
CA PHE A 266 -2.48 16.35 -35.58
C PHE A 266 -3.22 17.66 -35.37
N LEU A 267 -3.33 18.48 -36.42
CA LEU A 267 -4.11 19.70 -36.32
C LEU A 267 -5.59 19.30 -36.22
N ASN A 268 -6.17 19.38 -35.03
CA ASN A 268 -7.50 18.80 -34.82
C ASN A 268 -8.61 19.80 -35.07
N LYS A 269 -9.83 19.43 -34.71
CA LYS A 269 -10.97 20.31 -34.75
C LYS A 269 -11.02 21.14 -36.01
N LYS A 270 -10.82 20.49 -37.15
CA LYS A 270 -10.89 21.16 -38.43
C LYS A 270 -12.32 21.59 -38.71
N ASP A 271 -13.26 20.72 -38.41
CA ASP A 271 -14.66 21.04 -38.65
C ASP A 271 -15.05 22.35 -37.98
N LEU A 272 -14.55 22.59 -36.79
CA LEU A 272 -14.87 23.83 -36.07
C LEU A 272 -14.25 25.03 -36.78
N LEU A 273 -12.98 24.93 -37.18
CA LEU A 273 -12.31 26.01 -37.92
C LEU A 273 -13.08 26.33 -39.18
N GLU A 274 -13.54 25.30 -39.87
CA GLU A 274 -14.21 25.47 -41.16
C GLU A 274 -15.48 26.34 -41.01
N GLU A 275 -16.20 26.15 -39.91
CA GLU A 275 -17.37 26.97 -39.62
C GLU A 275 -16.96 28.29 -38.96
N LYS A 276 -15.97 28.27 -38.08
CA LYS A 276 -15.54 29.46 -37.35
C LYS A 276 -14.95 30.52 -38.27
N ILE A 277 -14.22 30.09 -39.29
CA ILE A 277 -13.41 31.02 -40.12
C ILE A 277 -14.28 31.93 -40.99
N MET A 278 -15.58 31.69 -40.99
CA MET A 278 -16.51 32.52 -41.75
C MET A 278 -16.82 33.84 -41.01
N TYR A 279 -16.97 33.80 -39.69
CA TYR A 279 -17.08 35.04 -38.90
C TYR A 279 -15.70 35.49 -38.38
N SER A 280 -15.16 34.82 -37.36
CA SER A 280 -13.92 35.29 -36.74
C SER A 280 -12.72 35.08 -37.66
N HIS A 281 -12.07 36.18 -38.05
CA HIS A 281 -10.99 36.16 -39.05
C HIS A 281 -9.63 35.85 -38.43
N LEU A 282 -8.81 35.07 -39.13
CA LEU A 282 -7.47 34.77 -38.64
C LEU A 282 -6.63 36.04 -38.51
N VAL A 283 -6.47 36.81 -39.59
CA VAL A 283 -5.46 37.89 -39.65
C VAL A 283 -5.48 38.85 -38.45
N ASP A 284 -6.63 38.98 -37.79
CA ASP A 284 -6.75 39.79 -36.57
C ASP A 284 -6.00 39.21 -35.36
N TYR A 285 -5.70 37.92 -35.38
CA TYR A 285 -5.00 37.24 -34.29
C TYR A 285 -3.60 36.86 -34.68
N PHE A 286 -3.40 36.58 -35.96
CA PHE A 286 -2.10 36.32 -36.51
C PHE A 286 -1.95 37.16 -37.76
N PRO A 287 -1.33 38.34 -37.63
CA PRO A 287 -1.21 39.25 -38.78
C PRO A 287 -0.17 38.86 -39.83
N GLU A 288 0.66 37.87 -39.53
CA GLU A 288 1.69 37.41 -40.46
C GLU A 288 1.01 36.70 -41.64
N TYR A 289 -0.16 36.13 -41.39
CA TYR A 289 -0.93 35.41 -42.41
C TYR A 289 -1.45 36.38 -43.47
N ASP A 290 -0.90 36.27 -44.67
CA ASP A 290 -1.18 37.20 -45.79
C ASP A 290 -2.23 36.66 -46.78
N GLY A 291 -2.94 35.61 -46.40
CA GLY A 291 -3.94 34.97 -47.26
C GLY A 291 -5.32 35.58 -47.11
N PRO A 292 -6.31 35.00 -47.81
CA PRO A 292 -7.68 35.54 -47.84
C PRO A 292 -8.54 35.20 -46.63
N GLN A 293 -9.69 35.87 -46.54
CA GLN A 293 -10.63 35.70 -45.44
C GLN A 293 -11.71 34.67 -45.77
N ARG A 294 -12.26 34.04 -44.74
CA ARG A 294 -13.33 33.05 -44.91
C ARG A 294 -12.94 31.84 -45.76
N ASP A 295 -11.62 31.64 -45.95
CA ASP A 295 -11.06 30.52 -46.70
C ASP A 295 -10.61 29.45 -45.71
N ALA A 296 -11.49 28.47 -45.52
CA ALA A 296 -11.28 27.40 -44.56
C ALA A 296 -9.88 26.82 -44.68
N GLN A 297 -9.49 26.52 -45.90
CA GLN A 297 -8.23 25.85 -46.16
C GLN A 297 -7.03 26.77 -45.99
N ALA A 298 -7.00 27.86 -46.75
CA ALA A 298 -5.84 28.76 -46.73
C ALA A 298 -5.36 28.99 -45.30
N ALA A 299 -6.29 29.10 -44.37
CA ALA A 299 -5.97 29.26 -42.96
C ALA A 299 -5.15 28.09 -42.47
N ARG A 300 -5.76 26.91 -42.38
CA ARG A 300 -5.09 25.73 -41.80
C ARG A 300 -3.73 25.47 -42.45
N GLU A 301 -3.68 25.58 -43.77
CA GLU A 301 -2.40 25.54 -44.48
C GLU A 301 -1.35 26.44 -43.76
N PHE A 302 -1.73 27.67 -43.43
CA PHE A 302 -0.82 28.61 -42.77
C PHE A 302 -0.53 28.19 -41.33
N ILE A 303 -1.56 27.75 -40.62
CA ILE A 303 -1.38 27.33 -39.23
C ILE A 303 -0.39 26.18 -39.16
N LEU A 304 -0.57 25.20 -40.06
CA LEU A 304 0.37 24.10 -40.20
C LEU A 304 1.77 24.62 -40.41
N LYS A 305 1.91 25.56 -41.33
CA LYS A 305 3.20 26.18 -41.64
C LYS A 305 3.91 26.74 -40.40
N MET A 306 3.14 27.39 -39.53
CA MET A 306 3.71 27.98 -38.31
C MET A 306 4.45 26.89 -37.58
N PHE A 307 3.74 25.81 -37.30
CA PHE A 307 4.24 24.74 -36.45
C PHE A 307 5.42 23.99 -37.08
N VAL A 308 5.26 23.55 -38.33
CA VAL A 308 6.31 22.81 -39.01
C VAL A 308 7.63 23.59 -39.13
N ASP A 309 7.55 24.92 -39.11
CA ASP A 309 8.75 25.76 -39.17
C ASP A 309 9.52 25.77 -37.86
N LEU A 310 8.85 25.45 -36.76
CA LEU A 310 9.50 25.39 -35.45
C LEU A 310 10.28 24.08 -35.32
N ASN A 311 10.19 23.22 -36.33
CA ASN A 311 11.06 22.05 -36.40
C ASN A 311 12.52 22.53 -36.46
N PRO A 312 13.33 22.12 -35.47
CA PRO A 312 14.74 22.51 -35.44
C PRO A 312 15.62 21.62 -36.31
N ASP A 313 15.62 20.32 -36.01
CA ASP A 313 16.46 19.35 -36.74
C ASP A 313 16.04 19.33 -38.21
N SER A 314 16.97 19.60 -39.11
CA SER A 314 16.66 19.62 -40.55
C SER A 314 16.84 18.26 -41.22
N ASP A 315 17.27 17.24 -40.47
CA ASP A 315 17.42 15.88 -41.00
C ASP A 315 16.26 14.99 -40.60
N LYS A 316 15.16 15.57 -40.13
CA LYS A 316 14.03 14.79 -39.62
C LYS A 316 12.72 15.41 -40.08
N ILE A 317 11.90 14.60 -40.75
CA ILE A 317 10.58 15.03 -41.20
C ILE A 317 9.67 15.08 -39.99
N ILE A 318 8.61 15.88 -40.09
CA ILE A 318 7.74 16.14 -38.95
C ILE A 318 6.28 16.03 -39.42
N TYR A 319 5.82 14.78 -39.45
CA TYR A 319 4.59 14.34 -40.13
C TYR A 319 3.35 15.06 -39.62
N SER A 320 2.45 15.44 -40.52
CA SER A 320 1.25 16.18 -40.16
C SER A 320 -0.03 15.61 -40.75
N HIS A 321 -1.15 15.89 -40.09
CA HIS A 321 -2.49 15.44 -40.50
C HIS A 321 -3.60 16.33 -39.94
N PHE A 322 -4.53 16.74 -40.79
CA PHE A 322 -5.67 17.48 -40.32
C PHE A 322 -6.73 16.48 -39.88
N THR A 323 -7.21 16.61 -38.64
CA THR A 323 -8.17 15.65 -38.09
C THR A 323 -9.43 16.29 -37.53
N CYS A 324 -10.52 15.53 -37.56
CA CYS A 324 -11.68 15.81 -36.72
C CYS A 324 -11.90 14.59 -35.83
N ALA A 325 -11.59 14.74 -34.54
CA ALA A 325 -11.54 13.60 -33.63
C ALA A 325 -12.89 12.97 -33.31
N THR A 326 -13.98 13.65 -33.64
CA THR A 326 -15.30 13.09 -33.41
C THR A 326 -15.88 12.49 -34.70
N ASP A 327 -15.02 12.20 -35.66
CA ASP A 327 -15.42 11.61 -36.95
C ASP A 327 -14.72 10.25 -37.08
N THR A 328 -15.34 9.21 -36.52
CA THR A 328 -14.68 7.91 -36.42
C THR A 328 -14.05 7.53 -37.76
N GLU A 329 -14.80 7.65 -38.85
CA GLU A 329 -14.30 7.22 -40.16
C GLU A 329 -13.17 8.08 -40.74
N ASN A 330 -13.04 9.32 -40.30
CA ASN A 330 -11.85 10.12 -40.64
C ASN A 330 -10.66 9.66 -39.82
N ILE A 331 -10.87 9.51 -38.52
CA ILE A 331 -9.82 9.01 -37.64
C ILE A 331 -9.38 7.60 -38.00
N ARG A 332 -10.30 6.75 -38.42
CA ARG A 332 -9.91 5.41 -38.86
C ARG A 332 -8.88 5.55 -39.96
N PHE A 333 -9.11 6.44 -40.92
CA PHE A 333 -8.18 6.60 -42.04
C PHE A 333 -6.83 7.19 -41.63
N VAL A 334 -6.86 8.13 -40.69
CA VAL A 334 -5.67 8.83 -40.28
C VAL A 334 -4.72 7.86 -39.56
N PHE A 335 -5.18 7.26 -38.46
CA PHE A 335 -4.34 6.33 -37.69
C PHE A 335 -3.88 5.15 -38.54
N ALA A 336 -4.74 4.73 -39.48
CA ALA A 336 -4.36 3.69 -40.43
C ALA A 336 -3.05 4.08 -41.12
N ALA A 337 -3.03 5.27 -41.72
CA ALA A 337 -1.85 5.77 -42.43
C ALA A 337 -0.70 6.10 -41.48
N VAL A 338 -1.02 6.62 -40.30
CA VAL A 338 0.02 6.95 -39.31
C VAL A 338 0.81 5.71 -38.93
N LYS A 339 0.14 4.58 -38.72
CA LYS A 339 0.84 3.34 -38.29
C LYS A 339 1.86 2.90 -39.33
N ASP A 340 1.40 2.75 -40.57
CA ASP A 340 2.26 2.30 -41.69
C ASP A 340 3.51 3.18 -41.86
N THR A 341 3.54 4.35 -41.19
CA THR A 341 4.72 5.21 -41.11
C THR A 341 5.47 4.92 -39.86
N ILE A 342 4.75 4.81 -38.75
CA ILE A 342 5.40 4.56 -37.45
C ILE A 342 6.10 3.19 -37.50
N LEU A 343 5.39 2.18 -37.96
CA LEU A 343 5.99 0.86 -38.17
C LEU A 343 7.22 0.95 -39.06
N GLN A 344 7.06 1.63 -40.19
CA GLN A 344 8.13 1.81 -41.21
C GLN A 344 9.42 2.35 -40.59
N LEU A 345 9.29 3.30 -39.68
CA LEU A 345 10.43 3.89 -38.99
C LEU A 345 11.03 2.85 -38.06
N ASN A 346 10.27 2.48 -37.03
CA ASN A 346 10.78 1.64 -35.96
C ASN A 346 11.27 0.26 -36.41
N LEU A 347 10.91 -0.16 -37.62
CA LEU A 347 11.50 -1.36 -38.23
C LEU A 347 12.93 -1.08 -38.63
N LYS A 348 13.14 0.01 -39.36
CA LYS A 348 14.48 0.40 -39.80
C LYS A 348 15.40 0.69 -38.64
N GLU A 349 14.85 1.25 -37.57
CA GLU A 349 15.63 1.64 -36.40
C GLU A 349 15.80 0.49 -35.40
N TYR A 350 15.44 -0.71 -35.82
CA TYR A 350 15.68 -1.93 -35.06
C TYR A 350 15.09 -1.83 -33.64
N ASN A 351 13.83 -1.38 -33.55
CA ASN A 351 13.03 -1.46 -32.32
C ASN A 351 12.01 -2.60 -32.40
N LEU A 352 11.98 -3.30 -33.53
CA LEU A 352 11.11 -4.47 -33.74
C LEU A 352 11.85 -5.51 -34.59
N SER B 1 59.99 33.89 -46.74
CA SER B 1 59.86 32.45 -47.08
C SER B 1 58.79 31.79 -46.20
N GLU B 2 57.66 32.49 -46.06
CA GLU B 2 56.69 32.18 -45.02
C GLU B 2 55.29 31.90 -45.55
N GLU B 3 54.73 32.84 -46.32
CA GLU B 3 53.34 32.70 -46.80
C GLU B 3 53.17 31.69 -47.93
N GLU B 4 54.27 31.32 -48.59
CA GLU B 4 54.21 30.27 -49.63
C GLU B 4 53.98 28.87 -49.04
N GLN B 5 54.19 28.72 -47.73
CA GLN B 5 53.82 27.49 -47.01
C GLN B 5 52.41 27.57 -46.40
N LYS B 6 51.90 28.79 -46.18
CA LYS B 6 50.52 29.00 -45.72
C LYS B 6 49.47 28.61 -46.76
N LYS B 7 49.83 28.74 -48.04
CA LYS B 7 48.96 28.34 -49.15
C LYS B 7 49.08 26.85 -49.47
N LYS B 8 50.21 26.26 -49.06
CA LYS B 8 50.39 24.81 -49.13
C LYS B 8 49.49 24.08 -48.11
N ALA B 9 49.01 24.80 -47.10
CA ALA B 9 48.07 24.27 -46.11
C ALA B 9 46.72 23.93 -46.75
N LEU B 10 46.22 24.82 -47.60
CA LEU B 10 44.93 24.61 -48.28
C LEU B 10 44.92 23.34 -49.13
N GLU B 11 45.65 23.35 -50.24
CA GLU B 11 45.69 22.21 -51.18
C GLU B 11 45.80 20.86 -50.46
N ARG B 12 46.77 20.74 -49.57
CA ARG B 12 47.00 19.49 -48.82
C ARG B 12 45.78 19.10 -48.00
N SER B 13 45.05 20.09 -47.48
CA SER B 13 43.83 19.83 -46.71
C SER B 13 42.63 19.47 -47.62
N MET B 14 42.58 20.07 -48.81
CA MET B 14 41.52 19.75 -49.78
C MET B 14 41.59 18.30 -50.25
N TYR B 15 42.80 17.74 -50.31
CA TYR B 15 42.97 16.32 -50.62
C TYR B 15 42.37 15.42 -49.52
N VAL B 16 42.48 15.85 -48.27
CA VAL B 16 41.91 15.11 -47.13
C VAL B 16 40.38 15.25 -47.07
N LEU B 17 39.87 16.47 -47.26
CA LEU B 17 38.43 16.72 -47.35
C LEU B 17 37.80 15.97 -48.52
N SER B 18 38.47 15.97 -49.66
CA SER B 18 37.98 15.27 -50.85
C SER B 18 38.07 13.75 -50.72
N GLU B 19 38.88 13.24 -49.80
CA GLU B 19 38.91 11.81 -49.54
C GLU B 19 37.65 11.42 -48.79
N LEU B 20 37.38 12.14 -47.70
CA LEU B 20 36.14 11.98 -46.92
C LEU B 20 34.91 12.00 -47.82
N VAL B 21 34.80 13.06 -48.62
CA VAL B 21 33.67 13.23 -49.53
C VAL B 21 33.55 12.09 -50.54
N GLU B 22 34.67 11.66 -51.11
CA GLU B 22 34.66 10.57 -52.11
C GLU B 22 34.62 9.17 -51.48
N THR B 23 34.98 9.05 -50.20
CA THR B 23 34.82 7.80 -49.47
C THR B 23 33.41 7.69 -48.90
N GLU B 24 32.83 8.81 -48.49
CA GLU B 24 31.44 8.86 -48.06
C GLU B 24 30.51 8.36 -49.17
N LYS B 25 30.91 8.52 -50.43
CA LYS B 25 30.12 8.00 -51.53
C LYS B 25 30.27 6.48 -51.64
N MET B 26 31.50 5.98 -51.74
CA MET B 26 31.72 4.55 -51.88
C MET B 26 31.13 3.78 -50.69
N TYR B 27 31.07 4.44 -49.54
CA TYR B 27 30.43 3.87 -48.34
C TYR B 27 28.91 3.81 -48.49
N VAL B 28 28.32 4.89 -49.01
CA VAL B 28 26.87 4.94 -49.23
C VAL B 28 26.41 3.79 -50.12
N ASP B 29 27.10 3.63 -51.26
CA ASP B 29 26.77 2.59 -52.24
C ASP B 29 27.15 1.19 -51.73
N ASP B 30 28.11 1.12 -50.80
CA ASP B 30 28.45 -0.16 -50.14
C ASP B 30 27.40 -0.55 -49.09
N LEU B 31 26.79 0.44 -48.44
CA LEU B 31 25.59 0.21 -47.62
C LEU B 31 24.39 -0.11 -48.53
N GLY B 32 24.34 0.54 -49.69
CA GLY B 32 23.33 0.28 -50.71
C GLY B 32 23.39 -1.14 -51.30
N GLN B 33 24.54 -1.79 -51.16
CA GLN B 33 24.66 -3.21 -51.47
C GLN B 33 23.95 -4.01 -50.37
N ILE B 34 24.12 -3.60 -49.11
CA ILE B 34 23.50 -4.28 -47.98
C ILE B 34 21.99 -4.12 -47.97
N VAL B 35 21.54 -2.88 -48.07
CA VAL B 35 20.13 -2.53 -47.87
C VAL B 35 19.24 -2.95 -49.04
N GLU B 36 19.57 -2.50 -50.25
CA GLU B 36 18.71 -2.76 -51.41
C GLU B 36 19.21 -3.92 -52.28
N GLY B 37 20.20 -4.65 -51.79
CA GLY B 37 20.65 -5.88 -52.43
C GLY B 37 20.25 -7.10 -51.62
N TYR B 38 20.90 -7.28 -50.47
CA TYR B 38 20.69 -8.48 -49.66
C TYR B 38 19.34 -8.48 -48.95
N MET B 39 18.89 -7.32 -48.49
CA MET B 39 17.61 -7.20 -47.80
C MET B 39 16.41 -7.10 -48.74
N ALA B 40 16.61 -6.46 -49.89
CA ALA B 40 15.55 -6.33 -50.89
C ALA B 40 15.27 -7.68 -51.55
N THR B 41 16.34 -8.39 -51.90
CA THR B 41 16.25 -9.69 -52.56
C THR B 41 15.62 -10.72 -51.65
N MET B 42 15.97 -10.65 -50.38
CA MET B 42 15.50 -11.59 -49.37
C MET B 42 14.03 -11.34 -48.99
N ALA B 43 13.57 -10.11 -49.21
CA ALA B 43 12.17 -9.76 -48.97
C ALA B 43 11.28 -10.23 -50.12
N ALA B 44 11.80 -10.17 -51.34
CA ALA B 44 11.05 -10.56 -52.53
C ALA B 44 10.95 -12.08 -52.67
N GLN B 45 12.10 -12.75 -52.56
CA GLN B 45 12.18 -14.20 -52.73
C GLN B 45 11.50 -14.93 -51.58
N GLY B 46 11.96 -14.66 -50.36
CA GLY B 46 11.36 -15.24 -49.16
C GLY B 46 12.37 -15.44 -48.04
N VAL B 47 11.85 -15.58 -46.82
CA VAL B 47 12.69 -15.72 -45.64
C VAL B 47 12.88 -17.20 -45.32
N PRO B 48 14.16 -17.64 -45.13
CA PRO B 48 14.43 -19.05 -44.76
C PRO B 48 13.85 -19.47 -43.40
N GLU B 49 13.45 -20.74 -43.31
CA GLU B 49 12.78 -21.27 -42.12
C GLU B 49 13.71 -21.38 -40.91
N SER B 50 15.00 -21.58 -41.17
CA SER B 50 16.01 -21.55 -40.12
C SER B 50 16.29 -20.13 -39.62
N LEU B 51 16.14 -19.15 -40.50
CA LEU B 51 16.49 -17.75 -40.21
C LEU B 51 15.26 -16.84 -40.04
N ARG B 52 14.06 -17.42 -39.94
CA ARG B 52 12.80 -16.65 -39.95
C ARG B 52 12.64 -15.79 -38.68
N GLY B 53 12.93 -16.39 -37.53
CA GLY B 53 12.87 -15.67 -36.25
C GLY B 53 14.00 -14.67 -36.03
N ARG B 54 15.03 -14.72 -36.88
CA ARG B 54 16.23 -13.90 -36.74
C ARG B 54 16.60 -13.10 -38.00
N ASP B 55 15.64 -12.85 -38.88
CA ASP B 55 15.83 -12.05 -40.10
C ASP B 55 16.55 -10.73 -39.76
N ARG B 56 15.98 -10.01 -38.80
CA ARG B 56 16.42 -8.66 -38.49
C ARG B 56 17.75 -8.65 -37.77
N ILE B 57 17.98 -9.62 -36.89
CA ILE B 57 19.17 -9.61 -36.02
C ILE B 57 20.49 -9.55 -36.82
N VAL B 58 20.45 -10.01 -38.06
CA VAL B 58 21.62 -9.94 -38.93
C VAL B 58 21.93 -8.51 -39.33
N PHE B 59 20.94 -7.82 -39.86
CA PHE B 59 21.16 -6.49 -40.47
C PHE B 59 21.03 -5.33 -39.48
N GLY B 60 20.73 -5.63 -38.22
CA GLY B 60 20.60 -4.59 -37.19
C GLY B 60 19.76 -3.42 -37.63
N ASN B 61 20.20 -2.20 -37.28
CA ASN B 61 19.55 -0.96 -37.70
C ASN B 61 20.18 -0.35 -38.97
N ILE B 62 20.81 -1.19 -39.79
CA ILE B 62 21.63 -0.72 -40.89
C ILE B 62 20.83 0.08 -41.91
N GLN B 63 19.53 -0.17 -41.95
CA GLN B 63 18.64 0.49 -42.87
C GLN B 63 18.46 1.97 -42.47
N GLN B 64 18.35 2.22 -41.17
CA GLN B 64 18.29 3.58 -40.63
C GLN B 64 19.55 4.38 -40.93
N ILE B 65 20.70 3.73 -40.83
CA ILE B 65 21.98 4.39 -41.05
C ILE B 65 22.10 4.79 -42.51
N TYR B 66 21.94 3.81 -43.40
CA TYR B 66 21.99 4.04 -44.84
C TYR B 66 21.23 5.29 -45.24
N GLU B 67 19.94 5.30 -44.94
CA GLU B 67 19.05 6.33 -45.42
C GLU B 67 19.38 7.70 -44.84
N TRP B 68 20.00 7.75 -43.67
CA TRP B 68 20.50 9.01 -43.13
C TRP B 68 21.65 9.53 -44.00
N HIS B 69 22.65 8.67 -44.18
CA HIS B 69 23.86 9.03 -44.95
C HIS B 69 23.50 9.43 -46.37
N ARG B 70 22.78 8.57 -47.05
CA ARG B 70 22.39 8.80 -48.44
C ARG B 70 21.64 10.12 -48.62
N ASP B 71 20.58 10.31 -47.84
CA ASP B 71 19.62 11.39 -48.10
C ASP B 71 19.88 12.69 -47.34
N TYR B 72 20.81 12.67 -46.39
CA TYR B 72 21.21 13.94 -45.77
C TYR B 72 22.73 14.12 -45.63
N PHE B 73 23.41 13.24 -44.88
CA PHE B 73 24.81 13.51 -44.52
C PHE B 73 25.75 13.59 -45.73
N LEU B 74 25.63 12.64 -46.67
CA LEU B 74 26.45 12.70 -47.87
C LEU B 74 26.29 14.07 -48.53
N GLN B 75 25.06 14.42 -48.89
CA GLN B 75 24.76 15.68 -49.57
C GLN B 75 25.37 16.90 -48.89
N GLU B 76 25.45 16.86 -47.56
CA GLU B 76 26.04 17.97 -46.81
C GLU B 76 27.57 17.95 -46.87
N LEU B 77 28.16 16.77 -47.03
CA LEU B 77 29.60 16.68 -47.31
C LEU B 77 29.98 17.25 -48.68
N GLN B 78 29.05 17.17 -49.64
CA GLN B 78 29.25 17.77 -50.96
C GLN B 78 29.22 19.29 -50.88
N ARG B 79 28.35 19.84 -50.03
CA ARG B 79 28.37 21.27 -49.74
C ARG B 79 29.66 21.69 -49.04
N CYS B 80 30.25 20.77 -48.27
CA CYS B 80 31.51 21.03 -47.56
C CYS B 80 32.75 21.07 -48.47
N LEU B 81 32.66 20.46 -49.65
CA LEU B 81 33.77 20.51 -50.60
C LEU B 81 33.94 21.90 -51.21
N LYS B 82 32.82 22.57 -51.44
CA LYS B 82 32.84 23.94 -51.98
C LYS B 82 32.63 24.99 -50.87
N ASP B 83 32.77 24.56 -49.62
CA ASP B 83 32.69 25.43 -48.45
C ASP B 83 33.28 24.66 -47.25
N PRO B 84 34.61 24.58 -47.16
CA PRO B 84 35.28 23.76 -46.15
C PRO B 84 35.24 24.34 -44.73
N ASP B 85 34.91 25.63 -44.62
CA ASP B 85 34.72 26.28 -43.32
C ASP B 85 33.43 25.79 -42.63
N TRP B 86 32.46 25.35 -43.44
CA TRP B 86 31.14 24.90 -42.97
C TRP B 86 31.18 23.49 -42.35
N LEU B 87 32.29 22.77 -42.54
CA LEU B 87 32.42 21.35 -42.19
C LEU B 87 32.40 21.06 -40.69
N ALA B 88 33.17 21.83 -39.92
CA ALA B 88 33.31 21.59 -38.48
C ALA B 88 31.98 21.76 -37.74
N GLN B 89 31.25 22.83 -38.08
CA GLN B 89 29.93 23.11 -37.50
C GLN B 89 28.94 21.97 -37.75
N LEU B 90 29.14 21.23 -38.84
CA LEU B 90 28.23 20.15 -39.25
C LEU B 90 28.42 18.86 -38.45
N PHE B 91 29.65 18.56 -38.07
CA PHE B 91 29.94 17.38 -37.26
C PHE B 91 29.51 17.55 -35.81
N ILE B 92 29.46 18.79 -35.33
CA ILE B 92 28.89 19.09 -34.02
C ILE B 92 27.38 18.90 -34.10
N LYS B 93 26.75 19.64 -35.01
CA LYS B 93 25.31 19.59 -35.26
C LYS B 93 24.68 18.23 -34.99
N HIS B 94 25.27 17.18 -35.55
CA HIS B 94 24.64 15.86 -35.50
C HIS B 94 25.41 14.88 -34.60
N GLU B 95 25.67 15.28 -33.37
CA GLU B 95 26.23 14.35 -32.39
C GLU B 95 25.19 13.30 -32.00
N ARG B 96 23.95 13.73 -31.77
CA ARG B 96 22.83 12.86 -31.39
C ARG B 96 22.49 11.77 -32.40
N ARG B 97 22.60 12.09 -33.69
CA ARG B 97 22.19 11.16 -34.73
C ARG B 97 23.06 9.94 -34.75
N LEU B 98 24.33 10.15 -34.45
CA LEU B 98 25.32 9.10 -34.53
C LEU B 98 25.10 8.02 -33.45
N HIS B 99 24.13 8.24 -32.56
CA HIS B 99 23.60 7.19 -31.68
C HIS B 99 23.30 5.89 -32.44
N MET B 100 22.83 6.00 -33.68
CA MET B 100 22.49 4.81 -34.47
C MET B 100 23.67 3.85 -34.66
N TYR B 101 24.89 4.36 -34.51
CA TYR B 101 26.09 3.51 -34.55
C TYR B 101 26.25 2.70 -33.27
N VAL B 102 25.80 3.23 -32.15
CA VAL B 102 25.81 2.50 -30.88
C VAL B 102 24.92 1.25 -30.97
N VAL B 103 23.67 1.44 -31.42
CA VAL B 103 22.72 0.33 -31.53
C VAL B 103 23.25 -0.74 -32.47
N TYR B 104 23.94 -0.33 -33.53
CA TYR B 104 24.54 -1.28 -34.50
C TYR B 104 25.73 -2.04 -33.93
N CYS B 105 26.64 -1.31 -33.31
CA CYS B 105 27.82 -1.91 -32.70
C CYS B 105 27.44 -2.95 -31.68
N GLN B 106 26.49 -2.61 -30.82
CA GLN B 106 26.06 -3.54 -29.79
C GLN B 106 25.39 -4.78 -30.38
N ASN B 107 24.68 -4.60 -31.49
CA ASN B 107 24.01 -5.70 -32.17
C ASN B 107 24.85 -6.35 -33.28
N LYS B 108 26.17 -6.15 -33.22
CA LYS B 108 27.09 -6.77 -34.18
C LYS B 108 27.53 -8.18 -33.78
N PRO B 109 27.95 -8.38 -32.51
CA PRO B 109 28.26 -9.74 -32.07
C PRO B 109 27.14 -10.73 -32.37
N LYS B 110 25.91 -10.25 -32.40
CA LYS B 110 24.75 -11.08 -32.67
C LYS B 110 24.68 -11.52 -34.13
N SER B 111 25.11 -10.65 -35.05
CA SER B 111 25.14 -10.98 -36.47
C SER B 111 26.02 -12.19 -36.73
N GLU B 112 27.25 -12.11 -36.25
CA GLU B 112 28.20 -13.20 -36.39
C GLU B 112 27.61 -14.53 -35.90
N HIS B 113 26.94 -14.50 -34.74
CA HIS B 113 26.30 -15.71 -34.18
C HIS B 113 25.07 -16.16 -34.98
N VAL B 114 24.40 -15.21 -35.64
CA VAL B 114 23.23 -15.52 -36.49
C VAL B 114 23.64 -15.81 -37.93
N VAL B 115 24.85 -15.39 -38.32
CA VAL B 115 25.34 -15.60 -39.68
C VAL B 115 26.27 -16.79 -39.74
N SER B 116 27.36 -16.71 -38.96
CA SER B 116 28.42 -17.71 -38.99
C SER B 116 27.96 -19.10 -38.53
N GLU B 117 26.82 -19.18 -37.82
CA GLU B 117 26.25 -20.47 -37.43
C GLU B 117 25.10 -20.92 -38.33
N PHE B 118 24.10 -20.06 -38.51
CA PHE B 118 22.88 -20.48 -39.21
C PHE B 118 23.03 -20.60 -40.73
N GLY B 119 23.07 -19.47 -41.43
CA GLY B 119 23.00 -19.46 -42.89
C GLY B 119 24.25 -19.00 -43.62
N ASP B 120 25.36 -19.72 -43.47
CA ASP B 120 26.55 -19.51 -44.33
C ASP B 120 26.41 -20.31 -45.63
N SER B 121 25.69 -21.44 -45.56
CA SER B 121 25.28 -22.17 -46.75
C SER B 121 24.12 -21.47 -47.48
N TYR B 122 23.66 -20.35 -46.94
CA TYR B 122 22.61 -19.55 -47.54
C TYR B 122 23.15 -18.24 -48.11
N PHE B 123 24.13 -17.62 -47.45
CA PHE B 123 24.68 -16.36 -47.95
C PHE B 123 25.67 -16.58 -49.08
N GLU B 124 26.19 -17.79 -49.22
CA GLU B 124 26.91 -18.20 -50.43
C GLU B 124 25.98 -18.06 -51.64
N GLU B 125 24.75 -18.55 -51.47
CA GLU B 125 23.72 -18.51 -52.50
C GLU B 125 23.41 -17.08 -52.94
N LEU B 126 23.04 -16.22 -51.98
CA LEU B 126 22.70 -14.83 -52.28
C LEU B 126 23.89 -14.05 -52.82
N ARG B 127 25.08 -14.37 -52.34
CA ARG B 127 26.30 -13.73 -52.82
C ARG B 127 26.54 -14.06 -54.30
N GLN B 128 26.15 -15.27 -54.73
CA GLN B 128 26.29 -15.69 -56.14
C GLN B 128 25.07 -15.36 -57.02
N GLN B 129 23.94 -15.04 -56.40
CA GLN B 129 22.75 -14.59 -57.12
C GLN B 129 22.83 -13.09 -57.45
N LEU B 130 23.21 -12.30 -56.45
CA LEU B 130 23.52 -10.88 -56.62
C LEU B 130 24.81 -10.75 -57.43
N GLY B 131 25.86 -11.41 -56.94
CA GLY B 131 27.14 -11.52 -57.65
C GLY B 131 28.25 -10.63 -57.15
N HIS B 132 28.20 -10.18 -55.89
CA HIS B 132 29.22 -9.27 -55.35
C HIS B 132 30.57 -9.98 -55.15
N ARG B 133 31.64 -9.23 -55.34
CA ARG B 133 33.00 -9.69 -55.00
C ARG B 133 33.16 -9.89 -53.48
N LEU B 134 32.41 -9.10 -52.71
CA LEU B 134 32.55 -9.05 -51.25
C LEU B 134 31.44 -9.86 -50.55
N GLN B 135 31.85 -10.74 -49.64
CA GLN B 135 30.92 -11.61 -48.91
C GLN B 135 30.22 -10.80 -47.83
N LEU B 136 29.01 -11.25 -47.43
CA LEU B 136 28.14 -10.45 -46.58
C LEU B 136 28.86 -9.92 -45.35
N ASN B 137 29.60 -10.78 -44.66
CA ASN B 137 30.26 -10.40 -43.40
C ASN B 137 31.31 -9.30 -43.58
N ASP B 138 31.60 -8.92 -44.83
CA ASP B 138 32.52 -7.82 -45.13
C ASP B 138 31.80 -6.48 -45.17
N LEU B 139 30.62 -6.47 -45.78
CA LEU B 139 29.85 -5.23 -45.94
C LEU B 139 29.21 -4.78 -44.61
N LEU B 140 28.99 -5.72 -43.70
CA LEU B 140 28.37 -5.43 -42.41
C LEU B 140 29.38 -4.97 -41.35
N ILE B 141 30.62 -4.72 -41.75
CA ILE B 141 31.60 -4.08 -40.89
C ILE B 141 31.78 -2.63 -41.27
N LYS B 142 31.34 -2.26 -42.47
CA LYS B 142 31.57 -0.91 -43.01
C LYS B 142 31.33 0.21 -41.99
N PRO B 143 30.15 0.23 -41.32
CA PRO B 143 29.88 1.34 -40.41
C PRO B 143 30.79 1.32 -39.19
N VAL B 144 30.96 0.14 -38.59
CA VAL B 144 31.86 -0.03 -37.44
C VAL B 144 33.20 0.63 -37.71
N GLN B 145 33.72 0.37 -38.91
CA GLN B 145 34.96 0.98 -39.35
C GLN B 145 34.74 2.47 -39.59
N ARG B 146 33.73 2.79 -40.39
CA ARG B 146 33.48 4.16 -40.83
C ARG B 146 33.42 5.18 -39.67
N ILE B 147 32.79 4.79 -38.57
CA ILE B 147 32.61 5.71 -37.43
C ILE B 147 33.93 6.04 -36.70
N MET B 148 34.89 5.14 -36.78
CA MET B 148 36.21 5.35 -36.19
C MET B 148 37.20 5.90 -37.23
N LYS B 149 36.73 6.13 -38.45
CA LYS B 149 37.51 6.77 -39.51
C LYS B 149 37.11 8.24 -39.67
N TYR B 150 36.07 8.66 -38.96
CA TYR B 150 35.69 10.06 -38.93
C TYR B 150 36.65 10.81 -37.99
N GLN B 151 37.02 10.21 -36.86
CA GLN B 151 38.05 10.80 -36.00
C GLN B 151 39.36 11.03 -36.76
N LEU B 152 39.70 10.12 -37.68
CA LEU B 152 40.98 10.20 -38.41
C LEU B 152 40.98 11.29 -39.46
N LEU B 153 39.99 11.27 -40.35
CA LEU B 153 39.91 12.23 -41.44
C LEU B 153 39.86 13.67 -40.92
N LEU B 154 39.15 13.87 -39.82
CA LEU B 154 39.08 15.19 -39.23
C LEU B 154 40.41 15.54 -38.56
N LYS B 155 41.05 14.56 -37.92
CA LYS B 155 42.37 14.79 -37.31
C LYS B 155 43.42 15.21 -38.33
N ASP B 156 43.31 14.73 -39.57
CA ASP B 156 44.23 15.14 -40.64
C ASP B 156 43.89 16.50 -41.23
N PHE B 157 42.63 16.89 -41.15
CA PHE B 157 42.24 18.24 -41.54
C PHE B 157 42.82 19.24 -40.54
N LEU B 158 42.96 18.82 -39.28
CA LEU B 158 43.48 19.68 -38.19
C LEU B 158 44.98 19.97 -38.34
N LYS B 159 45.77 18.96 -38.71
CA LYS B 159 47.18 19.17 -39.04
C LYS B 159 47.32 20.23 -40.14
N TYR B 160 46.82 19.90 -41.33
CA TYR B 160 47.05 20.73 -42.53
C TYR B 160 46.29 22.07 -42.56
N TYR B 161 45.16 22.13 -41.85
CA TYR B 161 44.26 23.30 -41.89
C TYR B 161 44.40 24.20 -40.65
N ASN B 162 45.45 24.00 -39.86
CA ASN B 162 45.76 24.89 -38.73
C ASN B 162 46.23 26.26 -39.21
N ARG B 163 46.92 26.26 -40.36
CA ARG B 163 47.47 27.47 -40.97
C ARG B 163 46.43 28.32 -41.71
N ALA B 164 45.39 27.67 -42.23
CA ALA B 164 44.34 28.34 -43.01
C ALA B 164 43.21 28.92 -42.15
N GLY B 165 43.58 29.52 -41.02
CA GLY B 165 42.62 30.12 -40.10
C GLY B 165 42.81 29.65 -38.67
N MET B 166 42.43 30.50 -37.71
CA MET B 166 42.49 30.17 -36.29
C MET B 166 41.09 29.92 -35.72
N ASP B 167 40.26 29.20 -36.48
CA ASP B 167 39.04 28.63 -35.94
C ASP B 167 39.28 27.13 -35.74
N THR B 168 40.42 26.82 -35.11
CA THR B 168 40.70 25.49 -34.59
C THR B 168 39.75 25.18 -33.42
N ALA B 169 39.06 26.20 -32.92
CA ALA B 169 38.02 26.04 -31.90
C ALA B 169 36.78 25.32 -32.44
N ASP B 170 36.32 25.70 -33.63
CA ASP B 170 35.24 24.95 -34.29
C ASP B 170 35.64 23.50 -34.57
N LEU B 171 36.91 23.28 -34.91
CA LEU B 171 37.41 21.95 -35.22
C LEU B 171 37.95 21.22 -33.98
N GLU B 172 38.15 21.95 -32.88
CA GLU B 172 38.51 21.37 -31.58
C GLU B 172 37.35 20.51 -31.06
N GLN B 173 36.19 21.13 -30.90
CA GLN B 173 34.96 20.42 -30.52
C GLN B 173 34.62 19.36 -31.56
N ALA B 174 34.76 19.70 -32.84
CA ALA B 174 34.43 18.79 -33.94
C ALA B 174 35.17 17.47 -33.85
N VAL B 175 36.46 17.53 -33.52
CA VAL B 175 37.24 16.32 -33.33
C VAL B 175 36.87 15.66 -32.01
N GLU B 176 36.88 16.44 -30.91
CA GLU B 176 36.46 15.95 -29.59
C GLU B 176 35.17 15.10 -29.76
N VAL B 177 34.10 15.74 -30.22
CA VAL B 177 32.80 15.08 -30.41
C VAL B 177 32.92 13.77 -31.18
N MET B 178 33.75 13.77 -32.22
CA MET B 178 33.85 12.61 -33.11
C MET B 178 34.82 11.53 -32.61
N CYS B 179 35.35 11.72 -31.41
CA CYS B 179 36.04 10.65 -30.68
C CYS B 179 35.12 10.06 -29.63
N PHE B 180 34.33 10.92 -28.98
CA PHE B 180 33.36 10.47 -27.99
C PHE B 180 32.33 9.48 -28.53
N VAL B 181 31.98 9.59 -29.81
CA VAL B 181 30.96 8.70 -30.38
C VAL B 181 31.49 7.25 -30.46
N PRO B 182 32.71 7.07 -31.00
CA PRO B 182 33.37 5.77 -30.85
C PRO B 182 33.70 5.36 -29.40
N LYS B 183 33.76 6.31 -28.46
CA LYS B 183 33.94 5.96 -27.05
C LYS B 183 32.66 5.31 -26.51
N ARG B 184 31.53 5.95 -26.75
CA ARG B 184 30.24 5.41 -26.31
C ARG B 184 30.07 4.03 -26.89
N CYS B 185 30.26 3.91 -28.20
CA CYS B 185 30.08 2.66 -28.90
C CYS B 185 30.95 1.57 -28.31
N ASN B 186 32.18 1.93 -27.97
CA ASN B 186 33.12 1.01 -27.35
C ASN B 186 32.69 0.62 -25.93
N ASP B 187 32.30 1.62 -25.15
CA ASP B 187 31.84 1.41 -23.78
C ASP B 187 30.53 0.62 -23.73
N MET B 188 29.62 0.90 -24.65
CA MET B 188 28.31 0.25 -24.69
C MET B 188 28.34 -1.21 -25.14
N MET B 189 29.53 -1.75 -25.40
CA MET B 189 29.72 -3.19 -25.63
C MET B 189 29.82 -3.94 -24.28
N THR B 190 30.61 -3.38 -23.37
CA THR B 190 30.82 -3.95 -22.05
C THR B 190 29.54 -3.90 -21.24
N LEU B 191 28.88 -2.75 -21.31
CA LEU B 191 27.60 -2.55 -20.67
C LEU B 191 26.45 -3.32 -21.36
N GLY B 192 26.75 -4.03 -22.46
CA GLY B 192 25.78 -4.91 -23.12
C GLY B 192 25.57 -6.21 -22.34
N ARG B 193 26.56 -6.56 -21.52
CA ARG B 193 26.50 -7.69 -20.60
C ARG B 193 25.75 -7.35 -19.27
N LEU B 194 24.88 -6.33 -19.28
CA LEU B 194 24.07 -6.02 -18.10
C LEU B 194 22.81 -6.89 -18.06
N ARG B 195 22.87 -7.90 -17.20
CA ARG B 195 21.78 -8.86 -17.02
C ARG B 195 20.79 -8.39 -15.96
N GLY B 196 19.51 -8.69 -16.17
CA GLY B 196 18.52 -8.48 -15.13
C GLY B 196 18.10 -7.04 -14.98
N PHE B 197 18.03 -6.34 -16.10
CA PHE B 197 17.44 -5.00 -16.15
C PHE B 197 16.41 -4.92 -17.28
N GLU B 198 15.15 -4.65 -16.93
CA GLU B 198 14.11 -4.45 -17.94
C GLU B 198 14.21 -3.04 -18.51
N GLY B 199 14.23 -2.93 -19.83
CA GLY B 199 14.46 -1.66 -20.51
C GLY B 199 15.70 -1.68 -21.38
N LYS B 200 15.63 -1.01 -22.52
CA LYS B 200 16.72 -1.02 -23.49
C LYS B 200 17.75 0.00 -23.05
N LEU B 201 18.94 -0.47 -22.68
CA LEU B 201 20.10 0.38 -22.35
C LEU B 201 20.41 1.42 -23.42
N THR B 202 20.24 1.03 -24.68
CA THR B 202 20.56 1.90 -25.81
C THR B 202 19.77 3.20 -25.71
N ALA B 203 18.45 3.09 -25.70
CA ALA B 203 17.57 4.26 -25.61
C ALA B 203 17.31 4.65 -24.15
N GLN B 204 18.40 4.93 -23.44
CA GLN B 204 18.34 5.60 -22.14
C GLN B 204 19.25 6.83 -22.23
N GLY B 205 19.35 7.39 -23.43
CA GLY B 205 20.16 8.59 -23.64
C GLY B 205 21.63 8.28 -23.57
N LYS B 206 22.46 9.31 -23.64
CA LYS B 206 23.91 9.15 -23.57
C LYS B 206 24.33 8.43 -22.30
N LEU B 207 25.33 7.57 -22.39
CA LEU B 207 26.06 7.10 -21.21
C LEU B 207 27.04 8.21 -20.89
N LEU B 208 26.72 9.03 -19.90
CA LEU B 208 27.55 10.15 -19.54
C LEU B 208 28.81 9.60 -18.92
N GLY B 209 28.68 8.84 -17.84
CA GLY B 209 29.84 8.38 -17.09
C GLY B 209 29.61 7.18 -16.19
N GLN B 210 30.68 6.72 -15.59
CA GLN B 210 30.64 5.56 -14.70
C GLN B 210 31.81 5.56 -13.74
N ASP B 211 31.58 5.08 -12.53
CA ASP B 211 32.65 4.93 -11.55
C ASP B 211 32.21 4.03 -10.40
N THR B 212 33.18 3.66 -9.55
CA THR B 212 32.98 2.73 -8.44
C THR B 212 32.69 3.52 -7.16
N PHE B 213 31.67 3.12 -6.42
CA PHE B 213 31.28 3.79 -5.17
C PHE B 213 30.92 2.78 -4.08
N TRP B 214 31.02 3.20 -2.82
CA TRP B 214 30.55 2.39 -1.69
C TRP B 214 29.18 2.91 -1.34
N VAL B 215 28.19 2.04 -1.33
CA VAL B 215 26.78 2.46 -1.28
C VAL B 215 26.03 2.09 0.01
N THR B 216 25.97 3.03 0.96
CA THR B 216 25.24 2.83 2.21
C THR B 216 23.73 3.08 2.01
N GLU B 217 22.97 2.89 3.08
CA GLU B 217 21.61 3.42 3.28
C GLU B 217 21.12 2.94 4.65
N PRO B 218 20.41 3.81 5.41
CA PRO B 218 19.85 3.36 6.70
C PRO B 218 18.62 2.43 6.57
N SER B 226 22.63 0.75 8.03
CA SER B 226 23.69 0.56 7.04
C SER B 226 23.55 -0.79 6.31
N ARG B 227 24.18 -0.89 5.13
CA ARG B 227 24.23 -2.14 4.34
C ARG B 227 25.39 -2.13 3.32
N GLY B 228 26.59 -1.79 3.76
CA GLY B 228 27.72 -1.47 2.85
C GLY B 228 27.96 -2.39 1.67
N ARG B 229 28.34 -1.83 0.52
CA ARG B 229 28.46 -2.61 -0.73
C ARG B 229 29.16 -1.85 -1.89
N GLU B 230 30.25 -2.42 -2.41
CA GLU B 230 30.99 -1.81 -3.54
C GLU B 230 30.23 -2.07 -4.81
N ARG B 231 29.91 -1.01 -5.55
CA ARG B 231 29.02 -1.08 -6.72
C ARG B 231 29.49 -0.18 -7.84
N ARG B 232 29.26 -0.60 -9.08
CA ARG B 232 29.57 0.21 -10.24
C ARG B 232 28.31 0.94 -10.65
N VAL B 233 28.41 2.26 -10.65
CA VAL B 233 27.29 3.15 -10.89
C VAL B 233 27.38 3.76 -12.28
N PHE B 234 26.46 3.37 -13.15
CA PHE B 234 26.42 3.95 -14.48
C PHE B 234 25.52 5.17 -14.38
N LEU B 235 25.82 6.20 -15.17
CA LEU B 235 24.99 7.41 -15.22
C LEU B 235 24.65 7.77 -16.64
N PHE B 236 23.39 7.57 -17.02
CA PHE B 236 22.89 8.04 -18.30
C PHE B 236 22.07 9.31 -18.11
N GLU B 237 21.73 9.96 -19.21
CA GLU B 237 20.90 11.18 -19.15
C GLU B 237 19.50 10.94 -18.60
N GLN B 238 19.00 9.73 -18.77
CA GLN B 238 17.65 9.40 -18.35
C GLN B 238 17.59 8.55 -17.08
N ILE B 239 18.72 7.98 -16.65
CA ILE B 239 18.70 6.97 -15.60
C ILE B 239 20.07 6.80 -14.99
N ILE B 240 20.13 6.32 -13.76
CA ILE B 240 21.40 5.88 -13.18
C ILE B 240 21.25 4.49 -12.61
N ILE B 241 22.18 3.62 -12.97
CA ILE B 241 22.07 2.22 -12.64
C ILE B 241 23.14 1.89 -11.62
N PHE B 242 22.76 1.07 -10.64
CA PHE B 242 23.70 0.51 -9.68
C PHE B 242 23.94 -0.94 -10.07
N SER B 243 25.20 -1.35 -10.14
CA SER B 243 25.55 -2.67 -10.64
C SER B 243 26.73 -3.29 -9.93
N GLU B 244 26.70 -4.63 -9.83
CA GLU B 244 27.76 -5.40 -9.17
C GLU B 244 28.77 -5.90 -10.21
N ALA B 245 30.04 -5.52 -10.02
CA ALA B 245 31.13 -5.89 -10.93
C ALA B 245 31.57 -7.34 -10.70
N LEU B 246 31.96 -8.05 -11.77
CA LEU B 246 32.33 -9.48 -11.72
C LEU B 246 33.72 -9.75 -12.32
N GLY B 247 34.76 -9.37 -11.59
CA GLY B 247 36.14 -9.50 -12.08
C GLY B 247 36.66 -10.93 -12.15
N PRO B 256 35.62 -8.87 -16.95
CA PRO B 256 34.47 -8.14 -16.41
C PRO B 256 33.09 -8.57 -16.98
N GLY B 257 32.06 -7.80 -16.64
CA GLY B 257 30.65 -8.17 -16.87
C GLY B 257 29.85 -7.83 -15.60
N TYR B 258 28.63 -7.30 -15.77
CA TYR B 258 27.87 -6.68 -14.67
C TYR B 258 26.46 -7.22 -14.47
N VAL B 259 25.91 -6.95 -13.27
CA VAL B 259 24.57 -7.36 -12.88
C VAL B 259 23.77 -6.18 -12.27
N TYR B 260 22.49 -6.08 -12.61
CA TYR B 260 21.63 -5.01 -12.10
C TYR B 260 21.27 -5.24 -10.65
N LYS B 261 21.17 -4.16 -9.88
CA LYS B 261 20.78 -4.23 -8.47
C LYS B 261 19.71 -3.20 -8.08
N ASN B 262 19.97 -1.92 -8.35
CA ASN B 262 18.95 -0.87 -8.18
C ASN B 262 19.07 0.19 -9.26
N SER B 263 17.98 0.96 -9.45
CA SER B 263 18.01 2.10 -10.36
C SER B 263 17.36 3.34 -9.73
N ILE B 264 17.58 4.48 -10.37
CA ILE B 264 16.85 5.70 -10.06
C ILE B 264 16.72 6.48 -11.35
N LYS B 265 15.51 6.66 -11.86
CA LYS B 265 15.36 7.40 -13.12
C LYS B 265 15.55 8.86 -12.82
N VAL B 266 16.17 9.59 -13.75
CA VAL B 266 16.44 11.02 -13.58
C VAL B 266 15.14 11.81 -13.39
N SER B 267 14.05 11.25 -13.89
CA SER B 267 12.72 11.81 -13.70
C SER B 267 12.27 11.90 -12.25
N CYS B 268 12.90 11.18 -11.33
CA CYS B 268 12.61 11.32 -9.91
C CYS B 268 13.85 11.41 -9.04
N LEU B 269 14.95 11.85 -9.62
CA LEU B 269 16.22 11.89 -8.95
C LEU B 269 16.34 13.08 -8.03
N GLY B 270 17.08 12.91 -6.95
CA GLY B 270 17.43 14.02 -6.08
C GLY B 270 18.81 13.84 -5.48
N LEU B 271 19.42 14.94 -5.06
CA LEU B 271 20.84 14.95 -4.72
C LEU B 271 21.11 15.92 -3.61
N GLU B 272 21.93 15.48 -2.65
CA GLU B 272 22.40 16.27 -1.54
C GLU B 272 23.85 15.94 -1.39
N GLY B 273 24.72 16.91 -1.68
CA GLY B 273 26.16 16.69 -1.78
C GLY B 273 26.95 17.09 -0.56
N ASN B 274 28.15 16.53 -0.47
CA ASN B 274 29.07 16.81 0.64
C ASN B 274 28.49 16.41 2.02
N LEU B 275 27.74 15.30 2.03
CA LEU B 275 27.03 14.83 3.22
C LEU B 275 27.76 15.16 4.51
N GLN B 276 27.00 15.68 5.48
CA GLN B 276 27.55 16.00 6.78
C GLN B 276 29.05 16.27 6.66
N GLY B 277 29.39 17.24 5.81
CA GLY B 277 30.75 17.77 5.72
C GLY B 277 31.69 17.15 4.71
N ASP B 278 31.52 15.86 4.45
CA ASP B 278 32.51 15.05 3.72
C ASP B 278 32.49 15.30 2.22
N PRO B 279 33.65 15.66 1.63
CA PRO B 279 33.76 15.84 0.18
C PRO B 279 33.47 14.57 -0.61
N CYS B 280 33.85 13.42 -0.05
CA CYS B 280 33.73 12.13 -0.76
C CYS B 280 32.34 11.49 -0.71
N ARG B 281 31.44 12.03 0.10
CA ARG B 281 30.13 11.41 0.27
C ARG B 281 29.03 12.31 -0.25
N PHE B 282 28.11 11.73 -1.00
CA PHE B 282 26.84 12.38 -1.34
C PHE B 282 25.74 11.35 -1.29
N ALA B 283 24.50 11.80 -1.49
CA ALA B 283 23.32 10.93 -1.48
C ALA B 283 22.48 11.18 -2.71
N LEU B 284 21.87 10.11 -3.22
CA LEU B 284 20.94 10.22 -4.33
C LEU B 284 19.62 9.67 -3.88
N THR B 285 18.55 10.38 -4.22
CA THR B 285 17.24 10.11 -3.66
C THR B 285 16.24 9.89 -4.78
N SER B 286 15.38 8.88 -4.61
CA SER B 286 14.33 8.61 -5.58
C SER B 286 12.97 8.82 -4.95
N ARG B 287 12.29 9.89 -5.34
CA ARG B 287 10.98 10.21 -4.79
C ARG B 287 10.00 10.22 -5.95
N GLY B 288 9.12 9.22 -6.01
CA GLY B 288 8.21 9.04 -7.16
C GLY B 288 6.75 9.34 -6.87
N PRO B 289 5.92 9.42 -7.93
CA PRO B 289 4.47 9.70 -7.77
C PRO B 289 3.68 8.49 -7.24
N GLU B 290 4.12 7.29 -7.64
CA GLU B 290 3.42 6.06 -7.31
C GLU B 290 4.25 5.18 -6.34
N GLY B 291 5.57 5.19 -6.48
CA GLY B 291 6.46 4.43 -5.58
C GLY B 291 6.79 5.10 -4.25
N GLY B 292 7.49 4.37 -3.38
CA GLY B 292 7.95 4.92 -2.09
C GLY B 292 9.16 5.83 -2.25
N ILE B 293 9.89 6.05 -1.16
CA ILE B 293 11.04 6.97 -1.15
C ILE B 293 12.31 6.23 -0.78
N GLN B 294 13.20 6.09 -1.77
CA GLN B 294 14.49 5.40 -1.61
C GLN B 294 15.59 6.44 -1.50
N ARG B 295 16.67 6.10 -0.78
CA ARG B 295 17.79 7.02 -0.54
C ARG B 295 19.15 6.33 -0.35
N TYR B 296 20.06 6.51 -1.30
CA TYR B 296 21.32 5.76 -1.34
C TYR B 296 22.50 6.70 -1.11
N VAL B 297 23.39 6.39 -0.17
CA VAL B 297 24.56 7.26 0.13
C VAL B 297 25.81 6.77 -0.59
N LEU B 298 26.26 7.49 -1.61
CA LEU B 298 27.44 7.10 -2.36
C LEU B 298 28.68 7.74 -1.74
N GLN B 299 29.64 6.91 -1.35
CA GLN B 299 30.93 7.37 -0.87
C GLN B 299 31.99 6.98 -1.89
N ALA B 300 32.83 7.93 -2.28
CA ALA B 300 33.75 7.75 -3.41
C ALA B 300 35.17 7.46 -2.99
N ALA B 301 35.97 7.04 -3.96
CA ALA B 301 37.41 6.79 -3.75
C ALA B 301 38.21 8.11 -3.75
N ASP B 302 38.37 8.69 -4.93
CA ASP B 302 39.06 9.97 -5.12
C ASP B 302 38.03 11.08 -4.88
N PRO B 303 38.32 12.01 -3.94
CA PRO B 303 37.37 13.12 -3.70
C PRO B 303 37.05 13.89 -4.97
N ALA B 304 38.03 14.00 -5.86
CA ALA B 304 37.85 14.66 -7.14
C ALA B 304 36.91 13.91 -8.09
N ILE B 305 36.55 12.67 -7.77
CA ILE B 305 35.53 11.95 -8.52
C ILE B 305 34.14 12.19 -7.93
N SER B 306 34.07 12.30 -6.62
CA SER B 306 32.81 12.63 -5.97
C SER B 306 32.34 14.00 -6.46
N GLN B 307 33.15 15.02 -6.19
CA GLN B 307 32.80 16.38 -6.55
C GLN B 307 32.37 16.49 -8.01
N ALA B 308 33.11 15.84 -8.90
CA ALA B 308 32.74 15.82 -10.30
C ALA B 308 31.28 15.44 -10.43
N TRP B 309 30.88 14.33 -9.83
CA TRP B 309 29.53 13.79 -10.03
C TRP B 309 28.43 14.75 -9.52
N ILE B 310 28.63 15.30 -8.33
CA ILE B 310 27.70 16.25 -7.77
C ILE B 310 27.43 17.32 -8.81
N LYS B 311 28.50 17.99 -9.23
CA LYS B 311 28.39 19.08 -10.21
C LYS B 311 27.54 18.67 -11.39
N HIS B 312 27.82 17.50 -11.96
CA HIS B 312 27.15 17.08 -13.19
C HIS B 312 25.70 16.68 -12.94
N VAL B 313 25.43 15.95 -11.85
CA VAL B 313 24.05 15.54 -11.52
C VAL B 313 23.25 16.75 -11.08
N ALA B 314 23.84 17.59 -10.25
CA ALA B 314 23.19 18.82 -9.82
C ALA B 314 22.85 19.73 -11.00
N GLN B 315 23.49 19.46 -12.14
CA GLN B 315 23.23 20.18 -13.39
C GLN B 315 22.11 19.53 -14.15
N ILE B 316 22.24 18.23 -14.40
CA ILE B 316 21.20 17.47 -15.11
C ILE B 316 19.84 17.84 -14.54
N LEU B 317 19.81 17.98 -13.22
CA LEU B 317 18.64 18.43 -12.49
C LEU B 317 18.29 19.90 -12.77
N GLU B 318 19.28 20.79 -12.65
CA GLU B 318 19.07 22.23 -12.83
C GLU B 318 18.35 22.55 -14.12
N SER B 319 18.77 21.87 -15.19
CA SER B 319 18.19 22.07 -16.50
C SER B 319 16.88 21.31 -16.62
N GLN B 320 16.81 20.15 -16.00
CA GLN B 320 15.55 19.39 -16.01
C GLN B 320 14.47 20.16 -15.24
N ARG B 321 14.82 20.86 -14.16
CA ARG B 321 13.81 21.68 -13.47
C ARG B 321 13.52 23.01 -14.17
N ASP B 322 14.36 23.37 -15.16
CA ASP B 322 14.06 24.45 -16.11
C ASP B 322 12.95 24.05 -17.04
N PHE B 323 13.13 22.86 -17.60
CA PHE B 323 12.23 22.33 -18.60
C PHE B 323 10.82 22.33 -18.05
N LEU B 324 10.64 21.77 -16.87
CA LEU B 324 9.32 21.70 -16.23
C LEU B 324 8.70 23.09 -16.04
N ASN B 325 9.48 24.02 -15.53
CA ASN B 325 8.99 25.38 -15.35
C ASN B 325 8.58 25.99 -16.71
N ALA B 326 9.26 25.58 -17.77
CA ALA B 326 8.93 26.06 -19.10
C ALA B 326 7.70 25.36 -19.65
N LEU B 327 7.46 24.11 -19.27
CA LEU B 327 6.20 23.44 -19.65
C LEU B 327 5.04 24.26 -19.08
N GLN B 328 5.12 24.61 -17.80
CA GLN B 328 4.05 25.32 -17.13
C GLN B 328 3.92 26.76 -17.58
N SER B 329 4.86 27.25 -18.39
CA SER B 329 4.89 28.66 -18.84
C SER B 329 5.56 28.82 -20.21
N PRO B 330 5.05 28.15 -21.24
CA PRO B 330 5.86 27.92 -22.40
C PRO B 330 6.13 29.12 -23.27
N ILE B 331 5.21 30.08 -23.30
CA ILE B 331 5.37 31.28 -24.16
C ILE B 331 6.43 32.21 -23.59
N GLU B 332 6.47 32.25 -22.28
CA GLU B 332 7.40 33.09 -21.55
C GLU B 332 8.79 32.57 -21.86
N TYR B 333 8.96 31.27 -21.77
CA TYR B 333 10.27 30.64 -21.89
C TYR B 333 10.75 30.54 -23.32
N GLN B 334 9.86 30.72 -24.29
CA GLN B 334 10.28 30.81 -25.69
C GLN B 334 10.48 32.26 -26.16
N ARG B 335 10.03 33.25 -25.38
CA ARG B 335 10.47 34.65 -25.57
C ARG B 335 11.92 34.73 -25.14
N ARG B 336 12.20 34.12 -24.00
CA ARG B 336 13.54 34.00 -23.47
C ARG B 336 14.48 33.40 -24.51
N GLU B 337 14.16 32.21 -25.01
CA GLU B 337 15.06 31.49 -25.90
C GLU B 337 15.20 32.11 -27.29
N SER B 338 14.18 32.85 -27.74
CA SER B 338 14.28 33.57 -29.01
C SER B 338 15.28 34.72 -28.95
N GLN B 339 15.47 35.29 -27.76
CA GLN B 339 16.45 36.36 -27.58
C GLN B 339 17.85 35.84 -27.16
N THR B 340 17.94 34.55 -26.78
CA THR B 340 19.24 33.83 -26.69
C THR B 340 19.83 33.59 -28.08
N ASN B 341 18.96 33.08 -28.99
CA ASN B 341 19.30 32.86 -30.41
C ASN B 341 19.76 34.14 -31.14
N SER B 342 19.04 35.24 -30.92
CA SER B 342 19.44 36.55 -31.48
C SER B 342 20.10 37.44 -30.41
N ILE C 7 38.99 -20.35 -53.69
CA ILE C 7 39.24 -20.52 -52.22
C ILE C 7 39.64 -19.20 -51.57
N ARG C 8 38.69 -18.58 -50.89
CA ARG C 8 38.90 -17.30 -50.20
C ARG C 8 39.50 -17.50 -48.81
N LYS C 9 40.29 -16.52 -48.37
CA LYS C 9 40.81 -16.47 -47.00
C LYS C 9 40.67 -15.04 -46.49
N LYS C 10 40.88 -14.83 -45.19
CA LYS C 10 40.61 -13.54 -44.56
C LYS C 10 41.80 -12.98 -43.80
N LEU C 11 42.39 -11.91 -44.33
CA LEU C 11 43.57 -11.28 -43.71
C LEU C 11 43.17 -10.01 -43.00
N VAL C 12 43.46 -9.94 -41.70
CA VAL C 12 43.31 -8.70 -40.91
C VAL C 12 44.68 -8.16 -40.52
N ILE C 13 44.90 -6.86 -40.68
CA ILE C 13 46.17 -6.23 -40.31
C ILE C 13 46.04 -5.56 -38.94
N VAL C 14 47.16 -5.43 -38.24
CA VAL C 14 47.17 -4.86 -36.89
C VAL C 14 48.52 -4.20 -36.55
N GLY C 15 48.46 -3.09 -35.83
CA GLY C 15 49.66 -2.34 -35.44
C GLY C 15 49.34 -0.95 -34.89
N ASP C 16 50.38 -0.24 -34.44
CA ASP C 16 50.24 1.12 -33.90
C ASP C 16 49.91 2.14 -35.00
N GLY C 17 49.54 3.35 -34.58
CA GLY C 17 49.11 4.39 -35.51
C GLY C 17 50.23 4.90 -36.40
N ALA C 18 49.94 5.01 -37.70
CA ALA C 18 50.90 5.46 -38.70
C ALA C 18 52.19 4.62 -38.75
N CYS C 19 52.05 3.31 -38.52
CA CYS C 19 53.16 2.36 -38.68
C CYS C 19 53.10 1.66 -40.03
N GLY C 20 52.55 2.36 -41.02
CA GLY C 20 52.57 1.89 -42.40
C GLY C 20 51.67 0.70 -42.67
N LYS C 21 50.55 0.64 -41.97
CA LYS C 21 49.56 -0.41 -42.22
C LYS C 21 48.85 -0.11 -43.53
N THR C 22 48.30 1.10 -43.63
CA THR C 22 47.46 1.48 -44.77
C THR C 22 48.29 1.60 -46.06
N CYS C 23 49.53 2.05 -45.96
CA CYS C 23 50.42 2.20 -47.11
C CYS C 23 50.85 0.86 -47.72
N LEU C 24 51.05 -0.14 -46.86
CA LEU C 24 51.49 -1.47 -47.29
C LEU C 24 50.45 -2.17 -48.17
N LEU C 25 49.18 -1.99 -47.84
CA LEU C 25 48.09 -2.62 -48.60
C LEU C 25 47.83 -1.92 -49.94
N ILE C 26 48.05 -0.61 -49.98
CA ILE C 26 47.90 0.16 -51.22
C ILE C 26 48.92 -0.22 -52.30
N VAL C 27 50.16 -0.45 -51.87
CA VAL C 27 51.24 -0.84 -52.78
C VAL C 27 50.96 -2.19 -53.46
N PHE C 28 50.38 -3.11 -52.70
CA PHE C 28 50.07 -4.45 -53.23
C PHE C 28 48.83 -4.44 -54.12
N SER C 29 47.77 -3.79 -53.64
CA SER C 29 46.48 -3.75 -54.33
C SER C 29 46.49 -2.92 -55.62
N LYS C 30 47.47 -2.03 -55.74
CA LYS C 30 47.65 -1.22 -56.95
C LYS C 30 48.83 -1.69 -57.80
N ASP C 31 49.97 -1.93 -57.14
CA ASP C 31 51.29 -2.13 -57.78
C ASP C 31 51.98 -0.77 -58.00
N GLN C 32 51.69 0.19 -57.13
CA GLN C 32 52.16 1.58 -57.30
C GLN C 32 52.20 2.34 -55.96
N PHE C 33 53.12 3.29 -55.84
CA PHE C 33 53.16 4.20 -54.71
C PHE C 33 51.99 5.20 -54.79
N PRO C 34 51.34 5.51 -53.66
CA PRO C 34 50.16 6.40 -53.55
C PRO C 34 50.10 7.76 -54.30
N GLU C 35 51.07 8.08 -55.16
CA GLU C 35 51.10 9.34 -55.93
C GLU C 35 51.39 10.58 -55.06
N VAL C 36 52.28 10.43 -54.08
CA VAL C 36 52.73 11.53 -53.21
C VAL C 36 51.60 12.25 -52.44
N TYR C 37 50.44 11.60 -52.32
CA TYR C 37 49.44 11.93 -51.30
C TYR C 37 49.12 10.65 -50.53
N VAL C 38 49.67 10.55 -49.32
CA VAL C 38 49.50 9.37 -48.46
C VAL C 38 48.04 9.29 -48.00
N PRO C 39 47.26 8.32 -48.52
CA PRO C 39 45.83 8.24 -48.16
C PRO C 39 45.56 7.74 -46.72
N THR C 40 44.29 7.54 -46.41
CA THR C 40 43.86 7.18 -45.05
C THR C 40 42.90 5.97 -45.00
N VAL C 41 42.04 5.86 -46.01
CA VAL C 41 41.01 4.83 -46.05
C VAL C 41 41.30 3.84 -47.19
N PHE C 42 41.57 2.59 -46.83
CA PHE C 42 41.70 1.51 -47.83
C PHE C 42 40.57 0.53 -47.61
N GLU C 43 39.50 0.68 -48.38
CA GLU C 43 38.30 -0.13 -48.20
C GLU C 43 38.55 -1.56 -48.66
N ASN C 44 37.90 -2.49 -47.99
CA ASN C 44 38.29 -3.90 -47.98
C ASN C 44 38.41 -4.49 -49.38
N TYR C 45 39.62 -4.95 -49.70
CA TYR C 45 40.01 -5.29 -51.07
C TYR C 45 40.29 -6.79 -51.20
N VAL C 46 39.49 -7.48 -52.01
CA VAL C 46 39.78 -8.86 -52.38
C VAL C 46 40.75 -8.78 -53.54
N ALA C 47 41.95 -9.36 -53.35
CA ALA C 47 43.01 -9.37 -54.35
C ALA C 47 43.31 -10.81 -54.81
N ASP C 48 43.75 -10.96 -56.07
CA ASP C 48 43.96 -12.27 -56.70
C ASP C 48 45.43 -12.69 -56.71
N ILE C 49 45.86 -13.38 -55.66
CA ILE C 49 47.25 -13.81 -55.54
C ILE C 49 47.41 -15.31 -55.89
N GLU C 50 48.63 -15.71 -56.27
CA GLU C 50 48.89 -17.08 -56.73
C GLU C 50 50.23 -17.65 -56.21
N VAL C 51 50.16 -18.46 -55.14
CA VAL C 51 51.35 -19.12 -54.56
C VAL C 51 51.26 -20.65 -54.67
N ASP C 52 52.39 -21.27 -55.03
CA ASP C 52 52.49 -22.73 -55.21
C ASP C 52 51.43 -23.28 -56.16
N GLY C 53 50.99 -22.45 -57.11
CA GLY C 53 49.89 -22.83 -58.00
C GLY C 53 48.60 -23.09 -57.26
N LYS C 54 48.02 -22.04 -56.68
CA LYS C 54 46.69 -22.11 -56.06
C LYS C 54 46.02 -20.72 -56.14
N GLN C 55 45.05 -20.56 -57.03
CA GLN C 55 44.43 -19.26 -57.26
C GLN C 55 43.63 -18.74 -56.06
N VAL C 56 44.36 -18.19 -55.09
CA VAL C 56 43.77 -17.69 -53.85
C VAL C 56 43.20 -16.31 -54.09
N GLU C 57 42.04 -16.05 -53.50
CA GLU C 57 41.45 -14.71 -53.49
C GLU C 57 41.38 -14.22 -52.04
N LEU C 58 42.52 -13.71 -51.57
CA LEU C 58 42.69 -13.29 -50.18
C LEU C 58 42.09 -11.90 -49.93
N ALA C 59 41.21 -11.81 -48.92
CA ALA C 59 40.54 -10.56 -48.56
C ALA C 59 41.38 -9.80 -47.54
N LEU C 60 41.50 -8.50 -47.73
CA LEU C 60 42.33 -7.64 -46.87
C LEU C 60 41.47 -6.68 -46.03
N TRP C 61 41.63 -6.72 -44.70
CA TRP C 61 40.90 -5.82 -43.79
C TRP C 61 41.87 -4.86 -43.07
N ASP C 62 41.64 -3.56 -43.23
CA ASP C 62 42.43 -2.54 -42.53
C ASP C 62 41.78 -2.19 -41.20
N THR C 63 42.61 -2.03 -40.18
CA THR C 63 42.17 -1.54 -38.88
C THR C 63 42.76 -0.14 -38.65
N ALA C 64 42.58 0.73 -39.65
CA ALA C 64 43.11 2.08 -39.62
C ALA C 64 42.29 2.98 -38.71
N GLY C 65 42.85 3.35 -37.56
CA GLY C 65 42.20 4.25 -36.62
C GLY C 65 41.61 3.56 -35.41
N GLN C 66 40.99 2.40 -35.64
CA GLN C 66 40.39 1.59 -34.58
C GLN C 66 41.46 1.00 -33.62
N GLU C 67 42.18 1.89 -32.94
CA GLU C 67 43.35 1.54 -32.14
C GLU C 67 43.34 2.13 -30.73
N ASP C 68 42.40 3.04 -30.44
CA ASP C 68 42.20 3.56 -29.09
C ASP C 68 40.89 3.03 -28.50
N TYR C 69 40.35 1.99 -29.13
CA TYR C 69 39.03 1.47 -28.78
C TYR C 69 39.09 -0.03 -28.53
N ASP C 70 39.29 -0.37 -27.25
CA ASP C 70 39.51 -1.74 -26.82
C ASP C 70 38.54 -2.78 -27.42
N ARG C 71 37.25 -2.59 -27.20
CA ARG C 71 36.25 -3.64 -27.51
C ARG C 71 35.76 -3.66 -28.96
N LEU C 72 36.06 -2.63 -29.75
CA LEU C 72 35.53 -2.54 -31.13
C LEU C 72 36.31 -3.37 -32.15
N ARG C 73 37.62 -3.54 -31.95
CA ARG C 73 38.45 -4.33 -32.87
C ARG C 73 38.03 -5.80 -32.94
N PRO C 74 37.77 -6.44 -31.78
CA PRO C 74 37.18 -7.78 -31.71
C PRO C 74 36.06 -8.11 -32.69
N LEU C 75 35.40 -7.10 -33.26
CA LEU C 75 34.37 -7.34 -34.27
C LEU C 75 34.96 -7.64 -35.65
N SER C 76 36.22 -7.25 -35.87
CA SER C 76 36.92 -7.51 -37.13
C SER C 76 37.64 -8.88 -37.17
N TYR C 77 37.72 -9.57 -36.04
CA TYR C 77 38.55 -10.79 -35.90
C TYR C 77 37.93 -12.17 -36.18
N PRO C 78 36.59 -12.33 -36.09
CA PRO C 78 36.05 -13.70 -36.25
C PRO C 78 36.30 -14.35 -37.62
N ASP C 79 36.37 -15.69 -37.62
CA ASP C 79 36.60 -16.48 -38.85
C ASP C 79 37.90 -16.11 -39.60
N THR C 80 38.89 -15.59 -38.87
CA THR C 80 40.13 -15.12 -39.48
C THR C 80 41.17 -16.24 -39.65
N ASP C 81 41.92 -16.16 -40.74
CA ASP C 81 42.83 -17.21 -41.16
C ASP C 81 44.31 -16.78 -41.16
N VAL C 82 44.55 -15.50 -40.94
CA VAL C 82 45.91 -14.95 -40.93
C VAL C 82 45.89 -13.51 -40.38
N ILE C 83 46.96 -13.14 -39.68
CA ILE C 83 47.11 -11.78 -39.13
C ILE C 83 48.48 -11.20 -39.47
N LEU C 84 48.49 -10.13 -40.26
CA LEU C 84 49.71 -9.40 -40.58
C LEU C 84 50.00 -8.37 -39.49
N MET C 85 50.34 -8.87 -38.31
CA MET C 85 50.78 -8.03 -37.21
C MET C 85 52.06 -7.33 -37.63
N CYS C 86 52.18 -6.02 -37.36
CA CYS C 86 53.38 -5.29 -37.75
C CYS C 86 53.69 -4.04 -36.90
N PHE C 87 54.90 -3.53 -37.10
CA PHE C 87 55.41 -2.37 -36.40
C PHE C 87 56.37 -1.64 -37.33
N SER C 88 56.63 -0.36 -37.07
CA SER C 88 57.53 0.42 -37.92
C SER C 88 58.98 0.22 -37.47
N ILE C 89 59.90 0.06 -38.42
CA ILE C 89 61.35 -0.01 -38.11
C ILE C 89 61.82 1.30 -37.47
N ASP C 90 61.28 2.42 -37.95
CA ASP C 90 61.67 3.76 -37.49
C ASP C 90 61.07 4.17 -36.13
N SER C 91 60.65 3.19 -35.33
CA SER C 91 59.92 3.47 -34.10
C SER C 91 60.01 2.26 -33.15
N PRO C 92 61.06 2.21 -32.31
CA PRO C 92 61.14 1.10 -31.35
C PRO C 92 59.96 1.06 -30.35
N ASP C 93 59.24 2.17 -30.19
CA ASP C 93 57.99 2.18 -29.42
C ASP C 93 56.89 1.33 -30.08
N SER C 94 57.03 1.01 -31.37
CA SER C 94 56.10 0.11 -32.07
C SER C 94 56.54 -1.36 -31.93
N LEU C 95 57.83 -1.59 -31.69
CA LEU C 95 58.33 -2.92 -31.34
C LEU C 95 57.97 -3.30 -29.89
N GLU C 96 57.67 -2.28 -29.07
CA GLU C 96 57.32 -2.49 -27.65
C GLU C 96 55.92 -3.07 -27.44
N ASN C 97 54.99 -2.71 -28.32
CA ASN C 97 53.59 -3.13 -28.18
C ASN C 97 53.27 -4.46 -28.82
N ILE C 98 54.22 -5.03 -29.55
CA ILE C 98 54.01 -6.32 -30.24
C ILE C 98 53.80 -7.47 -29.26
N PRO C 99 54.64 -7.58 -28.22
CA PRO C 99 54.39 -8.56 -27.16
C PRO C 99 53.51 -8.04 -26.02
N GLU C 100 53.28 -6.72 -25.97
CA GLU C 100 52.59 -6.08 -24.84
C GLU C 100 51.07 -5.95 -25.05
N LYS C 101 50.67 -5.29 -26.13
CA LYS C 101 49.25 -5.05 -26.39
C LYS C 101 48.68 -6.04 -27.41
N TRP C 102 49.42 -6.27 -28.50
CA TRP C 102 48.86 -7.01 -29.64
C TRP C 102 48.79 -8.53 -29.42
N THR C 103 49.93 -9.18 -29.26
CA THR C 103 49.97 -10.64 -29.12
C THR C 103 48.94 -11.16 -28.11
N PRO C 104 48.96 -10.63 -26.86
CA PRO C 104 48.06 -11.18 -25.85
C PRO C 104 46.59 -11.07 -26.28
N GLU C 105 46.25 -9.96 -26.93
CA GLU C 105 44.90 -9.74 -27.45
C GLU C 105 44.57 -10.70 -28.60
N VAL C 106 45.53 -10.88 -29.50
CA VAL C 106 45.30 -11.67 -30.71
C VAL C 106 45.00 -13.13 -30.41
N LYS C 107 45.90 -13.78 -29.67
CA LYS C 107 45.81 -15.23 -29.42
C LYS C 107 44.58 -15.64 -28.61
N HIS C 108 43.83 -14.65 -28.11
CA HIS C 108 42.55 -14.89 -27.43
C HIS C 108 41.38 -14.93 -28.41
N PHE C 109 41.31 -13.92 -29.30
CA PHE C 109 40.24 -13.85 -30.28
C PHE C 109 40.52 -14.71 -31.54
N CYS C 110 41.76 -15.14 -31.71
CA CYS C 110 42.15 -16.02 -32.84
C CYS C 110 43.12 -17.13 -32.38
N PRO C 111 42.60 -18.14 -31.66
CA PRO C 111 43.50 -19.15 -31.05
C PRO C 111 44.07 -20.16 -32.08
N ASN C 112 45.36 -20.42 -31.99
CA ASN C 112 46.06 -21.33 -32.93
C ASN C 112 46.08 -20.87 -34.40
N VAL C 113 45.61 -19.65 -34.66
CA VAL C 113 45.54 -19.10 -36.02
C VAL C 113 46.76 -18.21 -36.28
N PRO C 114 47.45 -18.41 -37.42
CA PRO C 114 48.82 -17.90 -37.61
C PRO C 114 49.00 -16.39 -37.57
N ILE C 115 50.25 -15.99 -37.32
CA ILE C 115 50.66 -14.58 -37.25
C ILE C 115 51.91 -14.37 -38.10
N ILE C 116 51.92 -13.32 -38.91
CA ILE C 116 53.10 -12.94 -39.67
C ILE C 116 53.58 -11.58 -39.17
N LEU C 117 54.73 -11.54 -38.51
CA LEU C 117 55.28 -10.26 -38.09
C LEU C 117 55.94 -9.60 -39.31
N VAL C 118 55.72 -8.30 -39.47
CA VAL C 118 56.33 -7.57 -40.57
C VAL C 118 56.95 -6.26 -40.05
N GLY C 119 58.12 -5.94 -40.60
CA GLY C 119 58.84 -4.70 -40.26
C GLY C 119 58.75 -3.71 -41.41
N ASN C 120 57.90 -2.70 -41.25
CA ASN C 120 57.62 -1.74 -42.34
C ASN C 120 58.64 -0.62 -42.45
N LYS C 121 58.73 -0.05 -43.64
CA LYS C 121 59.61 1.08 -43.95
C LYS C 121 61.07 0.82 -43.58
N LYS C 122 61.64 -0.23 -44.18
CA LYS C 122 63.05 -0.55 -44.03
C LYS C 122 63.96 0.54 -44.60
N ASP C 123 63.48 1.25 -45.63
CA ASP C 123 64.25 2.34 -46.24
C ASP C 123 64.55 3.46 -45.26
N LEU C 124 63.64 3.69 -44.32
CA LEU C 124 63.80 4.72 -43.29
C LEU C 124 64.81 4.33 -42.19
N ARG C 125 65.37 3.11 -42.27
CA ARG C 125 66.49 2.72 -41.42
C ARG C 125 67.77 3.43 -41.86
N ASN C 126 68.03 3.42 -43.17
CA ASN C 126 69.25 4.01 -43.73
C ASN C 126 69.26 5.54 -43.70
N ASP C 127 68.07 6.14 -43.78
CA ASP C 127 67.91 7.60 -43.92
C ASP C 127 68.43 8.34 -42.69
N GLU C 128 69.31 9.32 -42.92
CA GLU C 128 69.94 10.08 -41.84
C GLU C 128 68.97 11.02 -41.10
N HIS C 129 67.92 11.47 -41.78
CA HIS C 129 66.92 12.36 -41.16
C HIS C 129 66.11 11.66 -40.05
N THR C 130 66.01 10.33 -40.14
CA THR C 130 65.29 9.54 -39.13
C THR C 130 66.23 8.95 -38.07
N ARG C 131 67.55 9.06 -38.27
CA ARG C 131 68.55 8.62 -37.28
C ARG C 131 68.82 9.71 -36.23
N ARG C 132 68.97 10.95 -36.69
CA ARG C 132 69.19 12.08 -35.80
C ARG C 132 67.93 12.42 -35.00
N GLU C 133 66.77 12.17 -35.60
CA GLU C 133 65.49 12.35 -34.93
C GLU C 133 65.31 11.34 -33.79
N LEU C 134 65.71 10.09 -34.01
CA LEU C 134 65.62 9.04 -33.00
C LEU C 134 66.64 9.21 -31.87
N ALA C 135 67.85 9.68 -32.21
CA ALA C 135 68.93 9.85 -31.23
C ALA C 135 68.58 10.84 -30.11
N LYS C 136 67.71 11.80 -30.43
CA LYS C 136 67.15 12.70 -29.42
C LYS C 136 66.43 11.91 -28.32
N MET C 137 65.58 10.96 -28.73
CA MET C 137 64.82 10.12 -27.78
C MET C 137 65.64 9.02 -27.09
N LYS C 138 66.97 9.01 -27.29
CA LYS C 138 67.88 7.98 -26.75
C LYS C 138 67.47 6.57 -27.18
N GLN C 139 67.14 6.43 -28.46
CA GLN C 139 66.73 5.16 -29.07
C GLN C 139 67.53 4.98 -30.37
N GLU C 140 67.21 3.93 -31.14
CA GLU C 140 67.81 3.73 -32.45
C GLU C 140 66.95 2.79 -33.30
N PRO C 141 67.12 2.84 -34.65
CA PRO C 141 66.29 2.01 -35.51
C PRO C 141 66.45 0.53 -35.20
N VAL C 142 65.34 -0.19 -35.14
CA VAL C 142 65.36 -1.61 -34.76
C VAL C 142 66.06 -2.42 -35.84
N LYS C 143 67.16 -3.06 -35.46
CA LYS C 143 67.91 -3.93 -36.36
C LYS C 143 67.11 -5.21 -36.65
N PRO C 144 67.48 -5.95 -37.71
CA PRO C 144 66.75 -7.19 -38.04
C PRO C 144 66.96 -8.30 -37.00
N GLU C 145 68.16 -8.35 -36.40
CA GLU C 145 68.47 -9.33 -35.35
C GLU C 145 67.79 -9.02 -34.00
N GLU C 146 66.94 -7.98 -33.98
CA GLU C 146 66.01 -7.74 -32.88
C GLU C 146 64.59 -8.19 -33.25
N GLY C 147 64.22 -7.99 -34.52
CA GLY C 147 62.89 -8.35 -35.02
C GLY C 147 62.65 -9.84 -35.11
N ARG C 148 63.67 -10.59 -35.53
CA ARG C 148 63.61 -12.05 -35.60
C ARG C 148 63.37 -12.66 -34.22
N ASP C 149 64.13 -12.17 -33.23
CA ASP C 149 64.03 -12.63 -31.84
C ASP C 149 62.65 -12.34 -31.24
N MET C 150 62.02 -11.26 -31.70
CA MET C 150 60.65 -10.94 -31.30
C MET C 150 59.65 -11.93 -31.93
N ALA C 151 59.82 -12.21 -33.22
CA ALA C 151 58.95 -13.15 -33.94
C ALA C 151 58.99 -14.54 -33.31
N ASN C 152 60.20 -15.02 -33.01
CA ASN C 152 60.38 -16.27 -32.28
C ASN C 152 59.65 -16.22 -30.95
N ARG C 153 59.97 -15.20 -30.16
CA ARG C 153 59.45 -15.05 -28.80
C ARG C 153 57.92 -15.16 -28.75
N ILE C 154 57.24 -14.47 -29.66
CA ILE C 154 55.77 -14.53 -29.73
C ILE C 154 55.28 -15.74 -30.54
N GLY C 155 56.12 -16.20 -31.45
CA GLY C 155 55.85 -17.43 -32.21
C GLY C 155 55.06 -17.19 -33.49
N ALA C 156 55.63 -16.42 -34.40
CA ALA C 156 54.98 -16.07 -35.66
C ALA C 156 55.25 -17.12 -36.73
N PHE C 157 54.42 -17.13 -37.77
CA PHE C 157 54.60 -18.01 -38.94
C PHE C 157 55.93 -17.72 -39.64
N GLY C 158 56.27 -16.43 -39.77
CA GLY C 158 57.51 -16.01 -40.39
C GLY C 158 57.71 -14.51 -40.36
N TYR C 159 58.92 -14.07 -40.00
CA TYR C 159 59.25 -12.65 -39.92
C TYR C 159 59.71 -12.10 -41.27
N MET C 160 59.14 -10.97 -41.68
CA MET C 160 59.48 -10.32 -42.95
C MET C 160 59.64 -8.81 -42.79
N GLU C 161 60.31 -8.21 -43.78
CA GLU C 161 60.55 -6.77 -43.81
C GLU C 161 60.28 -6.21 -45.20
N CYS C 162 59.79 -4.97 -45.26
CA CYS C 162 59.48 -4.32 -46.52
C CYS C 162 59.45 -2.79 -46.36
N SER C 163 59.14 -2.10 -47.45
CA SER C 163 58.92 -0.65 -47.41
C SER C 163 57.93 -0.22 -48.48
N ALA C 164 56.98 0.64 -48.11
CA ALA C 164 55.92 1.10 -49.02
C ALA C 164 56.42 1.99 -50.15
N LYS C 165 57.55 2.68 -49.91
CA LYS C 165 58.17 3.54 -50.93
C LYS C 165 58.95 2.73 -51.97
N THR C 166 59.75 1.77 -51.51
CA THR C 166 60.53 0.91 -52.38
C THR C 166 59.68 -0.11 -53.12
N LYS C 167 58.63 -0.58 -52.45
CA LYS C 167 57.84 -1.75 -52.89
C LYS C 167 58.62 -3.04 -52.67
N ASP C 168 59.74 -2.95 -51.95
CA ASP C 168 60.69 -4.05 -51.81
C ASP C 168 60.27 -4.93 -50.65
N GLY C 169 60.14 -6.22 -50.91
CA GLY C 169 59.65 -7.17 -49.91
C GLY C 169 58.17 -7.07 -49.65
N VAL C 170 57.47 -6.20 -50.38
CA VAL C 170 56.02 -6.01 -50.21
C VAL C 170 55.29 -7.23 -50.75
N ARG C 171 55.57 -7.55 -52.01
CA ARG C 171 55.04 -8.75 -52.65
C ARG C 171 55.44 -10.02 -51.88
N GLU C 172 56.71 -10.11 -51.47
CA GLU C 172 57.22 -11.29 -50.76
C GLU C 172 56.61 -11.48 -49.36
N VAL C 173 56.15 -10.40 -48.74
CA VAL C 173 55.44 -10.48 -47.46
C VAL C 173 54.03 -11.06 -47.63
N PHE C 174 53.33 -10.63 -48.68
CA PHE C 174 52.01 -11.18 -49.00
C PHE C 174 52.09 -12.59 -49.56
N GLU C 175 53.15 -12.89 -50.31
CA GLU C 175 53.44 -14.25 -50.77
C GLU C 175 53.58 -15.17 -49.54
N MET C 176 54.13 -14.61 -48.45
CA MET C 176 54.20 -15.31 -47.18
C MET C 176 52.85 -15.32 -46.48
N ALA C 177 52.14 -14.19 -46.56
CA ALA C 177 50.80 -14.07 -45.97
C ALA C 177 49.77 -15.00 -46.64
N THR C 178 49.99 -15.31 -47.91
CA THR C 178 49.09 -16.20 -48.65
C THR C 178 49.37 -17.65 -48.29
N ARG C 179 50.63 -18.04 -48.41
CA ARG C 179 51.05 -19.41 -48.14
C ARG C 179 50.81 -19.76 -46.67
N ALA C 180 50.82 -18.75 -45.80
CA ALA C 180 50.49 -18.93 -44.39
C ALA C 180 48.99 -19.15 -44.20
N ALA C 181 48.17 -18.48 -45.02
CA ALA C 181 46.72 -18.65 -44.98
C ALA C 181 46.28 -20.07 -45.35
N LEU C 182 47.15 -20.80 -46.04
CA LEU C 182 46.91 -22.21 -46.35
C LEU C 182 47.04 -23.07 -45.10
N GLN C 183 48.01 -22.75 -44.25
CA GLN C 183 48.31 -23.52 -43.05
C GLN C 183 48.21 -22.66 -41.80
N ARG D 29 -9.66 12.56 29.43
CA ARG D 29 -9.63 11.08 29.39
C ARG D 29 -11.03 10.49 29.14
N SER D 30 -11.82 11.20 28.33
CA SER D 30 -13.22 10.81 28.07
C SER D 30 -13.33 9.53 27.23
N ARG D 31 -14.46 8.83 27.34
CA ARG D 31 -14.67 7.50 26.71
C ARG D 31 -16.09 7.36 26.16
N ARG D 32 -16.55 8.39 25.44
CA ARG D 32 -17.98 8.52 25.09
C ARG D 32 -18.48 7.66 23.92
N GLU D 33 -17.84 6.51 23.70
CA GLU D 33 -18.13 5.66 22.53
C GLU D 33 -18.59 4.28 23.00
N LEU D 34 -19.39 3.60 22.18
CA LEU D 34 -19.94 2.28 22.52
C LEU D 34 -20.11 1.37 21.28
N LYS D 35 -19.30 0.32 21.18
CA LYS D 35 -19.40 -0.64 20.07
C LYS D 35 -20.59 -1.59 20.27
N LEU D 36 -21.34 -1.85 19.21
CA LEU D 36 -22.40 -2.84 19.24
C LEU D 36 -22.28 -3.74 18.03
N LEU D 37 -22.22 -5.06 18.25
CA LEU D 37 -22.28 -6.02 17.16
C LEU D 37 -23.72 -6.32 16.79
N LEU D 38 -24.02 -6.27 15.49
CA LEU D 38 -25.21 -6.91 14.95
C LEU D 38 -24.75 -8.27 14.47
N LEU D 39 -25.41 -9.34 14.89
CA LEU D 39 -25.01 -10.70 14.52
C LEU D 39 -26.21 -11.54 14.16
N GLY D 40 -25.98 -12.60 13.40
CA GLY D 40 -27.01 -13.57 13.07
C GLY D 40 -26.82 -14.23 11.72
N THR D 41 -27.59 -15.29 11.50
CA THR D 41 -27.71 -15.89 10.20
C THR D 41 -27.95 -14.83 9.15
N GLY D 42 -27.48 -15.09 7.95
CA GLY D 42 -27.73 -14.20 6.85
C GLY D 42 -29.22 -14.05 6.56
N GLU D 43 -29.56 -12.97 5.85
CA GLU D 43 -30.95 -12.67 5.47
C GLU D 43 -31.90 -12.50 6.68
N SER D 44 -31.39 -11.89 7.75
CA SER D 44 -32.17 -11.73 8.96
C SER D 44 -32.37 -10.25 9.33
N GLY D 45 -31.85 -9.36 8.51
CA GLY D 45 -32.10 -7.93 8.70
C GLY D 45 -31.04 -7.16 9.46
N LYS D 46 -29.78 -7.58 9.33
CA LYS D 46 -28.70 -6.87 9.98
C LYS D 46 -28.41 -5.56 9.28
N SER D 47 -28.29 -5.61 7.96
CA SER D 47 -28.05 -4.42 7.14
C SER D 47 -29.26 -3.49 7.14
N THR D 48 -30.47 -4.05 7.14
CA THR D 48 -31.69 -3.26 7.16
C THR D 48 -31.86 -2.49 8.47
N PHE D 49 -31.37 -3.04 9.59
CA PHE D 49 -31.27 -2.27 10.84
C PHE D 49 -30.37 -1.05 10.66
N ILE D 50 -29.21 -1.26 10.02
CA ILE D 50 -28.24 -0.19 9.83
C ILE D 50 -28.83 0.92 8.99
N LYS D 51 -29.72 0.54 8.07
CA LYS D 51 -30.45 1.50 7.22
C LYS D 51 -31.43 2.35 8.04
N GLN D 52 -32.17 1.71 8.94
CA GLN D 52 -33.10 2.41 9.82
C GLN D 52 -32.38 3.25 10.86
N MET D 53 -31.34 2.70 11.47
CA MET D 53 -30.58 3.46 12.43
C MET D 53 -29.90 4.63 11.70
N ARG D 54 -29.74 4.53 10.37
CA ARG D 54 -29.30 5.68 9.57
C ARG D 54 -30.43 6.68 9.35
N ILE D 55 -31.58 6.18 8.90
CA ILE D 55 -32.78 7.01 8.70
C ILE D 55 -33.15 7.81 9.95
N ILE D 56 -33.00 7.17 11.11
CA ILE D 56 -33.43 7.74 12.38
C ILE D 56 -32.39 8.69 12.97
N HIS D 57 -31.18 8.20 13.17
CA HIS D 57 -30.13 8.97 13.85
C HIS D 57 -29.03 9.54 12.92
N GLY D 58 -29.06 9.12 11.66
CA GLY D 58 -28.05 9.57 10.69
C GLY D 58 -28.61 10.61 9.75
N SER D 59 -27.93 10.81 8.62
CA SER D 59 -28.47 11.64 7.55
C SER D 59 -29.39 10.74 6.75
N GLY D 60 -30.62 11.17 6.55
CA GLY D 60 -31.56 10.35 5.81
C GLY D 60 -31.07 10.04 4.40
N TYR D 61 -31.92 9.37 3.63
CA TYR D 61 -31.68 9.08 2.23
C TYR D 61 -32.24 10.20 1.34
N SER D 62 -31.36 10.85 0.57
CA SER D 62 -31.77 11.90 -0.37
C SER D 62 -32.23 11.29 -1.68
N ASP D 63 -32.78 12.12 -2.56
CA ASP D 63 -33.12 11.64 -3.90
C ASP D 63 -31.89 11.09 -4.64
N GLU D 64 -30.75 11.80 -4.57
CA GLU D 64 -29.55 11.34 -5.23
C GLU D 64 -29.09 10.02 -4.60
N ASP D 65 -29.19 9.91 -3.29
CA ASP D 65 -28.86 8.67 -2.61
C ASP D 65 -29.76 7.52 -3.04
N LYS D 66 -31.05 7.81 -3.26
CA LYS D 66 -31.99 6.77 -3.69
C LYS D 66 -31.68 6.28 -5.09
N ARG D 67 -31.40 7.21 -6.01
CA ARG D 67 -31.13 6.85 -7.40
C ARG D 67 -29.95 5.90 -7.56
N GLY D 68 -29.09 5.82 -6.55
CA GLY D 68 -28.04 4.81 -6.53
C GLY D 68 -28.59 3.41 -6.46
N PHE D 69 -29.73 3.26 -5.79
CA PHE D 69 -30.33 1.96 -5.50
C PHE D 69 -31.14 1.38 -6.65
N THR D 70 -31.54 2.20 -7.61
CA THR D 70 -32.31 1.72 -8.77
C THR D 70 -31.68 0.51 -9.44
N LYS D 71 -30.38 0.60 -9.71
CA LYS D 71 -29.62 -0.55 -10.23
C LYS D 71 -29.90 -1.81 -9.43
N LEU D 72 -29.96 -1.69 -8.12
CA LEU D 72 -30.08 -2.85 -7.26
C LEU D 72 -31.53 -3.34 -7.22
N VAL D 73 -32.47 -2.41 -7.24
CA VAL D 73 -33.90 -2.76 -7.31
C VAL D 73 -34.15 -3.52 -8.61
N TYR D 74 -33.65 -2.95 -9.69
CA TYR D 74 -33.70 -3.58 -10.99
C TYR D 74 -33.07 -4.98 -10.90
N GLN D 75 -31.89 -5.07 -10.32
CA GLN D 75 -31.20 -6.35 -10.20
C GLN D 75 -32.02 -7.38 -9.45
N ASN D 76 -32.42 -7.07 -8.23
CA ASN D 76 -33.16 -8.04 -7.41
C ASN D 76 -34.40 -8.66 -8.08
N ILE D 77 -35.02 -7.94 -9.01
CA ILE D 77 -36.16 -8.49 -9.74
C ILE D 77 -35.71 -9.68 -10.55
N PHE D 78 -34.58 -9.54 -11.25
CA PHE D 78 -34.05 -10.63 -12.08
C PHE D 78 -33.63 -11.79 -11.23
N THR D 79 -32.85 -11.49 -10.19
CA THR D 79 -32.46 -12.51 -9.22
C THR D 79 -33.68 -13.35 -8.86
N ALA D 80 -34.70 -12.67 -8.33
CA ALA D 80 -35.95 -13.29 -7.90
C ALA D 80 -36.58 -14.14 -9.00
N MET D 81 -36.75 -13.53 -10.18
CA MET D 81 -37.42 -14.21 -11.29
C MET D 81 -36.61 -15.41 -11.76
N GLN D 82 -35.34 -15.18 -12.06
CA GLN D 82 -34.44 -16.26 -12.48
C GLN D 82 -34.51 -17.38 -11.47
N ALA D 83 -34.48 -17.03 -10.18
CA ALA D 83 -34.64 -17.97 -9.08
C ALA D 83 -35.80 -18.95 -9.30
N MET D 84 -36.98 -18.41 -9.57
CA MET D 84 -38.19 -19.20 -9.78
C MET D 84 -38.20 -19.85 -11.14
N ILE D 85 -37.75 -19.13 -12.17
CA ILE D 85 -37.66 -19.68 -13.54
C ILE D 85 -36.87 -21.01 -13.53
N ARG D 86 -35.85 -21.08 -12.67
CA ARG D 86 -35.09 -22.30 -12.45
C ARG D 86 -35.86 -23.29 -11.61
N ALA D 87 -36.46 -22.81 -10.52
CA ALA D 87 -37.32 -23.66 -9.69
C ALA D 87 -38.37 -24.40 -10.51
N MET D 88 -38.95 -23.74 -11.51
CA MET D 88 -39.92 -24.36 -12.40
C MET D 88 -39.39 -25.66 -12.98
N ASP D 89 -38.20 -25.58 -13.56
CA ASP D 89 -37.49 -26.74 -14.11
C ASP D 89 -37.17 -27.74 -12.99
N THR D 90 -36.53 -27.28 -11.93
CA THR D 90 -36.11 -28.14 -10.83
C THR D 90 -37.26 -28.97 -10.26
N LEU D 91 -38.39 -28.32 -10.02
CA LEU D 91 -39.56 -28.94 -9.36
C LEU D 91 -40.66 -29.39 -10.38
N LYS D 92 -40.30 -29.40 -11.66
CA LYS D 92 -41.18 -29.89 -12.71
C LYS D 92 -42.53 -29.21 -12.72
N ILE D 93 -42.57 -27.94 -12.34
CA ILE D 93 -43.78 -27.15 -12.45
C ILE D 93 -43.97 -26.77 -13.92
N PRO D 94 -45.20 -26.95 -14.46
CA PRO D 94 -45.55 -26.58 -15.82
C PRO D 94 -46.05 -25.13 -15.97
N TYR D 95 -45.56 -24.41 -16.98
CA TYR D 95 -46.05 -23.06 -17.26
C TYR D 95 -47.44 -23.21 -17.88
N LYS D 96 -48.39 -22.39 -17.42
CA LYS D 96 -49.75 -22.49 -17.95
C LYS D 96 -49.87 -21.90 -19.34
N TYR D 97 -49.26 -20.74 -19.55
CA TYR D 97 -49.30 -20.08 -20.85
C TYR D 97 -48.06 -20.38 -21.69
N GLU D 98 -48.22 -21.22 -22.71
CA GLU D 98 -47.09 -21.59 -23.56
C GLU D 98 -46.14 -20.44 -23.85
N HIS D 99 -46.67 -19.25 -24.15
CA HIS D 99 -45.81 -18.15 -24.62
C HIS D 99 -44.75 -17.75 -23.61
N ASN D 100 -44.97 -18.13 -22.35
CA ASN D 100 -44.01 -17.88 -21.28
C ASN D 100 -42.75 -18.73 -21.31
N LYS D 101 -42.75 -19.82 -22.07
CA LYS D 101 -41.55 -20.66 -22.19
C LYS D 101 -40.41 -19.83 -22.77
N ALA D 102 -40.70 -19.09 -23.85
CA ALA D 102 -39.76 -18.09 -24.39
C ALA D 102 -39.36 -17.10 -23.28
N HIS D 103 -40.30 -16.28 -22.84
CA HIS D 103 -40.07 -15.33 -21.74
C HIS D 103 -39.14 -15.81 -20.64
N ALA D 104 -39.30 -17.08 -20.25
CA ALA D 104 -38.53 -17.69 -19.18
C ALA D 104 -37.10 -17.97 -19.61
N GLN D 105 -36.92 -18.33 -20.87
CA GLN D 105 -35.58 -18.54 -21.40
C GLN D 105 -34.83 -17.21 -21.43
N LEU D 106 -35.38 -16.26 -22.17
CA LEU D 106 -34.78 -14.93 -22.35
C LEU D 106 -34.30 -14.28 -21.06
N VAL D 107 -35.10 -14.40 -20.01
CA VAL D 107 -34.80 -13.82 -18.73
C VAL D 107 -33.73 -14.60 -18.01
N ARG D 108 -33.77 -15.92 -18.05
CA ARG D 108 -32.74 -16.71 -17.38
C ARG D 108 -31.35 -16.54 -17.98
N GLU D 109 -31.29 -16.09 -19.23
CA GLU D 109 -30.04 -15.87 -19.95
C GLU D 109 -29.33 -14.60 -19.44
N VAL D 110 -30.08 -13.70 -18.81
CA VAL D 110 -29.57 -12.37 -18.44
C VAL D 110 -28.53 -12.37 -17.31
N ASP D 111 -27.47 -11.60 -17.52
CA ASP D 111 -26.40 -11.48 -16.55
C ASP D 111 -26.82 -10.43 -15.56
N VAL D 112 -27.04 -10.83 -14.31
CA VAL D 112 -27.61 -9.93 -13.31
C VAL D 112 -26.64 -8.85 -12.86
N GLU D 113 -25.34 -9.15 -12.87
CA GLU D 113 -24.32 -8.20 -12.40
C GLU D 113 -24.13 -7.02 -13.36
N LYS D 114 -24.61 -7.15 -14.59
CA LYS D 114 -24.50 -6.09 -15.59
C LYS D 114 -25.80 -5.33 -15.77
N VAL D 115 -26.93 -5.99 -15.48
CA VAL D 115 -28.25 -5.36 -15.61
C VAL D 115 -28.23 -4.02 -14.92
N SER D 116 -28.50 -2.96 -15.68
CA SER D 116 -28.70 -1.62 -15.09
C SER D 116 -29.76 -0.81 -15.85
N ALA D 117 -30.72 -1.51 -16.44
CA ALA D 117 -31.89 -0.86 -17.00
C ALA D 117 -33.03 -1.85 -17.20
N PHE D 118 -34.24 -1.42 -16.85
CA PHE D 118 -35.42 -2.26 -16.99
C PHE D 118 -36.21 -1.84 -18.25
N GLU D 119 -35.82 -2.45 -19.38
CA GLU D 119 -36.33 -2.07 -20.69
C GLU D 119 -37.13 -3.25 -21.26
N ASN D 120 -37.82 -3.02 -22.37
CA ASN D 120 -39.05 -3.78 -22.61
C ASN D 120 -38.99 -5.14 -23.32
N PRO D 121 -37.82 -5.55 -23.87
CA PRO D 121 -37.84 -6.98 -24.20
C PRO D 121 -38.16 -7.81 -22.94
N TYR D 122 -37.61 -7.39 -21.80
CA TYR D 122 -37.68 -8.08 -20.50
C TYR D 122 -38.84 -7.64 -19.59
N VAL D 123 -39.00 -6.33 -19.40
CA VAL D 123 -40.05 -5.79 -18.52
C VAL D 123 -41.41 -6.44 -18.76
N ASP D 124 -41.71 -6.72 -20.02
CA ASP D 124 -42.94 -7.41 -20.38
C ASP D 124 -42.85 -8.90 -20.07
N ALA D 125 -41.70 -9.51 -20.36
CA ALA D 125 -41.53 -10.94 -20.10
C ALA D 125 -41.57 -11.27 -18.61
N ILE D 126 -40.91 -10.48 -17.77
CA ILE D 126 -40.95 -10.71 -16.31
C ILE D 126 -42.33 -10.48 -15.75
N LYS D 127 -43.05 -9.53 -16.31
CA LYS D 127 -44.43 -9.28 -15.94
C LYS D 127 -45.32 -10.46 -16.31
N SER D 128 -45.12 -11.03 -17.49
CA SER D 128 -45.95 -12.15 -17.95
C SER D 128 -45.68 -13.41 -17.13
N LEU D 129 -44.42 -13.62 -16.78
CA LEU D 129 -44.01 -14.75 -15.95
C LEU D 129 -44.64 -14.67 -14.57
N TRP D 130 -44.60 -13.47 -13.97
CA TRP D 130 -45.19 -13.28 -12.63
C TRP D 130 -46.68 -13.51 -12.64
N ASN D 131 -47.29 -13.32 -13.80
CA ASN D 131 -48.71 -13.47 -13.96
C ASN D 131 -49.12 -14.94 -14.21
N ASP D 132 -48.21 -15.76 -14.75
CA ASP D 132 -48.50 -17.18 -14.99
C ASP D 132 -48.82 -17.88 -13.68
N PRO D 133 -50.02 -18.48 -13.57
CA PRO D 133 -50.40 -19.25 -12.38
C PRO D 133 -49.39 -20.33 -12.00
N GLY D 134 -48.70 -20.84 -13.03
CA GLY D 134 -47.59 -21.76 -12.88
C GLY D 134 -46.45 -21.18 -12.06
N ILE D 135 -46.00 -19.99 -12.38
CA ILE D 135 -44.91 -19.39 -11.61
C ILE D 135 -45.37 -19.08 -10.19
N GLN D 136 -46.66 -18.77 -10.04
CA GLN D 136 -47.22 -18.45 -8.73
C GLN D 136 -47.34 -19.72 -7.89
N GLU D 137 -47.86 -20.80 -8.47
CA GLU D 137 -47.81 -22.11 -7.83
C GLU D 137 -46.40 -22.39 -7.29
N CYS D 138 -45.40 -22.13 -8.14
CA CYS D 138 -43.98 -22.26 -7.77
C CYS D 138 -43.61 -21.29 -6.64
N TYR D 139 -44.08 -20.06 -6.73
CA TYR D 139 -43.87 -19.08 -5.67
C TYR D 139 -44.59 -19.44 -4.37
N ASP D 140 -45.77 -20.03 -4.47
CA ASP D 140 -46.47 -20.46 -3.26
C ASP D 140 -45.70 -21.55 -2.55
N ARG D 141 -44.90 -22.32 -3.30
CA ARG D 141 -44.05 -23.32 -2.67
C ARG D 141 -42.63 -22.81 -2.45
N ARG D 142 -42.48 -21.55 -2.06
CA ARG D 142 -41.14 -20.96 -2.10
C ARG D 142 -40.19 -21.62 -1.09
N ARG D 143 -40.74 -22.15 0.00
CA ARG D 143 -39.98 -22.87 1.03
C ARG D 143 -38.91 -23.84 0.47
N GLU D 144 -39.17 -24.45 -0.69
CA GLU D 144 -38.35 -25.53 -1.27
C GLU D 144 -37.10 -25.10 -2.08
N TYR D 145 -36.84 -23.80 -2.13
CA TYR D 145 -35.65 -23.28 -2.81
C TYR D 145 -35.25 -21.91 -2.24
N GLN D 146 -34.22 -21.29 -2.80
CA GLN D 146 -33.75 -20.03 -2.28
C GLN D 146 -34.26 -18.84 -3.09
N LEU D 147 -35.40 -18.28 -2.65
CA LEU D 147 -36.02 -17.07 -3.22
C LEU D 147 -36.04 -16.01 -2.14
N SER D 148 -35.78 -14.75 -2.48
CA SER D 148 -35.72 -13.70 -1.45
C SER D 148 -37.11 -13.26 -0.98
N ASP D 149 -37.14 -12.34 -0.01
CA ASP D 149 -38.37 -12.03 0.71
C ASP D 149 -39.11 -10.85 0.10
N SER D 150 -38.36 -9.94 -0.50
CA SER D 150 -38.96 -8.77 -1.10
C SER D 150 -39.32 -9.00 -2.57
N THR D 151 -39.36 -10.27 -3.00
CA THR D 151 -39.77 -10.55 -4.37
C THR D 151 -41.17 -10.05 -4.59
N LYS D 152 -42.06 -10.39 -3.67
CA LYS D 152 -43.47 -10.01 -3.76
C LYS D 152 -43.58 -8.51 -3.82
N TYR D 153 -42.97 -7.85 -2.85
CA TYR D 153 -43.05 -6.39 -2.76
C TYR D 153 -42.68 -5.66 -4.04
N TYR D 154 -41.79 -6.25 -4.84
CA TYR D 154 -41.38 -5.68 -6.12
C TYR D 154 -42.18 -6.24 -7.28
N LEU D 155 -42.25 -7.56 -7.40
CA LEU D 155 -42.84 -8.16 -8.59
C LEU D 155 -44.32 -7.82 -8.73
N ASN D 156 -45.00 -7.61 -7.62
CA ASN D 156 -46.34 -7.06 -7.67
C ASN D 156 -46.36 -5.64 -8.23
N ASP D 157 -45.50 -4.79 -7.69
CA ASP D 157 -45.42 -3.38 -8.10
C ASP D 157 -44.38 -3.16 -9.20
N LEU D 158 -44.41 -4.01 -10.22
CA LEU D 158 -43.50 -3.89 -11.35
C LEU D 158 -43.71 -2.58 -12.12
N ASP D 159 -44.95 -2.28 -12.50
CA ASP D 159 -45.27 -1.08 -13.31
C ASP D 159 -44.66 0.22 -12.82
N ARG D 160 -44.57 0.37 -11.50
CA ARG D 160 -43.94 1.53 -10.89
C ARG D 160 -42.42 1.51 -11.09
N VAL D 161 -41.81 0.34 -10.91
CA VAL D 161 -40.39 0.17 -11.13
C VAL D 161 -40.08 0.29 -12.63
N ALA D 162 -40.88 -0.36 -13.46
CA ALA D 162 -40.64 -0.38 -14.90
C ALA D 162 -40.71 1.00 -15.54
N ASP D 163 -41.51 1.88 -14.95
CA ASP D 163 -41.56 3.30 -15.34
C ASP D 163 -40.17 3.83 -15.65
N PRO D 164 -40.00 4.45 -16.81
CA PRO D 164 -38.71 5.06 -17.10
C PRO D 164 -38.27 6.14 -16.11
N SER D 165 -39.22 6.77 -15.42
CA SER D 165 -38.94 7.87 -14.48
C SER D 165 -38.92 7.41 -13.02
N TYR D 166 -38.69 6.12 -12.82
CA TYR D 166 -38.72 5.54 -11.49
C TYR D 166 -37.65 6.17 -10.59
N LEU D 167 -37.98 6.33 -9.31
CA LEU D 167 -37.02 6.76 -8.27
C LEU D 167 -37.35 6.14 -6.91
N PRO D 168 -36.59 5.11 -6.49
CA PRO D 168 -37.01 4.24 -5.39
C PRO D 168 -37.50 4.97 -4.15
N THR D 169 -38.59 4.48 -3.59
CA THR D 169 -39.16 5.05 -2.38
C THR D 169 -38.34 4.54 -1.21
N GLN D 170 -38.26 5.33 -0.12
CA GLN D 170 -37.51 4.93 1.08
C GLN D 170 -37.78 3.47 1.44
N GLN D 171 -39.05 3.05 1.34
CA GLN D 171 -39.41 1.64 1.56
C GLN D 171 -38.70 0.69 0.57
N ASP D 172 -38.69 1.06 -0.72
CA ASP D 172 -37.98 0.28 -1.74
C ASP D 172 -36.51 0.12 -1.31
N VAL D 173 -35.89 1.24 -0.97
CA VAL D 173 -34.53 1.26 -0.50
C VAL D 173 -34.40 0.36 0.71
N LEU D 174 -35.37 0.37 1.60
CA LEU D 174 -35.33 -0.48 2.79
C LEU D 174 -35.48 -1.96 2.48
N ARG D 175 -36.21 -2.28 1.41
CA ARG D 175 -36.49 -3.67 1.02
C ARG D 175 -35.58 -4.28 -0.01
N VAL D 176 -34.54 -3.55 -0.43
CA VAL D 176 -33.55 -4.07 -1.38
C VAL D 176 -32.65 -5.06 -0.68
N ARG D 177 -31.76 -5.68 -1.44
CA ARG D 177 -30.98 -6.80 -0.94
C ARG D 177 -29.60 -6.83 -1.60
N VAL D 178 -28.63 -6.22 -0.94
CA VAL D 178 -27.26 -6.34 -1.40
C VAL D 178 -26.51 -7.01 -0.27
N PRO D 179 -26.25 -8.32 -0.41
CA PRO D 179 -25.75 -9.14 0.66
C PRO D 179 -24.30 -8.83 1.02
N THR D 180 -24.04 -8.82 2.33
CA THR D 180 -22.77 -8.33 2.89
C THR D 180 -21.72 -9.42 2.91
N THR D 181 -20.51 -9.07 2.49
CA THR D 181 -19.34 -9.92 2.70
C THR D 181 -18.22 -9.00 3.09
N GLY D 182 -18.25 -8.59 4.35
CA GLY D 182 -17.25 -7.69 4.87
C GLY D 182 -17.78 -6.99 6.09
N ILE D 183 -16.88 -6.73 7.04
CA ILE D 183 -17.25 -6.08 8.28
C ILE D 183 -17.05 -4.61 8.07
N ILE D 184 -18.14 -3.88 7.82
CA ILE D 184 -18.09 -2.44 7.59
C ILE D 184 -18.69 -1.79 8.82
N GLU D 185 -17.95 -0.92 9.50
CA GLU D 185 -18.47 -0.36 10.74
C GLU D 185 -19.09 1.02 10.56
N TYR D 186 -20.24 1.23 11.22
CA TYR D 186 -21.07 2.41 11.04
C TYR D 186 -21.24 3.18 12.36
N PRO D 187 -20.56 4.33 12.50
CA PRO D 187 -20.76 5.10 13.72
C PRO D 187 -22.01 5.94 13.63
N PHE D 188 -22.57 6.28 14.80
CA PHE D 188 -23.74 7.17 14.89
C PHE D 188 -23.64 8.02 16.15
N ASP D 189 -23.43 9.32 15.96
CA ASP D 189 -23.45 10.32 17.03
C ASP D 189 -24.90 10.48 17.54
N LEU D 190 -25.05 10.44 18.86
CA LEU D 190 -26.38 10.34 19.48
C LEU D 190 -26.33 10.76 20.97
N GLN D 191 -26.85 11.94 21.26
CA GLN D 191 -26.88 12.48 22.63
C GLN D 191 -25.49 12.46 23.23
N SER D 192 -24.54 13.12 22.56
CA SER D 192 -23.13 13.21 23.02
C SER D 192 -22.41 11.86 23.16
N VAL D 193 -23.09 10.77 22.79
CA VAL D 193 -22.54 9.43 22.90
C VAL D 193 -22.48 8.81 21.52
N ILE D 194 -21.34 8.24 21.16
CA ILE D 194 -21.22 7.55 19.88
C ILE D 194 -21.58 6.11 20.13
N PHE D 195 -22.37 5.52 19.24
CA PHE D 195 -22.58 4.07 19.19
C PHE D 195 -21.96 3.57 17.92
N ARG D 196 -20.92 2.77 18.02
CA ARG D 196 -20.24 2.29 16.84
C ARG D 196 -20.85 0.93 16.41
N MET D 197 -21.70 0.95 15.39
CA MET D 197 -22.55 -0.22 15.06
C MET D 197 -21.97 -1.10 13.95
N VAL D 198 -21.50 -2.28 14.35
CA VAL D 198 -20.82 -3.21 13.43
C VAL D 198 -21.78 -4.12 12.67
N ASP D 199 -21.58 -4.22 11.36
CA ASP D 199 -22.44 -5.01 10.49
C ASP D 199 -21.59 -6.15 9.92
N VAL D 200 -21.84 -7.37 10.41
CA VAL D 200 -21.05 -8.53 10.01
C VAL D 200 -21.78 -9.38 8.96
N GLY D 201 -21.02 -10.25 8.30
CA GLY D 201 -21.56 -11.19 7.33
C GLY D 201 -22.52 -12.13 8.02
N GLY D 202 -23.06 -13.10 7.30
CA GLY D 202 -24.07 -13.99 7.87
C GLY D 202 -23.98 -15.46 7.50
N GLN D 203 -23.52 -15.75 6.28
CA GLN D 203 -23.43 -17.13 5.83
C GLN D 203 -22.23 -17.78 6.51
N ARG D 204 -22.29 -19.09 6.71
CA ARG D 204 -21.17 -19.83 7.32
C ARG D 204 -19.83 -19.31 6.80
N SER D 205 -19.81 -19.06 5.49
CA SER D 205 -18.66 -18.51 4.78
C SER D 205 -17.89 -17.39 5.48
N GLU D 206 -18.61 -16.45 6.11
CA GLU D 206 -18.01 -15.21 6.63
C GLU D 206 -17.65 -15.25 8.11
N ARG D 207 -18.17 -16.23 8.85
CA ARG D 207 -18.20 -16.15 10.30
C ARG D 207 -16.83 -16.22 10.96
N ARG D 208 -15.82 -16.68 10.22
CA ARG D 208 -14.44 -16.62 10.68
C ARG D 208 -14.08 -15.19 11.06
N LYS D 209 -14.25 -14.29 10.10
CA LYS D 209 -13.94 -12.87 10.26
C LYS D 209 -14.48 -12.27 11.56
N TRP D 210 -15.68 -12.67 11.96
CA TRP D 210 -16.36 -12.05 13.10
C TRP D 210 -15.42 -11.83 14.27
N ILE D 211 -14.58 -12.82 14.55
CA ILE D 211 -13.72 -12.74 15.75
C ILE D 211 -12.77 -11.52 15.75
N HIS D 212 -12.50 -10.94 14.58
CA HIS D 212 -11.67 -9.72 14.46
C HIS D 212 -12.40 -8.45 14.90
N CYS D 213 -13.72 -8.51 15.05
CA CYS D 213 -14.46 -7.40 15.60
C CYS D 213 -15.23 -7.86 16.81
N PHE D 214 -14.52 -8.57 17.72
CA PHE D 214 -15.05 -9.01 19.02
C PHE D 214 -14.38 -8.21 20.11
N GLU D 215 -13.77 -7.09 19.76
CA GLU D 215 -12.70 -6.52 20.59
C GLU D 215 -13.17 -5.85 21.90
N ASN D 216 -13.69 -4.63 21.85
CA ASN D 216 -14.29 -4.04 23.05
C ASN D 216 -15.79 -3.96 22.85
N VAL D 217 -16.44 -5.11 22.84
CA VAL D 217 -17.87 -5.18 22.57
C VAL D 217 -18.65 -4.90 23.85
N THR D 218 -19.61 -3.99 23.75
CA THR D 218 -20.44 -3.60 24.86
C THR D 218 -21.76 -4.38 24.90
N SER D 219 -22.33 -4.67 23.73
CA SER D 219 -23.58 -5.43 23.67
C SER D 219 -23.75 -6.14 22.34
N ILE D 220 -24.32 -7.34 22.37
CA ILE D 220 -24.50 -8.18 21.17
C ILE D 220 -25.95 -8.20 20.72
N MET D 221 -26.28 -7.35 19.75
CA MET D 221 -27.61 -7.35 19.18
C MET D 221 -27.67 -8.57 18.26
N PHE D 222 -28.46 -9.57 18.64
CA PHE D 222 -28.58 -10.81 17.85
C PHE D 222 -29.94 -10.90 17.18
N LEU D 223 -29.94 -10.95 15.86
CA LEU D 223 -31.18 -10.98 15.07
C LEU D 223 -31.60 -12.40 14.63
N VAL D 224 -32.88 -12.72 14.80
CA VAL D 224 -33.44 -13.97 14.32
C VAL D 224 -34.67 -13.66 13.51
N ALA D 225 -34.82 -14.31 12.36
CA ALA D 225 -35.92 -14.03 11.44
C ALA D 225 -37.05 -14.96 11.77
N LEU D 226 -38.08 -14.44 12.42
CA LEU D 226 -39.18 -15.29 12.89
C LEU D 226 -39.72 -16.23 11.82
N SER D 227 -39.70 -15.78 10.57
CA SER D 227 -40.20 -16.57 9.46
C SER D 227 -39.23 -17.64 8.95
N GLU D 228 -38.07 -17.81 9.62
CA GLU D 228 -37.08 -18.82 9.22
C GLU D 228 -37.57 -20.22 9.52
N TYR D 229 -38.48 -20.34 10.49
CA TYR D 229 -38.86 -21.64 11.02
C TYR D 229 -39.15 -22.76 9.99
N ASP D 230 -39.61 -22.42 8.80
CA ASP D 230 -39.92 -23.46 7.79
C ASP D 230 -38.86 -23.70 6.70
N GLN D 231 -37.83 -22.87 6.62
CA GLN D 231 -36.88 -22.92 5.51
C GLN D 231 -35.62 -23.70 5.86
N VAL D 232 -34.76 -23.95 4.85
CA VAL D 232 -33.45 -24.60 5.03
C VAL D 232 -32.32 -23.65 4.59
N LEU D 233 -31.12 -23.88 5.13
CA LEU D 233 -29.97 -22.99 4.90
C LEU D 233 -29.51 -22.91 3.46
N VAL D 234 -29.18 -21.69 3.03
CA VAL D 234 -28.74 -21.41 1.65
C VAL D 234 -27.46 -22.18 1.34
N GLU D 235 -26.51 -22.11 2.27
CA GLU D 235 -25.23 -22.78 2.12
C GLU D 235 -25.35 -24.30 2.22
N SER D 236 -26.16 -24.81 3.14
CA SER D 236 -26.24 -26.27 3.42
C SER D 236 -27.68 -26.76 3.64
N ASP D 237 -28.25 -27.42 2.64
CA ASP D 237 -29.72 -27.55 2.49
C ASP D 237 -30.38 -28.76 3.17
N ASN D 238 -29.76 -29.27 4.24
CA ASN D 238 -30.33 -30.36 5.03
C ASN D 238 -30.85 -29.87 6.38
N GLU D 239 -30.58 -28.61 6.71
CA GLU D 239 -30.63 -28.13 8.10
C GLU D 239 -31.54 -26.91 8.27
N ASN D 240 -32.46 -27.00 9.24
CA ASN D 240 -33.49 -25.98 9.41
C ASN D 240 -32.90 -24.65 9.82
N ARG D 241 -33.43 -23.60 9.21
CA ARG D 241 -32.86 -22.27 9.34
C ARG D 241 -32.95 -21.69 10.74
N MET D 242 -33.93 -22.13 11.53
CA MET D 242 -34.02 -21.70 12.91
C MET D 242 -33.13 -22.57 13.77
N GLU D 243 -33.14 -23.89 13.53
CA GLU D 243 -32.21 -24.82 14.20
C GLU D 243 -30.78 -24.25 14.22
N GLU D 244 -30.41 -23.52 13.18
CA GLU D 244 -29.06 -22.99 13.03
C GLU D 244 -28.92 -21.61 13.67
N SER D 245 -29.94 -20.76 13.52
CA SER D 245 -29.98 -19.49 14.24
C SER D 245 -29.86 -19.74 15.74
N LYS D 246 -30.54 -20.80 16.18
CA LYS D 246 -30.55 -21.26 17.57
C LYS D 246 -29.16 -21.69 18.02
N ALA D 247 -28.52 -22.56 17.24
CA ALA D 247 -27.17 -23.07 17.55
C ALA D 247 -26.13 -21.97 17.65
N LEU D 248 -26.12 -21.11 16.63
CA LEU D 248 -25.27 -19.91 16.59
C LEU D 248 -25.43 -19.03 17.84
N PHE D 249 -26.67 -18.84 18.25
CA PHE D 249 -26.97 -18.00 19.40
C PHE D 249 -26.28 -18.55 20.63
N ARG D 250 -26.60 -19.79 21.00
CA ARG D 250 -25.97 -20.46 22.14
C ARG D 250 -24.43 -20.47 22.01
N THR D 251 -23.91 -20.65 20.81
CA THR D 251 -22.45 -20.65 20.61
C THR D 251 -21.78 -19.31 20.95
N ILE D 252 -22.43 -18.20 20.62
CA ILE D 252 -21.91 -16.86 20.90
C ILE D 252 -22.07 -16.50 22.36
N ILE D 253 -23.30 -16.58 22.85
CA ILE D 253 -23.64 -16.37 24.27
C ILE D 253 -22.65 -17.07 25.22
N THR D 254 -22.26 -18.29 24.86
CA THR D 254 -21.30 -19.07 25.63
C THR D 254 -19.90 -18.48 25.59
N TYR D 255 -19.49 -17.96 24.44
CA TYR D 255 -18.12 -17.48 24.25
C TYR D 255 -17.68 -16.52 25.38
N PRO D 256 -16.53 -16.80 26.03
CA PRO D 256 -16.22 -16.11 27.26
C PRO D 256 -15.71 -14.67 27.19
N TRP D 257 -15.67 -14.03 26.01
CA TRP D 257 -15.41 -12.58 25.98
C TRP D 257 -16.69 -11.77 26.04
N PHE D 258 -17.83 -12.46 25.94
CA PHE D 258 -19.13 -11.81 25.92
C PHE D 258 -19.86 -11.93 27.26
N GLN D 259 -19.16 -12.34 28.30
CA GLN D 259 -19.76 -12.44 29.64
C GLN D 259 -19.83 -11.06 30.30
N ASN D 260 -19.02 -10.12 29.83
CA ASN D 260 -19.05 -8.76 30.33
C ASN D 260 -19.73 -7.85 29.31
N SER D 261 -20.72 -8.40 28.61
CA SER D 261 -21.42 -7.71 27.52
C SER D 261 -22.86 -8.19 27.46
N SER D 262 -23.81 -7.25 27.47
CA SER D 262 -25.23 -7.62 27.47
C SER D 262 -25.63 -8.21 26.13
N VAL D 263 -26.73 -8.95 26.09
CA VAL D 263 -27.24 -9.52 24.83
C VAL D 263 -28.72 -9.17 24.63
N ILE D 264 -29.03 -8.69 23.43
CA ILE D 264 -30.35 -8.19 23.10
C ILE D 264 -30.86 -8.93 21.86
N LEU D 265 -31.93 -9.72 22.04
CA LEU D 265 -32.43 -10.60 21.00
C LEU D 265 -33.56 -9.90 20.24
N PHE D 266 -33.33 -9.57 18.98
CA PHE D 266 -34.37 -8.99 18.12
C PHE D 266 -35.01 -10.03 17.19
N LEU D 267 -36.12 -10.62 17.61
CA LEU D 267 -36.83 -11.56 16.74
C LEU D 267 -37.44 -10.75 15.60
N ASN D 268 -36.85 -10.83 14.42
CA ASN D 268 -37.21 -9.92 13.33
C ASN D 268 -38.35 -10.47 12.48
N LYS D 269 -38.61 -9.79 11.37
CA LYS D 269 -39.53 -10.27 10.33
C LYS D 269 -40.81 -10.85 10.92
N LYS D 270 -41.37 -10.13 11.87
CA LYS D 270 -42.62 -10.53 12.52
C LYS D 270 -43.78 -10.43 11.56
N ASP D 271 -43.79 -9.39 10.76
CA ASP D 271 -44.83 -9.23 9.75
C ASP D 271 -44.90 -10.44 8.83
N LEU D 272 -43.77 -11.01 8.46
CA LEU D 272 -43.73 -12.18 7.58
C LEU D 272 -44.25 -13.42 8.27
N LEU D 273 -43.86 -13.64 9.53
CA LEU D 273 -44.40 -14.74 10.32
C LEU D 273 -45.92 -14.65 10.40
N GLU D 274 -46.40 -13.44 10.63
CA GLU D 274 -47.83 -13.18 10.82
C GLU D 274 -48.64 -13.66 9.63
N GLU D 275 -48.15 -13.39 8.42
CA GLU D 275 -48.81 -13.85 7.21
C GLU D 275 -48.50 -15.33 6.91
N LYS D 276 -47.27 -15.76 7.18
CA LYS D 276 -46.82 -17.12 6.89
C LYS D 276 -47.49 -18.19 7.77
N ILE D 277 -47.77 -17.84 9.03
CA ILE D 277 -48.27 -18.82 10.01
C ILE D 277 -49.69 -19.28 9.71
N MET D 278 -50.33 -18.64 8.74
CA MET D 278 -51.67 -19.03 8.33
C MET D 278 -51.67 -20.29 7.44
N TYR D 279 -50.70 -20.40 6.52
CA TYR D 279 -50.50 -21.66 5.77
C TYR D 279 -49.47 -22.57 6.46
N SER D 280 -48.19 -22.23 6.37
CA SER D 280 -47.12 -23.09 6.90
C SER D 280 -47.19 -23.15 8.42
N HIS D 281 -47.45 -24.36 8.96
CA HIS D 281 -47.63 -24.54 10.43
C HIS D 281 -46.31 -24.76 11.19
N LEU D 282 -46.19 -24.18 12.37
CA LEU D 282 -44.99 -24.40 13.17
C LEU D 282 -44.82 -25.86 13.55
N VAL D 283 -45.82 -26.45 14.20
CA VAL D 283 -45.66 -27.77 14.84
C VAL D 283 -44.96 -28.80 13.97
N ASP D 284 -45.10 -28.69 12.66
CA ASP D 284 -44.45 -29.58 11.70
C ASP D 284 -42.93 -29.44 11.62
N TYR D 285 -42.39 -28.32 12.08
CA TYR D 285 -40.95 -28.08 12.07
C TYR D 285 -40.38 -28.09 13.49
N PHE D 286 -41.20 -27.69 14.45
CA PHE D 286 -40.85 -27.79 15.85
C PHE D 286 -42.01 -28.43 16.58
N PRO D 287 -41.89 -29.75 16.88
CA PRO D 287 -42.99 -30.50 17.47
C PRO D 287 -43.11 -30.30 18.99
N GLU D 288 -42.14 -29.62 19.58
CA GLU D 288 -42.19 -29.33 21.00
C GLU D 288 -43.30 -28.33 21.28
N TYR D 289 -43.56 -27.45 20.30
CA TYR D 289 -44.58 -26.40 20.40
C TYR D 289 -45.98 -27.01 20.49
N ASP D 290 -46.58 -26.90 21.67
CA ASP D 290 -47.88 -27.54 21.96
C ASP D 290 -49.07 -26.54 21.89
N GLY D 291 -48.84 -25.39 21.26
CA GLY D 291 -49.87 -24.36 21.09
C GLY D 291 -50.68 -24.54 19.83
N PRO D 292 -51.59 -23.58 19.55
CA PRO D 292 -52.52 -23.67 18.43
C PRO D 292 -51.95 -23.28 17.08
N GLN D 293 -52.71 -23.58 16.03
CA GLN D 293 -52.32 -23.27 14.66
C GLN D 293 -52.87 -21.93 14.18
N ARG D 294 -52.19 -21.31 13.22
CA ARG D 294 -52.59 -20.02 12.65
C ARG D 294 -52.66 -18.88 13.68
N ASP D 295 -52.06 -19.09 14.85
CA ASP D 295 -52.00 -18.07 15.89
C ASP D 295 -50.66 -17.36 15.80
N ALA D 296 -50.69 -16.19 15.16
CA ALA D 296 -49.49 -15.39 14.92
C ALA D 296 -48.66 -15.27 16.18
N GLN D 297 -49.33 -14.93 17.28
CA GLN D 297 -48.64 -14.63 18.53
C GLN D 297 -48.10 -15.90 19.20
N ALA D 298 -49.01 -16.84 19.50
CA ALA D 298 -48.63 -18.04 20.23
C ALA D 298 -47.30 -18.59 19.73
N ALA D 299 -47.11 -18.57 18.40
CA ALA D 299 -45.86 -19.03 17.80
C ALA D 299 -44.67 -18.25 18.31
N ARG D 300 -44.61 -16.97 17.95
CA ARG D 300 -43.45 -16.13 18.31
C ARG D 300 -43.14 -16.21 19.80
N GLU D 301 -44.18 -16.14 20.63
CA GLU D 301 -44.07 -16.41 22.06
C GLU D 301 -43.16 -17.63 22.32
N PHE D 302 -43.47 -18.74 21.64
CA PHE D 302 -42.72 -19.99 21.79
C PHE D 302 -41.33 -19.89 21.23
N ILE D 303 -41.21 -19.27 20.06
CA ILE D 303 -39.91 -19.14 19.44
C ILE D 303 -38.99 -18.35 20.36
N LEU D 304 -39.50 -17.26 20.92
CA LEU D 304 -38.76 -16.49 21.92
C LEU D 304 -38.32 -17.38 23.07
N LYS D 305 -39.24 -18.20 23.57
CA LYS D 305 -38.94 -19.10 24.69
C LYS D 305 -37.76 -20.02 24.39
N MET D 306 -37.68 -20.51 23.16
CA MET D 306 -36.61 -21.45 22.80
C MET D 306 -35.28 -20.78 23.07
N PHE D 307 -35.13 -19.57 22.54
CA PHE D 307 -33.88 -18.85 22.60
C PHE D 307 -33.53 -18.42 24.02
N VAL D 308 -34.46 -17.75 24.70
CA VAL D 308 -34.18 -17.27 26.07
C VAL D 308 -33.78 -18.40 27.00
N ASP D 309 -34.22 -19.62 26.71
CA ASP D 309 -33.89 -20.77 27.54
C ASP D 309 -32.42 -21.20 27.37
N LEU D 310 -31.82 -20.88 26.22
CA LEU D 310 -30.42 -21.22 25.97
C LEU D 310 -29.51 -20.23 26.68
N ASN D 311 -30.12 -19.27 27.38
CA ASN D 311 -29.38 -18.41 28.31
C ASN D 311 -28.79 -19.27 29.42
N PRO D 312 -27.45 -19.31 29.51
CA PRO D 312 -26.77 -20.10 30.53
C PRO D 312 -26.65 -19.40 31.89
N ASP D 313 -26.02 -18.22 31.91
CA ASP D 313 -25.82 -17.46 33.14
C ASP D 313 -27.19 -17.07 33.71
N SER D 314 -27.49 -17.47 34.95
CA SER D 314 -28.80 -17.18 35.56
C SER D 314 -28.81 -15.87 36.36
N ASP D 315 -27.69 -15.15 36.38
CA ASP D 315 -27.62 -13.84 37.04
C ASP D 315 -27.67 -12.68 36.03
N LYS D 316 -28.06 -12.97 34.79
CA LYS D 316 -28.08 -11.97 33.71
C LYS D 316 -29.36 -12.10 32.90
N ILE D 317 -30.10 -11.00 32.77
CA ILE D 317 -31.30 -10.98 31.94
C ILE D 317 -30.88 -10.86 30.47
N ILE D 318 -31.75 -11.27 29.57
CA ILE D 318 -31.42 -11.43 28.17
C ILE D 318 -32.54 -10.79 27.34
N TYR D 319 -32.40 -9.48 27.19
CA TYR D 319 -33.45 -8.58 26.71
C TYR D 319 -33.95 -8.98 25.33
N SER D 320 -35.26 -8.91 25.10
CA SER D 320 -35.86 -9.29 23.80
C SER D 320 -36.89 -8.30 23.28
N HIS D 321 -37.07 -8.31 21.96
CA HIS D 321 -38.00 -7.44 21.26
C HIS D 321 -38.40 -8.00 19.88
N PHE D 322 -39.70 -8.00 19.60
CA PHE D 322 -40.17 -8.43 18.29
C PHE D 322 -40.14 -7.23 17.34
N THR D 323 -39.43 -7.37 16.23
CA THR D 323 -39.26 -6.24 15.32
C THR D 323 -39.66 -6.55 13.88
N CYS D 324 -40.05 -5.49 13.17
CA CYS D 324 -40.13 -5.52 11.72
C CYS D 324 -39.19 -4.46 11.14
N ALA D 325 -38.05 -4.88 10.62
CA ALA D 325 -36.95 -3.96 10.29
C ALA D 325 -37.25 -3.01 9.13
N THR D 326 -38.30 -3.27 8.36
CA THR D 326 -38.69 -2.36 7.28
C THR D 326 -39.78 -1.38 7.71
N ASP D 327 -39.99 -1.25 9.02
CA ASP D 327 -41.07 -0.43 9.57
C ASP D 327 -40.41 0.66 10.40
N THR D 328 -40.01 1.74 9.74
CA THR D 328 -39.19 2.77 10.40
C THR D 328 -39.77 3.16 11.76
N GLU D 329 -41.07 3.42 11.82
CA GLU D 329 -41.72 3.84 13.07
C GLU D 329 -41.77 2.79 14.18
N ASN D 330 -41.72 1.50 13.80
CA ASN D 330 -41.55 0.44 14.80
C ASN D 330 -40.11 0.39 15.31
N ILE D 331 -39.15 0.40 14.39
CA ILE D 331 -37.75 0.40 14.78
C ILE D 331 -37.38 1.65 15.57
N ARG D 332 -37.98 2.79 15.24
CA ARG D 332 -37.76 4.02 16.00
C ARG D 332 -38.08 3.78 17.48
N PHE D 333 -39.22 3.11 17.73
CA PHE D 333 -39.65 2.84 19.10
C PHE D 333 -38.76 1.81 19.80
N VAL D 334 -38.33 0.79 19.06
CA VAL D 334 -37.56 -0.28 19.69
C VAL D 334 -36.18 0.24 20.11
N PHE D 335 -35.38 0.75 19.17
CA PHE D 335 -34.04 1.26 19.50
C PHE D 335 -34.10 2.38 20.56
N ALA D 336 -35.16 3.18 20.53
CA ALA D 336 -35.42 4.18 21.56
C ALA D 336 -35.41 3.54 22.95
N ALA D 337 -36.20 2.49 23.12
CA ALA D 337 -36.28 1.76 24.38
C ALA D 337 -35.01 0.94 24.68
N VAL D 338 -34.39 0.38 23.65
CA VAL D 338 -33.15 -0.37 23.82
C VAL D 338 -32.06 0.52 24.41
N LYS D 339 -31.93 1.75 23.89
CA LYS D 339 -30.87 2.65 24.35
C LYS D 339 -30.95 2.90 25.85
N ASP D 340 -32.12 3.34 26.31
CA ASP D 340 -32.36 3.65 27.73
C ASP D 340 -32.07 2.46 28.66
N THR D 341 -31.92 1.27 28.08
CA THR D 341 -31.49 0.07 28.80
C THR D 341 -29.98 -0.09 28.69
N ILE D 342 -29.45 0.06 27.48
CA ILE D 342 -28.03 -0.07 27.27
C ILE D 342 -27.26 1.02 28.03
N LEU D 343 -27.71 2.26 27.91
CA LEU D 343 -27.14 3.34 28.71
C LEU D 343 -27.23 3.05 30.21
N GLN D 344 -28.40 2.59 30.65
CA GLN D 344 -28.66 2.24 32.05
C GLN D 344 -27.62 1.27 32.61
N LEU D 345 -27.27 0.26 31.83
CA LEU D 345 -26.28 -0.73 32.26
C LEU D 345 -24.89 -0.10 32.27
N ASN D 346 -24.40 0.32 31.11
CA ASN D 346 -23.03 0.86 31.00
C ASN D 346 -22.72 2.06 31.89
N LEU D 347 -23.74 2.75 32.38
CA LEU D 347 -23.56 3.77 33.39
C LEU D 347 -23.17 3.10 34.71
N LYS D 348 -23.97 2.13 35.13
CA LYS D 348 -23.71 1.40 36.36
C LYS D 348 -22.37 0.69 36.35
N GLU D 349 -21.98 0.16 35.20
CA GLU D 349 -20.74 -0.60 35.08
C GLU D 349 -19.51 0.29 34.84
N TYR D 350 -19.69 1.61 35.00
CA TYR D 350 -18.58 2.55 34.89
C TYR D 350 -17.86 2.43 33.55
N ASN D 351 -18.62 2.40 32.46
CA ASN D 351 -18.08 2.51 31.10
C ASN D 351 -18.39 3.88 30.49
N LEU D 352 -19.07 4.75 31.26
CA LEU D 352 -19.34 6.15 30.91
C LEU D 352 -19.30 7.00 32.19
N GLU E 2 -13.41 -39.13 68.42
CA GLU E 2 -13.21 -40.17 67.38
C GLU E 2 -14.42 -40.16 66.44
N GLU E 3 -15.60 -40.39 67.02
CA GLU E 3 -16.87 -40.23 66.31
C GLU E 3 -17.44 -38.84 66.66
N GLU E 4 -17.32 -38.47 67.94
CA GLU E 4 -17.71 -37.16 68.42
C GLU E 4 -16.64 -36.09 68.17
N GLN E 5 -15.70 -36.38 67.26
CA GLN E 5 -14.80 -35.36 66.70
C GLN E 5 -15.31 -34.88 65.34
N LYS E 6 -16.23 -35.63 64.74
CA LYS E 6 -16.95 -35.20 63.53
C LYS E 6 -18.15 -34.31 63.87
N LYS E 7 -18.67 -34.45 65.10
CA LYS E 7 -19.78 -33.63 65.60
C LYS E 7 -19.34 -32.19 65.82
N LYS E 8 -18.13 -32.02 66.37
CA LYS E 8 -17.54 -30.70 66.60
C LYS E 8 -17.00 -30.06 65.31
N ALA E 9 -16.84 -30.86 64.26
CA ALA E 9 -16.47 -30.35 62.95
C ALA E 9 -17.61 -29.60 62.29
N LEU E 10 -18.81 -30.19 62.33
CA LEU E 10 -19.99 -29.60 61.66
C LEU E 10 -20.45 -28.28 62.27
N GLU E 11 -20.89 -28.32 63.52
CA GLU E 11 -21.52 -27.16 64.17
C GLU E 11 -20.67 -25.89 64.13
N ARG E 12 -19.37 -26.02 64.30
CA ARG E 12 -18.45 -24.87 64.23
C ARG E 12 -18.46 -24.26 62.84
N SER E 13 -18.68 -25.10 61.82
CA SER E 13 -18.76 -24.61 60.44
C SER E 13 -19.99 -23.76 60.23
N MET E 14 -21.14 -24.21 60.75
CA MET E 14 -22.39 -23.46 60.56
C MET E 14 -22.28 -22.05 61.13
N TYR E 15 -21.49 -21.88 62.17
CA TYR E 15 -21.14 -20.55 62.70
C TYR E 15 -20.40 -19.70 61.65
N VAL E 16 -19.48 -20.34 60.92
CA VAL E 16 -18.69 -19.65 59.89
C VAL E 16 -19.54 -19.31 58.66
N LEU E 17 -20.32 -20.28 58.21
CA LEU E 17 -21.25 -20.07 57.09
C LEU E 17 -22.27 -19.00 57.41
N SER E 18 -22.80 -19.02 58.64
CA SER E 18 -23.80 -18.03 59.06
C SER E 18 -23.21 -16.64 59.30
N GLU E 19 -21.89 -16.54 59.47
CA GLU E 19 -21.23 -15.22 59.54
C GLU E 19 -21.22 -14.61 58.16
N LEU E 20 -20.72 -15.38 57.19
CA LEU E 20 -20.74 -15.01 55.78
C LEU E 20 -22.13 -14.52 55.35
N VAL E 21 -23.14 -15.35 55.59
CA VAL E 21 -24.53 -15.04 55.24
C VAL E 21 -25.05 -13.77 55.91
N GLU E 22 -24.71 -13.60 57.19
CA GLU E 22 -25.15 -12.42 57.97
C GLU E 22 -24.26 -11.19 57.75
N THR E 23 -23.04 -11.38 57.26
CA THR E 23 -22.19 -10.26 56.87
C THR E 23 -22.50 -9.81 55.44
N GLU E 24 -22.84 -10.77 54.57
CA GLU E 24 -23.28 -10.45 53.22
C GLU E 24 -24.51 -9.53 53.26
N LYS E 25 -25.30 -9.63 54.32
CA LYS E 25 -26.43 -8.73 54.50
C LYS E 25 -25.97 -7.33 54.87
N MET E 26 -25.25 -7.20 55.97
CA MET E 26 -24.82 -5.87 56.42
C MET E 26 -23.98 -5.18 55.34
N TYR E 27 -23.31 -5.96 54.50
CA TYR E 27 -22.54 -5.44 53.37
C TYR E 27 -23.47 -4.90 52.28
N VAL E 28 -24.52 -5.66 51.96
CA VAL E 28 -25.49 -5.25 50.96
C VAL E 28 -26.09 -3.89 51.29
N ASP E 29 -26.59 -3.76 52.52
CA ASP E 29 -27.24 -2.50 52.94
C ASP E 29 -26.21 -1.39 53.17
N ASP E 30 -24.95 -1.77 53.42
CA ASP E 30 -23.83 -0.81 53.48
C ASP E 30 -23.49 -0.26 52.08
N LEU E 31 -23.61 -1.11 51.08
CA LEU E 31 -23.53 -0.63 49.70
C LEU E 31 -24.81 0.14 49.36
N GLY E 32 -25.94 -0.29 49.93
CA GLY E 32 -27.22 0.42 49.79
C GLY E 32 -27.22 1.82 50.39
N GLN E 33 -26.29 2.07 51.31
CA GLN E 33 -26.04 3.44 51.76
C GLN E 33 -25.32 4.23 50.68
N ILE E 34 -24.37 3.60 49.98
CA ILE E 34 -23.62 4.26 48.90
C ILE E 34 -24.51 4.58 47.72
N VAL E 35 -25.20 3.54 47.25
CA VAL E 35 -25.95 3.59 45.99
C VAL E 35 -27.20 4.45 46.07
N GLU E 36 -28.11 4.09 46.97
CA GLU E 36 -29.41 4.77 47.04
C GLU E 36 -29.45 5.86 48.11
N GLY E 37 -28.30 6.17 48.69
CA GLY E 37 -28.18 7.29 49.61
C GLY E 37 -27.40 8.44 48.98
N TYR E 38 -26.09 8.24 48.81
CA TYR E 38 -25.19 9.28 48.32
C TYR E 38 -25.39 9.59 46.83
N MET E 39 -25.65 8.55 46.05
CA MET E 39 -25.84 8.71 44.59
C MET E 39 -27.27 9.11 44.22
N ALA E 40 -28.23 8.66 45.02
CA ALA E 40 -29.65 8.99 44.78
C ALA E 40 -29.92 10.45 45.17
N THR E 41 -29.39 10.85 46.31
CA THR E 41 -29.59 12.21 46.82
C THR E 41 -28.89 13.24 45.93
N MET E 42 -27.71 12.89 45.43
CA MET E 42 -26.96 13.86 44.62
C MET E 42 -27.47 13.91 43.16
N ALA E 43 -28.27 12.92 42.76
CA ALA E 43 -28.96 12.95 41.46
C ALA E 43 -30.21 13.82 41.53
N ALA E 44 -30.90 13.80 42.67
CA ALA E 44 -32.14 14.57 42.84
C ALA E 44 -31.85 16.06 43.08
N GLN E 45 -30.93 16.34 44.01
CA GLN E 45 -30.59 17.71 44.38
C GLN E 45 -29.83 18.42 43.25
N GLY E 46 -28.71 17.84 42.85
CA GLY E 46 -27.91 18.40 41.75
C GLY E 46 -26.42 18.12 41.89
N VAL E 47 -25.71 18.18 40.76
CA VAL E 47 -24.27 17.90 40.72
C VAL E 47 -23.48 19.19 40.92
N PRO E 48 -22.50 19.19 41.85
CA PRO E 48 -21.65 20.39 42.04
C PRO E 48 -20.79 20.74 40.82
N GLU E 49 -20.54 22.03 40.62
CA GLU E 49 -19.82 22.53 39.44
C GLU E 49 -18.33 22.16 39.46
N SER E 50 -17.77 22.02 40.65
CA SER E 50 -16.39 21.54 40.80
C SER E 50 -16.29 20.03 40.52
N LEU E 51 -17.38 19.30 40.80
CA LEU E 51 -17.40 17.84 40.69
C LEU E 51 -18.18 17.32 39.48
N ARG E 52 -18.60 18.22 38.58
CA ARG E 52 -19.53 17.82 37.48
C ARG E 52 -18.86 16.88 36.45
N GLY E 53 -17.63 17.18 36.07
CA GLY E 53 -16.87 16.34 35.15
C GLY E 53 -16.37 15.04 35.76
N ARG E 54 -16.46 14.90 37.09
CA ARG E 54 -15.95 13.73 37.80
C ARG E 54 -16.97 13.10 38.78
N ASP E 55 -18.26 13.27 38.51
CA ASP E 55 -19.33 12.65 39.30
C ASP E 55 -19.09 11.13 39.44
N ARG E 56 -18.87 10.48 38.31
CA ARG E 56 -18.79 9.02 38.27
C ARG E 56 -17.50 8.50 38.88
N ILE E 57 -16.40 9.20 38.65
CA ILE E 57 -15.07 8.71 39.05
C ILE E 57 -15.00 8.40 40.55
N VAL E 58 -15.86 9.04 41.34
CA VAL E 58 -15.95 8.78 42.78
C VAL E 58 -16.51 7.39 43.06
N PHE E 59 -17.66 7.10 42.50
CA PHE E 59 -18.40 5.89 42.84
C PHE E 59 -18.07 4.69 41.96
N GLY E 60 -17.13 4.85 41.02
CA GLY E 60 -16.71 3.76 40.15
C GLY E 60 -17.88 2.96 39.62
N ASN E 61 -17.71 1.63 39.57
CA ASN E 61 -18.77 0.71 39.14
C ASN E 61 -19.60 0.17 40.30
N ILE E 62 -19.63 0.91 41.41
CA ILE E 62 -20.20 0.39 42.65
C ILE E 62 -21.68 0.04 42.50
N GLN E 63 -22.35 0.66 41.53
CA GLN E 63 -23.77 0.42 41.33
C GLN E 63 -23.99 -0.97 40.73
N GLN E 64 -23.09 -1.38 39.83
CA GLN E 64 -23.11 -2.72 39.25
C GLN E 64 -22.90 -3.81 40.30
N ILE E 65 -21.97 -3.56 41.23
CA ILE E 65 -21.64 -4.54 42.25
C ILE E 65 -22.86 -4.74 43.12
N TYR E 66 -23.34 -3.65 43.73
CA TYR E 66 -24.49 -3.66 44.63
C TYR E 66 -25.63 -4.50 44.09
N GLU E 67 -26.08 -4.15 42.89
CA GLU E 67 -27.26 -4.78 42.32
C GLU E 67 -27.04 -6.27 42.02
N TRP E 68 -25.79 -6.68 41.81
CA TRP E 68 -25.50 -8.11 41.67
C TRP E 68 -25.69 -8.82 43.01
N HIS E 69 -25.01 -8.31 44.04
CA HIS E 69 -25.05 -8.94 45.36
C HIS E 69 -26.47 -8.97 45.92
N ARG E 70 -27.14 -7.81 45.88
CA ARG E 70 -28.52 -7.67 46.37
C ARG E 70 -29.48 -8.66 45.71
N ASP E 71 -29.51 -8.64 44.39
CA ASP E 71 -30.55 -9.33 43.65
C ASP E 71 -30.22 -10.75 43.23
N TYR E 72 -28.97 -11.17 43.38
CA TYR E 72 -28.63 -12.56 43.10
C TYR E 72 -27.75 -13.23 44.16
N PHE E 73 -26.54 -12.71 44.39
CA PHE E 73 -25.57 -13.44 45.24
C PHE E 73 -26.05 -13.61 46.69
N LEU E 74 -26.54 -12.54 47.29
CA LEU E 74 -27.07 -12.62 48.63
C LEU E 74 -28.03 -13.79 48.70
N GLN E 75 -29.12 -13.69 47.94
CA GLN E 75 -30.19 -14.69 47.95
C GLN E 75 -29.69 -16.12 47.81
N GLU E 76 -28.59 -16.31 47.08
CA GLU E 76 -28.01 -17.64 46.90
C GLU E 76 -27.20 -18.07 48.12
N LEU E 77 -26.64 -17.11 48.86
CA LEU E 77 -26.03 -17.43 50.15
C LEU E 77 -27.08 -17.84 51.20
N GLN E 78 -28.30 -17.33 51.07
CA GLN E 78 -29.40 -17.76 51.94
C GLN E 78 -29.80 -19.21 51.66
N ARG E 79 -29.79 -19.60 50.39
CA ARG E 79 -29.99 -20.99 50.02
C ARG E 79 -28.86 -21.88 50.55
N CYS E 80 -27.66 -21.31 50.68
CA CYS E 80 -26.50 -22.04 51.20
C CYS E 80 -26.55 -22.32 52.70
N LEU E 81 -27.34 -21.54 53.45
CA LEU E 81 -27.48 -21.76 54.90
C LEU E 81 -28.30 -23.02 55.20
N LYS E 82 -29.30 -23.30 54.36
CA LYS E 82 -30.12 -24.50 54.50
C LYS E 82 -29.66 -25.62 53.55
N ASP E 83 -28.49 -25.43 52.93
CA ASP E 83 -27.88 -26.42 52.03
C ASP E 83 -26.40 -26.04 51.86
N PRO E 84 -25.57 -26.37 52.86
CA PRO E 84 -24.16 -25.96 52.88
C PRO E 84 -23.26 -26.71 51.91
N ASP E 85 -23.73 -27.85 51.39
CA ASP E 85 -22.99 -28.61 50.38
C ASP E 85 -23.00 -27.85 49.03
N TRP E 86 -24.05 -27.04 48.82
CA TRP E 86 -24.26 -26.31 47.56
C TRP E 86 -23.34 -25.08 47.42
N LEU E 87 -22.70 -24.67 48.51
CA LEU E 87 -21.94 -23.40 48.57
C LEU E 87 -20.68 -23.39 47.69
N ALA E 88 -19.89 -24.47 47.74
CA ALA E 88 -18.61 -24.53 47.01
C ALA E 88 -18.80 -24.41 45.50
N GLN E 89 -19.78 -25.13 44.97
CA GLN E 89 -20.12 -25.07 43.55
C GLN E 89 -20.50 -23.66 43.10
N LEU E 90 -21.03 -22.86 44.04
CA LEU E 90 -21.53 -21.52 43.76
C LEU E 90 -20.42 -20.50 43.59
N PHE E 91 -19.36 -20.63 44.37
CA PHE E 91 -18.23 -19.71 44.27
C PHE E 91 -17.38 -19.97 43.02
N ILE E 92 -17.41 -21.20 42.52
CA ILE E 92 -16.80 -21.52 41.24
C ILE E 92 -17.63 -20.84 40.15
N LYS E 93 -18.91 -21.24 40.08
CA LYS E 93 -19.86 -20.75 39.09
C LYS E 93 -19.59 -19.31 38.63
N HIS E 94 -19.39 -18.41 39.58
CA HIS E 94 -19.32 -16.98 39.28
C HIS E 94 -17.92 -16.42 39.44
N GLU E 95 -16.93 -17.08 38.86
CA GLU E 95 -15.58 -16.52 38.84
C GLU E 95 -15.56 -15.26 37.97
N ARG E 96 -16.16 -15.36 36.78
CA ARG E 96 -16.21 -14.26 35.79
C ARG E 96 -16.87 -12.98 36.30
N ARG E 97 -17.90 -13.12 37.14
CA ARG E 97 -18.67 -11.96 37.58
C ARG E 97 -17.83 -11.09 38.46
N LEU E 98 -16.94 -11.70 39.23
CA LEU E 98 -16.15 -10.98 40.21
C LEU E 98 -15.10 -10.06 39.54
N HIS E 99 -15.00 -10.14 38.22
CA HIS E 99 -14.30 -9.13 37.42
C HIS E 99 -14.63 -7.71 37.86
N MET E 100 -15.90 -7.45 38.19
CA MET E 100 -16.34 -6.10 38.60
C MET E 100 -15.55 -5.51 39.75
N TYR E 101 -14.94 -6.37 40.57
CA TYR E 101 -14.07 -5.92 41.66
C TYR E 101 -12.75 -5.39 41.11
N VAL E 102 -12.29 -5.93 39.98
CA VAL E 102 -11.07 -5.43 39.33
C VAL E 102 -11.25 -3.98 38.88
N VAL E 103 -12.34 -3.72 38.17
CA VAL E 103 -12.66 -2.38 37.66
C VAL E 103 -12.73 -1.38 38.81
N TYR E 104 -13.31 -1.82 39.93
CA TYR E 104 -13.45 -0.96 41.13
C TYR E 104 -12.13 -0.67 41.81
N CYS E 105 -11.36 -1.74 42.03
CA CYS E 105 -10.06 -1.60 42.68
C CYS E 105 -9.17 -0.66 41.91
N GLN E 106 -9.13 -0.83 40.60
CA GLN E 106 -8.29 0.01 39.74
C GLN E 106 -8.74 1.47 39.80
N ASN E 107 -10.05 1.66 39.88
CA ASN E 107 -10.61 3.00 39.94
C ASN E 107 -10.80 3.52 41.36
N LYS E 108 -10.07 2.95 42.32
CA LYS E 108 -10.16 3.42 43.70
C LYS E 108 -9.16 4.53 44.03
N PRO E 109 -7.88 4.41 43.62
CA PRO E 109 -6.97 5.54 43.86
C PRO E 109 -7.49 6.86 43.25
N LYS E 110 -8.35 6.75 42.22
CA LYS E 110 -8.97 7.90 41.58
C LYS E 110 -10.02 8.58 42.48
N SER E 111 -10.75 7.79 43.24
CA SER E 111 -11.75 8.32 44.19
C SER E 111 -11.10 9.21 45.24
N GLU E 112 -10.06 8.70 45.89
CA GLU E 112 -9.31 9.48 46.88
C GLU E 112 -8.86 10.84 46.31
N HIS E 113 -8.34 10.82 45.07
CA HIS E 113 -7.87 12.06 44.40
C HIS E 113 -9.02 12.98 44.01
N VAL E 114 -10.20 12.40 43.73
CA VAL E 114 -11.40 13.19 43.39
C VAL E 114 -12.27 13.50 44.63
N VAL E 115 -12.02 12.82 45.74
CA VAL E 115 -12.75 13.07 46.98
C VAL E 115 -11.93 13.94 47.92
N SER E 116 -10.74 13.44 48.30
CA SER E 116 -9.91 14.10 49.31
C SER E 116 -9.36 15.46 48.84
N GLU E 117 -9.42 15.73 47.53
CA GLU E 117 -9.02 17.04 47.00
C GLU E 117 -10.23 17.96 46.73
N PHE E 118 -11.18 17.48 45.92
CA PHE E 118 -12.28 18.35 45.45
C PHE E 118 -13.33 18.66 46.53
N GLY E 119 -14.18 17.68 46.83
CA GLY E 119 -15.37 17.93 47.66
C GLY E 119 -15.40 17.25 49.01
N ASP E 120 -14.45 17.58 49.89
CA ASP E 120 -14.50 17.14 51.29
C ASP E 120 -15.36 18.13 52.10
N SER E 121 -15.39 19.39 51.66
CA SER E 121 -16.32 20.39 52.22
C SER E 121 -17.74 20.20 51.62
N TYR E 122 -17.89 19.20 50.75
CA TYR E 122 -19.18 18.84 50.19
C TYR E 122 -19.73 17.53 50.75
N PHE E 123 -18.85 16.56 51.03
CA PHE E 123 -19.28 15.27 51.58
C PHE E 123 -19.59 15.36 53.08
N GLU E 124 -19.04 16.38 53.74
CA GLU E 124 -19.47 16.77 55.08
C GLU E 124 -20.96 17.09 55.06
N GLU E 125 -21.37 17.88 54.07
CA GLU E 125 -22.77 18.29 53.89
C GLU E 125 -23.69 17.08 53.73
N LEU E 126 -23.40 16.25 52.72
CA LEU E 126 -24.25 15.08 52.43
C LEU E 126 -24.25 14.08 53.58
N ARG E 127 -23.12 13.95 54.27
CA ARG E 127 -23.03 13.07 55.41
C ARG E 127 -23.96 13.55 56.55
N GLN E 128 -24.13 14.87 56.67
CA GLN E 128 -25.02 15.46 57.68
C GLN E 128 -26.49 15.58 57.23
N GLN E 129 -26.72 15.55 55.92
CA GLN E 129 -28.06 15.61 55.36
C GLN E 129 -28.71 14.24 55.42
N LEU E 130 -27.96 13.21 54.99
CA LEU E 130 -28.38 11.82 55.11
C LEU E 130 -28.31 11.39 56.58
N GLY E 131 -27.18 11.64 57.21
CA GLY E 131 -27.00 11.47 58.66
C GLY E 131 -26.27 10.22 59.11
N HIS E 132 -25.45 9.64 58.24
CA HIS E 132 -24.72 8.40 58.56
C HIS E 132 -23.64 8.63 59.60
N ARG E 133 -23.42 7.64 60.46
CA ARG E 133 -22.28 7.64 61.38
C ARG E 133 -20.95 7.51 60.62
N LEU E 134 -21.00 6.88 59.45
CA LEU E 134 -19.81 6.56 58.67
C LEU E 134 -19.60 7.53 57.50
N GLN E 135 -18.41 8.12 57.41
CA GLN E 135 -18.09 9.09 56.35
C GLN E 135 -17.91 8.36 55.01
N LEU E 136 -18.10 9.09 53.91
CA LEU E 136 -18.17 8.46 52.59
C LEU E 136 -16.95 7.57 52.30
N ASN E 137 -15.75 8.07 52.61
CA ASN E 137 -14.53 7.33 52.30
C ASN E 137 -14.40 6.00 53.08
N ASP E 138 -15.33 5.75 54.03
CA ASP E 138 -15.39 4.49 54.77
C ASP E 138 -16.22 3.44 54.04
N LEU E 139 -17.34 3.86 53.47
CA LEU E 139 -18.24 2.95 52.78
C LEU E 139 -17.71 2.53 51.41
N LEU E 140 -16.83 3.36 50.83
CA LEU E 140 -16.24 3.07 49.53
C LEU E 140 -15.02 2.13 49.59
N ILE E 141 -14.72 1.60 50.77
CA ILE E 141 -13.70 0.57 50.91
C ILE E 141 -14.33 -0.80 51.07
N LYS E 142 -15.62 -0.84 51.40
CA LYS E 142 -16.31 -2.10 51.71
C LYS E 142 -16.02 -3.25 50.73
N PRO E 143 -16.16 -3.01 49.40
CA PRO E 143 -15.93 -4.12 48.45
C PRO E 143 -14.47 -4.55 48.37
N VAL E 144 -13.56 -3.59 48.35
CA VAL E 144 -12.13 -3.88 48.38
C VAL E 144 -11.80 -4.85 49.51
N GLN E 145 -12.35 -4.57 50.69
CA GLN E 145 -12.21 -5.45 51.83
C GLN E 145 -12.96 -6.75 51.55
N ARG E 146 -14.24 -6.63 51.27
CA ARG E 146 -15.12 -7.79 51.16
C ARG E 146 -14.59 -8.90 50.24
N ILE E 147 -13.95 -8.52 49.13
CA ILE E 147 -13.44 -9.50 48.17
C ILE E 147 -12.26 -10.32 48.71
N MET E 148 -11.52 -9.73 49.64
CA MET E 148 -10.39 -10.40 50.27
C MET E 148 -10.82 -11.05 51.59
N LYS E 149 -12.11 -10.93 51.92
CA LYS E 149 -12.70 -11.61 53.08
C LYS E 149 -13.44 -12.87 52.64
N TYR E 150 -13.58 -13.07 51.33
CA TYR E 150 -14.14 -14.30 50.81
C TYR E 150 -13.11 -15.43 50.91
N GLN E 151 -11.84 -15.12 50.62
CA GLN E 151 -10.76 -16.10 50.83
C GLN E 151 -10.75 -16.61 52.27
N LEU E 152 -11.03 -15.72 53.22
CA LEU E 152 -10.93 -16.04 54.65
C LEU E 152 -12.06 -16.95 55.12
N LEU E 153 -13.30 -16.48 54.91
CA LEU E 153 -14.47 -17.22 55.37
C LEU E 153 -14.50 -18.63 54.79
N LEU E 154 -14.10 -18.77 53.53
CA LEU E 154 -14.03 -20.08 52.89
C LEU E 154 -12.87 -20.93 53.43
N LYS E 155 -11.66 -20.36 53.46
CA LYS E 155 -10.45 -21.08 53.91
C LYS E 155 -10.64 -21.89 55.19
N ASP E 156 -11.47 -21.37 56.09
CA ASP E 156 -11.88 -22.09 57.29
C ASP E 156 -12.57 -23.41 56.94
N PHE E 157 -13.79 -23.30 56.41
CA PHE E 157 -14.55 -24.46 55.90
C PHE E 157 -13.67 -25.60 55.39
N LEU E 158 -12.71 -25.26 54.52
CA LEU E 158 -11.85 -26.26 53.87
C LEU E 158 -10.99 -27.08 54.85
N LYS E 159 -10.70 -26.53 56.03
CA LYS E 159 -10.06 -27.30 57.10
C LYS E 159 -11.10 -28.05 57.93
N TYR E 160 -12.08 -27.30 58.43
CA TYR E 160 -13.18 -27.86 59.24
C TYR E 160 -13.91 -29.02 58.54
N TYR E 161 -14.33 -28.80 57.29
CA TYR E 161 -15.10 -29.78 56.54
C TYR E 161 -14.29 -31.04 56.25
N ASN E 162 -12.96 -30.94 56.33
CA ASN E 162 -12.07 -32.08 56.17
C ASN E 162 -11.89 -32.87 57.48
N ARG E 163 -12.14 -32.21 58.60
CA ARG E 163 -12.18 -32.90 59.91
C ARG E 163 -13.48 -33.67 60.11
N ALA E 164 -14.55 -33.22 59.44
CA ALA E 164 -15.80 -33.98 59.40
C ALA E 164 -15.79 -34.93 58.20
N GLY E 165 -15.98 -34.37 57.00
CA GLY E 165 -15.96 -35.14 55.76
C GLY E 165 -14.56 -35.22 55.18
N MET E 166 -14.46 -35.06 53.86
CA MET E 166 -13.17 -35.01 53.17
C MET E 166 -13.20 -34.19 51.87
N ASP E 167 -14.30 -33.48 51.61
CA ASP E 167 -14.56 -32.90 50.29
C ASP E 167 -13.60 -31.74 49.96
N THR E 168 -12.35 -32.07 49.68
CA THR E 168 -11.37 -31.10 49.23
C THR E 168 -11.74 -30.64 47.82
N ALA E 169 -12.03 -31.59 46.93
CA ALA E 169 -12.36 -31.32 45.53
C ALA E 169 -13.18 -30.05 45.28
N ASP E 170 -14.43 -30.03 45.77
CA ASP E 170 -15.34 -28.90 45.58
C ASP E 170 -14.83 -27.60 46.19
N LEU E 171 -14.33 -27.72 47.42
CA LEU E 171 -13.90 -26.56 48.20
C LEU E 171 -12.41 -26.23 47.99
N GLU E 172 -11.69 -27.14 47.36
CA GLU E 172 -10.30 -26.91 46.94
C GLU E 172 -10.27 -25.83 45.86
N GLN E 173 -10.94 -26.10 44.74
CA GLN E 173 -11.07 -25.12 43.66
C GLN E 173 -11.79 -23.86 44.15
N ALA E 174 -12.82 -24.04 44.98
CA ALA E 174 -13.60 -22.92 45.53
C ALA E 174 -12.73 -21.90 46.28
N VAL E 175 -11.78 -22.40 47.07
CA VAL E 175 -10.82 -21.53 47.74
C VAL E 175 -9.77 -21.02 46.76
N GLU E 176 -9.19 -21.91 45.96
CA GLU E 176 -8.25 -21.51 44.90
C GLU E 176 -8.81 -20.31 44.14
N VAL E 177 -9.94 -20.51 43.46
CA VAL E 177 -10.58 -19.48 42.64
C VAL E 177 -10.71 -18.16 43.41
N MET E 178 -11.12 -18.23 44.67
CA MET E 178 -11.40 -17.01 45.45
C MET E 178 -10.16 -16.39 46.08
N CYS E 179 -8.98 -16.91 45.74
CA CYS E 179 -7.71 -16.23 45.99
C CYS E 179 -7.27 -15.53 44.72
N PHE E 180 -7.46 -16.21 43.60
CA PHE E 180 -7.05 -15.66 42.32
C PHE E 180 -7.73 -14.34 41.99
N VAL E 181 -8.95 -14.13 42.47
CA VAL E 181 -9.69 -12.90 42.15
C VAL E 181 -9.00 -11.69 42.82
N PRO E 182 -8.76 -11.74 44.14
CA PRO E 182 -7.87 -10.75 44.72
C PRO E 182 -6.44 -10.71 44.16
N LYS E 183 -5.96 -11.78 43.52
CA LYS E 183 -4.64 -11.75 42.86
C LYS E 183 -4.67 -10.86 41.64
N ARG E 184 -5.69 -11.05 40.80
CA ARG E 184 -5.86 -10.23 39.61
C ARG E 184 -6.07 -8.77 40.03
N CYS E 185 -6.97 -8.54 40.98
CA CYS E 185 -7.24 -7.18 41.48
C CYS E 185 -5.96 -6.50 41.93
N ASN E 186 -5.13 -7.24 42.65
CA ASN E 186 -3.85 -6.75 43.12
C ASN E 186 -2.87 -6.50 41.99
N ASP E 187 -2.76 -7.46 41.08
CA ASP E 187 -1.88 -7.33 39.91
C ASP E 187 -2.31 -6.21 38.97
N MET E 188 -3.62 -6.05 38.80
CA MET E 188 -4.16 -5.03 37.89
C MET E 188 -4.07 -3.61 38.41
N MET E 189 -3.46 -3.42 39.58
CA MET E 189 -3.12 -2.07 40.03
C MET E 189 -1.81 -1.64 39.39
N THR E 190 -0.80 -2.51 39.40
CA THR E 190 0.52 -2.18 38.84
C THR E 190 0.43 -2.04 37.32
N LEU E 191 -0.34 -2.91 36.72
CA LEU E 191 -0.64 -2.84 35.30
C LEU E 191 -1.56 -1.64 34.94
N GLY E 192 -2.01 -0.89 35.94
CA GLY E 192 -2.80 0.34 35.71
C GLY E 192 -1.91 1.49 35.25
N ARG E 193 -0.62 1.38 35.57
CA ARG E 193 0.41 2.32 35.15
C ARG E 193 0.92 2.04 33.71
N LEU E 194 0.12 1.35 32.89
CA LEU E 194 0.47 1.09 31.49
C LEU E 194 0.09 2.28 30.60
N ARG E 195 1.09 3.09 30.29
CA ARG E 195 0.91 4.29 29.47
C ARG E 195 1.08 3.97 28.00
N GLY E 196 0.29 4.66 27.17
CA GLY E 196 0.48 4.62 25.73
C GLY E 196 -0.05 3.37 25.08
N PHE E 197 -1.17 2.88 25.61
CA PHE E 197 -1.94 1.82 24.98
C PHE E 197 -3.40 2.23 24.85
N GLU E 198 -3.88 2.30 23.61
CA GLU E 198 -5.28 2.59 23.35
C GLU E 198 -6.10 1.31 23.57
N GLY E 199 -7.14 1.42 24.41
CA GLY E 199 -7.95 0.26 24.80
C GLY E 199 -7.94 0.06 26.32
N LYS E 200 -9.07 -0.41 26.84
CA LYS E 200 -9.23 -0.60 28.29
C LYS E 200 -8.62 -1.93 28.70
N LEU E 201 -7.53 -1.88 29.47
CA LEU E 201 -6.92 -3.10 30.02
C LEU E 201 -7.90 -3.99 30.76
N THR E 202 -8.85 -3.38 31.46
CA THR E 202 -9.82 -4.10 32.27
C THR E 202 -10.55 -5.11 31.40
N ALA E 203 -11.23 -4.61 30.37
CA ALA E 203 -11.98 -5.47 29.45
C ALA E 203 -11.10 -5.98 28.31
N GLN E 204 -10.04 -6.67 28.69
CA GLN E 204 -9.26 -7.51 27.77
C GLN E 204 -9.24 -8.93 28.32
N GLY E 205 -10.27 -9.28 29.08
CA GLY E 205 -10.36 -10.61 29.70
C GLY E 205 -9.38 -10.78 30.83
N LYS E 206 -9.30 -12.00 31.36
CA LYS E 206 -8.41 -12.28 32.48
C LYS E 206 -6.98 -11.93 32.13
N LEU E 207 -6.23 -11.41 33.10
CA LEU E 207 -4.78 -11.37 33.01
C LEU E 207 -4.32 -12.74 33.43
N LEU E 208 -3.96 -13.56 32.45
CA LEU E 208 -3.57 -14.93 32.73
C LEU E 208 -2.21 -14.94 33.38
N GLY E 209 -1.21 -14.36 32.75
CA GLY E 209 0.15 -14.37 33.30
C GLY E 209 1.06 -13.29 32.76
N GLN E 210 2.28 -13.24 33.30
CA GLN E 210 3.29 -12.28 32.89
C GLN E 210 4.67 -12.78 33.21
N ASP E 211 5.66 -12.45 32.37
CA ASP E 211 7.07 -12.78 32.64
C ASP E 211 8.01 -12.01 31.72
N THR E 212 9.30 -12.04 32.06
CA THR E 212 10.32 -11.29 31.32
C THR E 212 10.93 -12.15 30.23
N PHE E 213 11.06 -11.59 29.02
CA PHE E 213 11.66 -12.30 27.89
C PHE E 213 12.62 -11.41 27.11
N TRP E 214 13.50 -12.02 26.33
CA TRP E 214 14.38 -11.34 25.39
C TRP E 214 13.76 -11.47 24.02
N VAL E 215 13.45 -10.34 23.38
CA VAL E 215 12.58 -10.34 22.20
C VAL E 215 13.30 -9.96 20.88
N THR E 216 13.70 -10.96 20.10
CA THR E 216 14.32 -10.74 18.78
C THR E 216 13.27 -10.47 17.70
N GLU E 217 13.76 -10.23 16.49
CA GLU E 217 13.02 -10.41 15.22
C GLU E 217 13.94 -10.01 14.08
N PRO E 218 13.87 -10.70 12.93
CA PRO E 218 14.74 -10.33 11.80
C PRO E 218 14.28 -9.06 11.07
N SER E 226 18.02 -8.88 13.52
CA SER E 226 17.95 -8.88 14.99
C SER E 226 17.73 -7.45 15.53
N ARG E 227 17.18 -7.36 16.76
CA ARG E 227 16.95 -6.08 17.44
C ARG E 227 16.80 -6.28 18.99
N GLY E 228 17.71 -7.02 19.60
CA GLY E 228 17.55 -7.52 21.00
C GLY E 228 17.02 -6.53 22.03
N ARG E 229 16.15 -7.02 22.93
CA ARG E 229 15.44 -6.12 23.87
C ARG E 229 14.69 -6.86 25.00
N GLU E 230 15.07 -6.59 26.26
CA GLU E 230 14.41 -7.19 27.43
C GLU E 230 13.08 -6.51 27.67
N ARG E 231 12.02 -7.30 27.72
CA ARG E 231 10.65 -6.76 27.78
C ARG E 231 9.75 -7.60 28.69
N ARG E 232 8.79 -6.93 29.32
CA ARG E 232 7.79 -7.63 30.12
C ARG E 232 6.60 -7.91 29.24
N VAL E 233 6.24 -9.19 29.15
CA VAL E 233 5.18 -9.66 28.28
C VAL E 233 3.98 -10.02 29.12
N PHE E 234 2.89 -9.26 28.99
CA PHE E 234 1.64 -9.58 29.68
C PHE E 234 0.85 -10.46 28.74
N LEU E 235 0.11 -11.41 29.30
CA LEU E 235 -0.75 -12.30 28.51
C LEU E 235 -2.17 -12.28 29.05
N PHE E 236 -3.08 -11.70 28.29
CA PHE E 236 -4.50 -11.73 28.60
C PHE E 236 -5.18 -12.74 27.71
N GLU E 237 -6.42 -13.09 28.01
CA GLU E 237 -7.18 -14.02 27.17
C GLU E 237 -7.47 -13.46 25.78
N GLN E 238 -7.49 -12.12 25.68
CA GLN E 238 -7.82 -11.44 24.43
C GLN E 238 -6.63 -10.81 23.71
N ILE E 239 -5.49 -10.67 24.40
CA ILE E 239 -4.37 -9.91 23.85
C ILE E 239 -3.09 -10.28 24.59
N ILE E 240 -1.95 -10.05 23.95
CA ILE E 240 -0.67 -10.12 24.65
C ILE E 240 0.12 -8.85 24.40
N ILE E 241 0.57 -8.23 25.48
CA ILE E 241 1.20 -6.93 25.40
C ILE E 241 2.68 -7.03 25.71
N PHE E 242 3.48 -6.32 24.93
CA PHE E 242 4.92 -6.22 25.14
C PHE E 242 5.21 -4.87 25.79
N SER E 243 5.99 -4.87 26.86
CA SER E 243 6.15 -3.67 27.66
C SER E 243 7.55 -3.53 28.22
N GLU E 244 8.02 -2.28 28.32
CA GLU E 244 9.33 -1.97 28.87
C GLU E 244 9.22 -1.64 30.37
N ALA E 245 9.92 -2.40 31.20
CA ALA E 245 9.88 -2.22 32.65
C ALA E 245 10.77 -1.04 33.08
N LEU E 246 10.37 -0.32 34.14
CA LEU E 246 11.05 0.90 34.60
C LEU E 246 11.44 0.81 36.08
N GLY E 247 12.48 0.04 36.40
CA GLY E 247 12.89 -0.17 37.79
C GLY E 247 13.54 1.04 38.43
N PRO E 256 8.62 0.29 40.25
CA PRO E 256 8.17 -0.22 38.95
C PRO E 256 7.13 0.66 38.24
N GLY E 257 6.58 0.15 37.13
CA GLY E 257 5.71 0.92 36.21
C GLY E 257 6.15 0.66 34.78
N TYR E 258 5.20 0.58 33.85
CA TYR E 258 5.47 0.04 32.50
C TYR E 258 5.01 0.94 31.33
N VAL E 259 5.54 0.66 30.13
CA VAL E 259 5.22 1.40 28.91
C VAL E 259 4.91 0.44 27.75
N TYR E 260 3.93 0.80 26.94
CA TYR E 260 3.51 -0.03 25.80
C TYR E 260 4.53 0.07 24.68
N LYS E 261 4.72 -1.04 23.97
CA LYS E 261 5.67 -1.08 22.86
C LYS E 261 5.10 -1.78 21.64
N ASN E 262 4.65 -3.02 21.80
CA ASN E 262 3.88 -3.70 20.75
C ASN E 262 2.82 -4.66 21.31
N SER E 263 1.84 -5.00 20.47
CA SER E 263 0.79 -5.93 20.85
C SER E 263 0.55 -7.02 19.78
N ILE E 264 -0.18 -8.06 20.16
CA ILE E 264 -0.72 -9.04 19.23
C ILE E 264 -2.03 -9.52 19.81
N LYS E 265 -3.13 -9.25 19.13
CA LYS E 265 -4.44 -9.75 19.59
C LYS E 265 -4.49 -11.26 19.40
N VAL E 266 -5.07 -11.96 20.36
CA VAL E 266 -5.17 -13.41 20.26
C VAL E 266 -6.00 -13.77 19.04
N SER E 267 -6.85 -12.84 18.60
CA SER E 267 -7.62 -12.99 17.35
C SER E 267 -6.76 -13.16 16.09
N CYS E 268 -5.48 -12.83 16.16
CA CYS E 268 -4.56 -13.09 15.05
C CYS E 268 -3.20 -13.66 15.50
N LEU E 269 -3.18 -14.29 16.68
CA LEU E 269 -1.96 -14.84 17.25
C LEU E 269 -1.57 -16.17 16.64
N GLY E 270 -0.27 -16.39 16.52
CA GLY E 270 0.26 -17.66 16.06
C GLY E 270 1.52 -17.99 16.84
N LEU E 271 1.86 -19.27 16.89
CA LEU E 271 2.91 -19.75 17.78
C LEU E 271 3.65 -20.93 17.21
N GLU E 272 4.97 -20.88 17.29
CA GLU E 272 5.85 -21.97 16.90
C GLU E 272 6.87 -22.12 18.03
N GLY E 273 6.81 -23.26 18.71
CA GLY E 273 7.58 -23.45 19.94
C GLY E 273 8.85 -24.24 19.78
N ASN E 274 9.75 -24.04 20.72
CA ASN E 274 11.04 -24.72 20.75
C ASN E 274 11.89 -24.44 19.51
N LEU E 275 11.82 -23.20 19.06
CA LEU E 275 12.51 -22.72 17.85
C LEU E 275 13.82 -23.44 17.58
N GLN E 276 14.03 -23.84 16.33
CA GLN E 276 15.27 -24.50 15.94
C GLN E 276 15.90 -25.20 17.14
N GLY E 277 15.13 -26.08 17.77
CA GLY E 277 15.63 -26.99 18.78
C GLY E 277 15.54 -26.52 20.22
N ASP E 278 15.66 -25.22 20.45
CA ASP E 278 15.89 -24.67 21.82
C ASP E 278 14.60 -24.65 22.67
N PRO E 279 14.62 -25.32 23.83
CA PRO E 279 13.51 -25.24 24.79
C PRO E 279 13.15 -23.84 25.28
N CYS E 280 14.12 -22.92 25.36
CA CYS E 280 13.86 -21.58 25.90
C CYS E 280 13.40 -20.55 24.87
N ARG E 281 13.36 -20.93 23.59
CA ARG E 281 12.96 -20.00 22.54
C ARG E 281 11.66 -20.45 21.89
N PHE E 282 10.76 -19.51 21.68
CA PHE E 282 9.63 -19.70 20.77
C PHE E 282 9.35 -18.40 20.04
N ALA E 283 8.38 -18.42 19.13
CA ALA E 283 8.00 -17.24 18.35
C ALA E 283 6.48 -17.02 18.36
N LEU E 284 6.08 -15.76 18.40
CA LEU E 284 4.68 -15.41 18.34
C LEU E 284 4.49 -14.56 17.11
N THR E 285 3.42 -14.83 16.39
CA THR E 285 3.24 -14.27 15.05
C THR E 285 1.87 -13.63 14.94
N SER E 286 1.82 -12.44 14.34
CA SER E 286 0.56 -11.71 14.17
C SER E 286 0.23 -11.59 12.69
N ARG E 287 -0.75 -12.36 12.23
CA ARG E 287 -1.13 -12.35 10.83
C ARG E 287 -2.58 -11.87 10.74
N GLY E 288 -2.80 -10.66 10.26
CA GLY E 288 -4.13 -10.03 10.25
C GLY E 288 -4.79 -9.94 8.89
N PRO E 289 -6.09 -9.64 8.88
CA PRO E 289 -6.86 -9.49 7.60
C PRO E 289 -6.54 -8.18 6.86
N GLU E 290 -6.21 -7.14 7.62
CA GLU E 290 -6.01 -5.81 7.08
C GLU E 290 -4.55 -5.40 7.22
N GLY E 291 -3.93 -5.76 8.36
CA GLY E 291 -2.51 -5.45 8.63
C GLY E 291 -1.49 -6.41 8.00
N GLY E 292 -0.22 -6.05 8.11
CA GLY E 292 0.88 -6.89 7.65
C GLY E 292 1.15 -8.06 8.57
N ILE E 293 2.35 -8.63 8.45
CA ILE E 293 2.68 -9.87 9.14
C ILE E 293 3.90 -9.64 10.01
N GLN E 294 3.65 -9.61 11.33
CA GLN E 294 4.69 -9.40 12.34
C GLN E 294 5.09 -10.73 12.98
N ARG E 295 6.35 -10.83 13.44
CA ARG E 295 6.88 -12.06 14.04
C ARG E 295 7.97 -11.82 15.08
N TYR E 296 7.68 -12.12 16.34
CA TYR E 296 8.56 -11.80 17.47
C TYR E 296 9.10 -13.07 18.11
N VAL E 297 10.43 -13.18 18.28
CA VAL E 297 11.04 -14.38 18.89
C VAL E 297 11.27 -14.18 20.36
N LEU E 298 10.50 -14.84 21.21
CA LEU E 298 10.68 -14.73 22.65
C LEU E 298 11.68 -15.77 23.13
N GLN E 299 12.76 -15.35 23.77
CA GLN E 299 13.69 -16.25 24.43
C GLN E 299 13.59 -16.01 25.94
N ALA E 300 13.45 -17.09 26.70
CA ALA E 300 13.13 -16.99 28.12
C ALA E 300 14.32 -17.27 29.04
N ALA E 301 14.14 -16.93 30.31
CA ALA E 301 15.13 -17.14 31.36
C ALA E 301 15.19 -18.62 31.77
N ASP E 302 14.20 -19.04 32.57
CA ASP E 302 14.05 -20.43 33.01
C ASP E 302 13.33 -21.21 31.89
N PRO E 303 13.96 -22.30 31.40
CA PRO E 303 13.28 -23.10 30.36
C PRO E 303 11.88 -23.50 30.79
N ALA E 304 11.72 -23.76 32.07
CA ALA E 304 10.43 -24.13 32.63
C ALA E 304 9.38 -23.01 32.55
N ILE E 305 9.81 -21.78 32.25
CA ILE E 305 8.85 -20.70 32.01
C ILE E 305 8.48 -20.63 30.54
N SER E 306 9.42 -20.93 29.64
CA SER E 306 9.12 -20.95 28.22
C SER E 306 8.09 -22.04 27.93
N GLN E 307 8.44 -23.28 28.27
CA GLN E 307 7.56 -24.42 28.05
C GLN E 307 6.15 -24.15 28.57
N ALA E 308 6.06 -23.61 29.78
CA ALA E 308 4.78 -23.27 30.35
C ALA E 308 3.97 -22.45 29.36
N TRP E 309 4.57 -21.37 28.85
CA TRP E 309 3.85 -20.44 27.98
C TRP E 309 3.37 -21.09 26.66
N ILE E 310 4.24 -21.86 26.02
CA ILE E 310 3.89 -22.58 24.80
C ILE E 310 2.63 -23.35 25.05
N LYS E 311 2.66 -24.20 26.08
CA LYS E 311 1.55 -25.05 26.43
C LYS E 311 0.23 -24.26 26.58
N HIS E 312 0.28 -23.13 27.30
CA HIS E 312 -0.93 -22.34 27.55
C HIS E 312 -1.39 -21.59 26.31
N VAL E 313 -0.47 -20.96 25.58
CA VAL E 313 -0.83 -20.21 24.36
C VAL E 313 -1.29 -21.17 23.28
N ALA E 314 -0.57 -22.27 23.12
CA ALA E 314 -0.97 -23.34 22.20
C ALA E 314 -2.37 -23.87 22.48
N GLN E 315 -2.83 -23.63 23.70
CA GLN E 315 -4.16 -24.04 24.14
C GLN E 315 -5.19 -22.97 23.82
N ILE E 316 -4.90 -21.75 24.24
CA ILE E 316 -5.80 -20.64 23.99
C ILE E 316 -6.21 -20.67 22.53
N LEU E 317 -5.23 -20.98 21.68
CA LEU E 317 -5.45 -21.16 20.25
C LEU E 317 -6.28 -22.41 19.93
N GLU E 318 -5.90 -23.56 20.49
CA GLU E 318 -6.60 -24.82 20.21
C GLU E 318 -8.07 -24.70 20.45
N SER E 319 -8.44 -24.02 21.53
CA SER E 319 -9.84 -23.83 21.86
C SER E 319 -10.45 -22.70 21.00
N GLN E 320 -9.66 -21.67 20.72
CA GLN E 320 -10.11 -20.60 19.82
C GLN E 320 -10.38 -21.14 18.41
N ARG E 321 -9.56 -22.08 17.93
CA ARG E 321 -9.81 -22.65 16.60
C ARG E 321 -10.88 -23.73 16.62
N ASP E 322 -11.30 -24.15 17.82
CA ASP E 322 -12.53 -24.95 18.04
C ASP E 322 -13.76 -24.11 17.78
N PHE E 323 -13.75 -22.94 18.41
CA PHE E 323 -14.85 -22.01 18.38
C PHE E 323 -15.22 -21.69 16.94
N LEU E 324 -14.24 -21.25 16.17
CA LEU E 324 -14.45 -20.89 14.77
C LEU E 324 -15.06 -22.06 13.96
N ASN E 325 -14.52 -23.26 14.15
CA ASN E 325 -15.06 -24.42 13.48
C ASN E 325 -16.52 -24.63 13.86
N ALA E 326 -16.85 -24.29 15.10
CA ALA E 326 -18.21 -24.41 15.59
C ALA E 326 -19.09 -23.32 15.04
N LEU E 327 -18.55 -22.11 14.83
CA LEU E 327 -19.33 -21.06 14.16
C LEU E 327 -19.75 -21.55 12.78
N GLN E 328 -18.82 -22.11 12.01
CA GLN E 328 -19.13 -22.56 10.65
C GLN E 328 -19.98 -23.81 10.61
N SER E 329 -20.21 -24.46 11.75
CA SER E 329 -20.97 -25.72 11.82
C SER E 329 -21.71 -25.86 13.17
N PRO E 330 -22.62 -24.93 13.48
CA PRO E 330 -22.99 -24.76 14.87
C PRO E 330 -23.92 -25.81 15.44
N ILE E 331 -24.74 -26.46 14.63
CA ILE E 331 -25.68 -27.47 15.15
C ILE E 331 -24.95 -28.79 15.43
N GLU E 332 -23.91 -29.04 14.64
CA GLU E 332 -23.05 -30.20 14.80
C GLU E 332 -22.38 -30.09 16.16
N TYR E 333 -21.84 -28.91 16.43
CA TYR E 333 -21.03 -28.70 17.62
C TYR E 333 -21.85 -28.54 18.88
N GLN E 334 -23.16 -28.34 18.72
CA GLN E 334 -24.06 -28.33 19.88
C GLN E 334 -24.73 -29.69 20.12
N ARG E 335 -24.65 -30.61 19.15
CA ARG E 335 -24.97 -32.01 19.42
C ARG E 335 -23.85 -32.57 20.28
N ARG E 336 -22.62 -32.26 19.89
CA ARG E 336 -21.45 -32.65 20.66
C ARG E 336 -21.59 -32.20 22.10
N GLU E 337 -21.80 -30.90 22.31
CA GLU E 337 -21.78 -30.33 23.66
C GLU E 337 -22.97 -30.74 24.52
N SER E 338 -24.10 -31.08 23.88
CA SER E 338 -25.25 -31.59 24.65
C SER E 338 -25.00 -33.01 25.20
N GLN E 339 -24.14 -33.78 24.54
CA GLN E 339 -23.75 -35.11 25.04
C GLN E 339 -22.55 -35.09 26.01
N THR E 340 -21.80 -33.98 26.03
CA THR E 340 -20.80 -33.74 27.07
C THR E 340 -21.49 -33.43 28.41
N ASN E 341 -22.52 -32.58 28.35
CA ASN E 341 -23.39 -32.23 29.51
C ASN E 341 -24.09 -33.45 30.13
N SER E 342 -24.65 -34.31 29.26
CA SER E 342 -25.28 -35.55 29.69
C SER E 342 -24.37 -36.75 29.41
N ARG F 8 -13.44 13.49 64.70
CA ARG F 8 -13.17 12.12 64.20
C ARG F 8 -11.71 11.93 63.81
N LYS F 9 -11.21 10.72 64.00
CA LYS F 9 -9.89 10.31 63.56
C LYS F 9 -9.98 8.92 62.91
N LYS F 10 -8.90 8.50 62.26
CA LYS F 10 -8.92 7.29 61.45
C LYS F 10 -7.82 6.32 61.86
N LEU F 11 -8.21 5.18 62.43
CA LEU F 11 -7.28 4.15 62.90
C LEU F 11 -7.30 2.95 61.96
N VAL F 12 -6.14 2.64 61.36
CA VAL F 12 -5.94 1.43 60.56
C VAL F 12 -5.02 0.44 61.28
N ILE F 13 -5.43 -0.83 61.34
CA ILE F 13 -4.62 -1.88 61.99
C ILE F 13 -3.83 -2.66 60.94
N VAL F 14 -2.68 -3.19 61.36
CA VAL F 14 -1.77 -3.91 60.45
C VAL F 14 -0.98 -4.99 61.17
N GLY F 15 -0.76 -6.11 60.50
CA GLY F 15 -0.01 -7.24 61.06
C GLY F 15 -0.16 -8.53 60.28
N ASP F 16 0.59 -9.57 60.68
CA ASP F 16 0.54 -10.88 60.02
C ASP F 16 -0.77 -11.60 60.31
N GLY F 17 -1.00 -12.70 59.60
CA GLY F 17 -2.26 -13.44 59.70
C GLY F 17 -2.47 -14.12 61.03
N ALA F 18 -3.67 -13.97 61.59
CA ALA F 18 -4.04 -14.54 62.89
C ALA F 18 -3.12 -14.11 64.06
N CYS F 19 -2.65 -12.86 64.00
CA CYS F 19 -1.86 -12.27 65.08
C CYS F 19 -2.74 -11.41 65.98
N GLY F 20 -4.02 -11.77 66.05
CA GLY F 20 -4.95 -11.13 66.99
C GLY F 20 -5.35 -9.71 66.64
N LYS F 21 -5.40 -9.41 65.34
CA LYS F 21 -5.85 -8.09 64.90
C LYS F 21 -7.35 -7.99 65.13
N THR F 22 -8.07 -8.97 64.58
CA THR F 22 -9.54 -9.00 64.61
C THR F 22 -10.09 -9.10 66.03
N CYS F 23 -9.46 -9.93 66.86
CA CYS F 23 -9.91 -10.16 68.23
C CYS F 23 -9.75 -8.92 69.11
N LEU F 24 -8.68 -8.16 68.88
CA LEU F 24 -8.37 -6.97 69.67
C LEU F 24 -9.45 -5.91 69.54
N LEU F 25 -9.96 -5.74 68.32
CA LEU F 25 -10.98 -4.73 68.06
C LEU F 25 -12.36 -5.11 68.58
N ILE F 26 -12.67 -6.42 68.57
CA ILE F 26 -13.94 -6.93 69.09
C ILE F 26 -14.06 -6.71 70.59
N VAL F 27 -12.97 -6.93 71.31
CA VAL F 27 -12.95 -6.77 72.77
C VAL F 27 -13.24 -5.33 73.19
N PHE F 28 -12.72 -4.36 72.43
CA PHE F 28 -12.92 -2.94 72.73
C PHE F 28 -14.30 -2.45 72.29
N SER F 29 -14.72 -2.82 71.09
CA SER F 29 -15.99 -2.36 70.53
C SER F 29 -17.22 -2.99 71.20
N LYS F 30 -17.04 -4.11 71.90
CA LYS F 30 -18.12 -4.75 72.67
C LYS F 30 -17.98 -4.53 74.16
N ASP F 31 -16.76 -4.76 74.69
CA ASP F 31 -16.46 -4.88 76.13
C ASP F 31 -16.61 -6.35 76.59
N GLN F 32 -16.37 -7.29 75.67
CA GLN F 32 -16.62 -8.72 75.93
C GLN F 32 -15.80 -9.62 75.00
N PHE F 33 -15.46 -10.80 75.50
CA PHE F 33 -14.83 -11.85 74.68
C PHE F 33 -15.85 -12.43 73.69
N PRO F 34 -15.44 -12.65 72.42
CA PRO F 34 -16.28 -13.16 71.31
C PRO F 34 -17.24 -14.35 71.53
N GLU F 35 -17.44 -14.81 72.76
CA GLU F 35 -18.39 -15.90 73.07
C GLU F 35 -17.92 -17.27 72.54
N VAL F 36 -16.63 -17.53 72.66
CA VAL F 36 -15.99 -18.81 72.32
C VAL F 36 -16.26 -19.29 70.89
N TYR F 37 -16.63 -18.35 70.01
CA TYR F 37 -16.51 -18.52 68.56
C TYR F 37 -15.74 -17.32 68.03
N VAL F 38 -14.46 -17.54 67.73
CA VAL F 38 -13.57 -16.49 67.27
C VAL F 38 -13.96 -16.05 65.84
N PRO F 39 -14.53 -14.84 65.69
CA PRO F 39 -15.04 -14.39 64.38
C PRO F 39 -13.93 -14.03 63.38
N THR F 40 -14.34 -13.52 62.21
CA THR F 40 -13.44 -13.22 61.09
C THR F 40 -13.59 -11.80 60.52
N VAL F 41 -14.83 -11.31 60.48
CA VAL F 41 -15.13 -10.03 59.89
C VAL F 41 -15.59 -9.02 60.93
N PHE F 42 -14.81 -7.96 61.11
CA PHE F 42 -15.17 -6.85 61.98
C PHE F 42 -15.37 -5.62 61.12
N GLU F 43 -16.63 -5.34 60.78
CA GLU F 43 -16.96 -4.23 59.89
C GLU F 43 -16.69 -2.90 60.58
N ASN F 44 -16.27 -1.92 59.77
CA ASN F 44 -15.67 -0.68 60.28
C ASN F 44 -16.51 -0.01 61.35
N TYR F 45 -15.94 0.11 62.56
CA TYR F 45 -16.67 0.55 63.75
C TYR F 45 -16.18 1.90 64.28
N VAL F 46 -17.06 2.89 64.26
CA VAL F 46 -16.82 4.16 64.94
C VAL F 46 -17.15 3.94 66.41
N ALA F 47 -16.16 4.13 67.28
CA ALA F 47 -16.35 3.95 68.73
C ALA F 47 -16.12 5.28 69.46
N ASP F 48 -16.81 5.47 70.58
CA ASP F 48 -16.76 6.74 71.34
C ASP F 48 -15.80 6.67 72.53
N GLU F 57 -14.42 10.46 68.42
CA GLU F 57 -15.04 9.32 67.76
C GLU F 57 -14.07 8.68 66.77
N LEU F 58 -13.20 7.81 67.29
CA LEU F 58 -12.18 7.18 66.46
C LEU F 58 -12.76 6.03 65.63
N ALA F 59 -12.49 6.06 64.33
CA ALA F 59 -12.94 5.01 63.41
C ALA F 59 -11.87 3.92 63.31
N LEU F 60 -12.33 2.66 63.33
CA LEU F 60 -11.43 1.49 63.32
C LEU F 60 -11.54 0.73 61.99
N TRP F 61 -10.41 0.55 61.31
CA TRP F 61 -10.37 -0.20 60.03
C TRP F 61 -9.55 -1.48 60.18
N ASP F 62 -10.17 -2.63 59.90
CA ASP F 62 -9.48 -3.92 59.93
C ASP F 62 -8.91 -4.25 58.54
N THR F 63 -7.70 -4.82 58.55
CA THR F 63 -7.06 -5.33 57.35
C THR F 63 -6.99 -6.87 57.41
N ALA F 64 -8.10 -7.49 57.78
CA ALA F 64 -8.15 -8.94 57.96
C ALA F 64 -8.18 -9.65 56.61
N GLY F 65 -7.07 -10.32 56.28
CA GLY F 65 -6.98 -11.12 55.06
C GLY F 65 -6.21 -10.44 53.93
N GLN F 66 -6.37 -9.12 53.81
CA GLN F 66 -5.64 -8.32 52.81
C GLN F 66 -4.14 -8.21 53.13
N GLU F 67 -3.47 -9.36 53.12
CA GLU F 67 -2.10 -9.50 53.60
C GLU F 67 -1.17 -10.21 52.62
N ASP F 68 -1.73 -10.84 51.59
CA ASP F 68 -0.96 -11.47 50.53
C ASP F 68 -1.12 -10.69 49.22
N TYR F 69 -1.59 -9.44 49.34
CA TYR F 69 -1.92 -8.61 48.18
C TYR F 69 -1.27 -7.24 48.30
N ASP F 70 -0.06 -7.14 47.75
CA ASP F 70 0.81 -5.98 47.90
C ASP F 70 0.11 -4.63 47.66
N ARG F 71 -0.52 -4.45 46.51
CA ARG F 71 -1.03 -3.14 46.08
C ARG F 71 -2.41 -2.75 46.61
N LEU F 72 -3.15 -3.73 47.15
CA LEU F 72 -4.53 -3.47 47.58
C LEU F 72 -4.64 -2.75 48.93
N ARG F 73 -3.71 -3.01 49.84
CA ARG F 73 -3.73 -2.40 51.18
C ARG F 73 -3.60 -0.86 51.13
N PRO F 74 -2.69 -0.34 50.30
CA PRO F 74 -2.56 1.10 50.00
C PRO F 74 -3.87 1.89 49.82
N LEU F 75 -4.97 1.20 49.49
CA LEU F 75 -6.27 1.86 49.34
C LEU F 75 -6.90 2.17 50.70
N SER F 76 -6.48 1.45 51.74
CA SER F 76 -6.99 1.66 53.09
C SER F 76 -6.21 2.72 53.90
N TYR F 77 -5.10 3.21 53.34
CA TYR F 77 -4.15 4.09 54.07
C TYR F 77 -4.32 5.63 54.00
N PRO F 78 -4.95 6.18 52.94
CA PRO F 78 -5.00 7.66 52.83
C PRO F 78 -5.77 8.40 53.93
N ASP F 79 -5.34 9.63 54.22
CA ASP F 79 -5.91 10.50 55.27
C ASP F 79 -5.87 9.86 56.68
N THR F 80 -4.91 8.97 56.90
CA THR F 80 -4.81 8.21 58.15
C THR F 80 -4.03 8.98 59.22
N ASP F 81 -4.46 8.82 60.47
CA ASP F 81 -3.98 9.62 61.58
C ASP F 81 -3.27 8.78 62.68
N VAL F 82 -3.33 7.46 62.54
CA VAL F 82 -2.74 6.55 63.51
C VAL F 82 -2.72 5.13 62.96
N ILE F 83 -1.69 4.37 63.29
CA ILE F 83 -1.56 2.98 62.85
C ILE F 83 -1.22 2.06 64.03
N LEU F 84 -2.14 1.15 64.35
CA LEU F 84 -1.90 0.14 65.39
C LEU F 84 -1.20 -1.08 64.78
N MET F 85 0.05 -0.89 64.38
CA MET F 85 0.89 -1.97 63.89
C MET F 85 1.11 -2.94 65.04
N CYS F 86 1.00 -4.24 64.76
CA CYS F 86 1.13 -5.24 65.80
C CYS F 86 1.62 -6.62 65.34
N PHE F 87 1.99 -7.42 66.33
CA PHE F 87 2.52 -8.77 66.13
C PHE F 87 2.11 -9.62 67.33
N SER F 88 2.10 -10.93 67.17
CA SER F 88 1.73 -11.83 68.26
C SER F 88 2.95 -12.16 69.12
N ILE F 89 2.79 -12.13 70.45
CA ILE F 89 3.87 -12.51 71.36
C ILE F 89 4.24 -13.99 71.15
N ASP F 90 3.24 -14.82 70.88
CA ASP F 90 3.45 -16.27 70.70
C ASP F 90 4.01 -16.66 69.33
N SER F 91 4.69 -15.73 68.65
CA SER F 91 5.19 -15.96 67.31
C SER F 91 6.29 -14.96 66.97
N PRO F 92 7.57 -15.30 67.28
CA PRO F 92 8.67 -14.41 66.89
C PRO F 92 8.79 -14.18 65.37
N ASP F 93 8.19 -15.04 64.57
CA ASP F 93 8.07 -14.78 63.13
C ASP F 93 7.21 -13.55 62.82
N SER F 94 6.37 -13.14 63.77
CA SER F 94 5.57 -11.92 63.65
C SER F 94 6.36 -10.68 64.08
N LEU F 95 7.32 -10.88 64.98
CA LEU F 95 8.27 -9.83 65.35
C LEU F 95 9.28 -9.55 64.23
N GLU F 96 9.46 -10.53 63.33
CA GLU F 96 10.42 -10.43 62.23
C GLU F 96 9.96 -9.48 61.12
N ASN F 97 8.66 -9.41 60.88
CA ASN F 97 8.14 -8.64 59.76
C ASN F 97 7.80 -7.20 60.10
N ILE F 98 7.91 -6.84 61.39
CA ILE F 98 7.62 -5.47 61.82
C ILE F 98 8.61 -4.45 61.22
N PRO F 99 9.92 -4.75 61.25
CA PRO F 99 10.89 -3.89 60.57
C PRO F 99 11.13 -4.27 59.11
N GLU F 100 10.65 -5.45 58.70
CA GLU F 100 10.95 -5.99 57.38
C GLU F 100 9.90 -5.64 56.33
N LYS F 101 8.65 -6.00 56.59
CA LYS F 101 7.60 -5.78 55.61
C LYS F 101 6.75 -4.55 55.93
N TRP F 102 6.41 -4.38 57.21
CA TRP F 102 5.43 -3.37 57.60
C TRP F 102 5.98 -1.95 57.66
N THR F 103 6.94 -1.69 58.54
CA THR F 103 7.49 -0.33 58.70
C THR F 103 7.83 0.31 57.34
N PRO F 104 8.63 -0.38 56.50
CA PRO F 104 9.07 0.26 55.27
C PRO F 104 7.90 0.67 54.38
N GLU F 105 6.89 -0.18 54.35
CA GLU F 105 5.67 0.06 53.58
C GLU F 105 4.85 1.21 54.18
N VAL F 106 4.75 1.25 55.51
CA VAL F 106 3.90 2.22 56.20
C VAL F 106 4.39 3.65 56.02
N LYS F 107 5.65 3.91 56.37
CA LYS F 107 6.21 5.25 56.37
C LYS F 107 6.26 5.90 54.99
N HIS F 108 5.95 5.12 53.95
CA HIS F 108 5.82 5.63 52.60
C HIS F 108 4.41 6.15 52.30
N PHE F 109 3.40 5.33 52.62
CA PHE F 109 1.99 5.71 52.40
C PHE F 109 1.46 6.63 53.51
N CYS F 110 2.16 6.70 54.65
CA CYS F 110 1.76 7.56 55.77
C CYS F 110 2.98 8.27 56.39
N PRO F 111 3.52 9.29 55.69
CA PRO F 111 4.76 9.91 56.18
C PRO F 111 4.57 10.80 57.41
N ASN F 112 5.45 10.66 58.40
CA ASN F 112 5.38 11.44 59.64
C ASN F 112 4.13 11.20 60.50
N VAL F 113 3.30 10.23 60.11
CA VAL F 113 2.05 9.92 60.82
C VAL F 113 2.29 8.76 61.78
N PRO F 114 1.87 8.91 63.06
CA PRO F 114 2.34 8.04 64.15
C PRO F 114 2.03 6.54 64.03
N ILE F 115 2.80 5.75 64.77
CA ILE F 115 2.69 4.29 64.83
C ILE F 115 2.69 3.84 66.29
N ILE F 116 1.77 2.95 66.64
CA ILE F 116 1.73 2.34 67.97
C ILE F 116 2.00 0.85 67.81
N LEU F 117 3.13 0.39 68.34
CA LEU F 117 3.44 -1.04 68.35
C LEU F 117 2.65 -1.69 69.48
N VAL F 118 2.03 -2.83 69.18
CA VAL F 118 1.27 -3.57 70.18
C VAL F 118 1.66 -5.04 70.15
N GLY F 119 1.82 -5.63 71.33
CA GLY F 119 2.13 -7.05 71.48
C GLY F 119 0.92 -7.81 71.98
N ASN F 120 0.27 -8.55 71.08
CA ASN F 120 -1.00 -9.21 71.38
C ASN F 120 -0.83 -10.56 72.07
N LYS F 121 -1.88 -10.97 72.79
CA LYS F 121 -1.95 -12.25 73.50
C LYS F 121 -0.76 -12.48 74.46
N LYS F 122 -0.61 -11.57 75.42
CA LYS F 122 0.39 -11.70 76.47
C LYS F 122 0.15 -12.94 77.33
N ASP F 123 -1.12 -13.34 77.47
CA ASP F 123 -1.48 -14.51 78.28
C ASP F 123 -0.86 -15.80 77.74
N LEU F 124 -0.70 -15.86 76.41
CA LEU F 124 -0.10 -17.03 75.76
C LEU F 124 1.42 -17.10 75.94
N ARG F 125 2.02 -16.10 76.58
CA ARG F 125 3.42 -16.17 76.98
C ARG F 125 3.60 -17.15 78.15
N ASN F 126 2.75 -17.05 79.16
CA ASN F 126 2.84 -17.90 80.35
C ASN F 126 2.40 -19.34 80.12
N ASP F 127 1.49 -19.55 79.16
CA ASP F 127 0.88 -20.87 78.90
C ASP F 127 1.91 -21.90 78.42
N GLU F 128 1.94 -23.04 79.10
CA GLU F 128 2.90 -24.11 78.81
C GLU F 128 2.66 -24.80 77.45
N HIS F 129 1.41 -24.82 77.00
CA HIS F 129 1.05 -25.43 75.72
C HIS F 129 1.67 -24.70 74.52
N THR F 130 1.95 -23.40 74.69
CA THR F 130 2.57 -22.57 73.65
C THR F 130 4.09 -22.45 73.79
N ARG F 131 4.63 -22.92 74.92
CA ARG F 131 6.09 -22.93 75.12
C ARG F 131 6.75 -24.18 74.55
N ARG F 132 6.11 -25.33 74.75
CA ARG F 132 6.59 -26.60 74.20
C ARG F 132 6.40 -26.66 72.67
N GLU F 133 5.35 -25.99 72.19
CA GLU F 133 5.11 -25.87 70.75
C GLU F 133 6.18 -25.01 70.06
N LEU F 134 6.59 -23.93 70.72
CA LEU F 134 7.63 -23.04 70.20
C LEU F 134 9.03 -23.67 70.24
N ALA F 135 9.31 -24.42 71.31
CA ALA F 135 10.62 -25.04 71.51
C ALA F 135 11.01 -26.01 70.39
N LYS F 136 10.01 -26.62 69.75
CA LYS F 136 10.22 -27.45 68.57
C LYS F 136 10.88 -26.63 67.45
N MET F 137 10.36 -25.43 67.21
CA MET F 137 10.90 -24.52 66.17
C MET F 137 12.24 -23.85 66.54
N LYS F 138 12.81 -24.20 67.69
CA LYS F 138 14.04 -23.56 68.20
C LYS F 138 13.88 -22.05 68.36
N GLN F 139 12.76 -21.64 68.94
CA GLN F 139 12.45 -20.24 69.21
C GLN F 139 11.92 -20.13 70.64
N GLU F 140 11.44 -18.95 71.03
CA GLU F 140 10.79 -18.77 72.33
C GLU F 140 9.93 -17.50 72.33
N PRO F 141 8.94 -17.41 73.24
CA PRO F 141 8.07 -16.25 73.28
C PRO F 141 8.84 -14.94 73.46
N VAL F 142 8.46 -13.93 72.67
CA VAL F 142 9.15 -12.65 72.68
C VAL F 142 8.94 -11.94 74.00
N LYS F 143 10.05 -11.70 74.70
CA LYS F 143 10.04 -10.98 75.97
C LYS F 143 9.73 -9.50 75.73
N PRO F 144 9.29 -8.78 76.79
CA PRO F 144 9.01 -7.35 76.63
C PRO F 144 10.26 -6.50 76.32
N GLU F 145 11.41 -6.89 76.87
CA GLU F 145 12.67 -6.20 76.60
C GLU F 145 13.23 -6.47 75.19
N GLU F 146 12.48 -7.21 74.37
CA GLU F 146 12.74 -7.31 72.93
C GLU F 146 11.79 -6.41 72.15
N GLY F 147 10.55 -6.31 72.61
CA GLY F 147 9.53 -5.52 71.94
C GLY F 147 9.76 -4.02 72.03
N ARG F 148 10.21 -3.57 73.19
CA ARG F 148 10.52 -2.15 73.40
C ARG F 148 11.65 -1.70 72.47
N ASP F 149 12.70 -2.51 72.39
CA ASP F 149 13.85 -2.25 71.51
C ASP F 149 13.45 -2.20 70.04
N MET F 150 12.42 -2.96 69.68
CA MET F 150 11.87 -2.92 68.33
C MET F 150 11.11 -1.61 68.11
N ALA F 151 10.31 -1.21 69.09
CA ALA F 151 9.52 0.02 69.01
C ALA F 151 10.43 1.25 68.85
N ASN F 152 11.48 1.32 69.67
CA ASN F 152 12.49 2.36 69.54
C ASN F 152 13.12 2.34 68.15
N ARG F 153 13.62 1.17 67.76
CA ARG F 153 14.33 0.99 66.48
C ARG F 153 13.53 1.53 65.29
N ILE F 154 12.24 1.20 65.22
CA ILE F 154 11.39 1.70 64.13
C ILE F 154 10.84 3.10 64.44
N GLY F 155 10.71 3.43 65.72
CA GLY F 155 10.31 4.77 66.14
C GLY F 155 8.80 4.91 66.25
N ALA F 156 8.22 4.15 67.18
CA ALA F 156 6.78 4.19 67.41
C ALA F 156 6.41 5.24 68.47
N PHE F 157 5.15 5.64 68.45
CA PHE F 157 4.59 6.59 69.43
C PHE F 157 4.72 6.03 70.86
N GLY F 158 4.44 4.73 71.01
CA GLY F 158 4.54 4.05 72.29
C GLY F 158 4.25 2.55 72.19
N TYR F 159 5.07 1.75 72.85
CA TYR F 159 4.93 0.28 72.85
C TYR F 159 3.97 -0.18 73.94
N MET F 160 3.01 -1.03 73.56
CA MET F 160 2.02 -1.57 74.50
C MET F 160 1.83 -3.07 74.32
N GLU F 161 1.26 -3.70 75.34
CA GLU F 161 0.92 -5.13 75.30
C GLU F 161 -0.45 -5.39 75.90
N CYS F 162 -1.11 -6.42 75.40
CA CYS F 162 -2.46 -6.77 75.84
C CYS F 162 -2.78 -8.22 75.50
N SER F 163 -4.01 -8.64 75.81
CA SER F 163 -4.52 -9.95 75.36
C SER F 163 -6.03 -9.92 75.21
N ALA F 164 -6.53 -10.51 74.11
CA ALA F 164 -7.95 -10.50 73.78
C ALA F 164 -8.81 -11.35 74.72
N LYS F 165 -8.20 -12.36 75.35
CA LYS F 165 -8.88 -13.20 76.34
C LYS F 165 -9.02 -12.50 77.70
N THR F 166 -7.93 -11.91 78.18
CA THR F 166 -7.94 -11.22 79.47
C THR F 166 -8.69 -9.88 79.41
N LYS F 167 -8.63 -9.23 78.25
CA LYS F 167 -9.06 -7.84 78.07
C LYS F 167 -8.08 -6.87 78.74
N ASP F 168 -6.92 -7.40 79.16
CA ASP F 168 -5.95 -6.65 79.97
C ASP F 168 -5.03 -5.85 79.07
N GLY F 169 -4.93 -4.55 79.32
CA GLY F 169 -4.15 -3.65 78.47
C GLY F 169 -4.83 -3.33 77.14
N VAL F 170 -6.04 -3.86 76.94
CA VAL F 170 -6.79 -3.62 75.70
C VAL F 170 -7.27 -2.18 75.65
N ARG F 171 -8.01 -1.78 76.67
CA ARG F 171 -8.45 -0.40 76.85
C ARG F 171 -7.25 0.55 76.84
N GLU F 172 -6.21 0.23 77.61
CA GLU F 172 -5.03 1.10 77.76
C GLU F 172 -4.23 1.26 76.45
N VAL F 173 -4.31 0.28 75.55
CA VAL F 173 -3.69 0.39 74.24
C VAL F 173 -4.45 1.39 73.36
N PHE F 174 -5.78 1.33 73.37
CA PHE F 174 -6.62 2.28 72.61
C PHE F 174 -6.60 3.67 73.24
N GLU F 175 -6.50 3.72 74.57
CA GLU F 175 -6.29 4.98 75.29
C GLU F 175 -4.99 5.64 74.79
N MET F 176 -4.02 4.82 74.44
CA MET F 176 -2.78 5.27 73.81
C MET F 176 -3.02 5.57 72.33
N ALA F 177 -3.82 4.74 71.67
CA ALA F 177 -4.15 4.94 70.27
C ALA F 177 -4.97 6.23 70.02
N THR F 178 -5.76 6.64 71.02
CA THR F 178 -6.58 7.86 70.89
C THR F 178 -5.71 9.10 71.12
N ARG F 179 -4.98 9.09 72.24
CA ARG F 179 -4.13 10.23 72.61
C ARG F 179 -3.02 10.43 71.58
N ALA F 180 -2.66 9.36 70.88
CA ALA F 180 -1.71 9.41 69.77
C ALA F 180 -2.32 10.06 68.54
N ALA F 181 -3.61 9.79 68.31
CA ALA F 181 -4.33 10.36 67.17
C ALA F 181 -4.47 11.89 67.29
N LEU F 182 -4.30 12.41 68.52
CA LEU F 182 -4.28 13.86 68.73
C LEU F 182 -2.99 14.46 68.18
N GLN F 183 -1.87 13.77 68.37
CA GLN F 183 -0.55 14.25 67.96
C GLN F 183 0.13 13.26 67.02
AL ALF G . -7.65 17.78 -20.97
F1 ALF G . -7.70 19.63 -21.06
F2 ALF G . -9.38 17.76 -20.36
F3 ALF G . -7.60 15.93 -20.88
F4 ALF G . -5.90 17.79 -21.59
MG MG H . -8.70 14.56 -21.84
PB GDP I . -8.33 16.90 -24.01
O1B GDP I . -7.24 17.36 -24.92
O2B GDP I . -8.08 15.45 -23.73
O3B GDP I . -8.26 17.68 -22.72
O3A GDP I . -9.73 17.13 -24.75
PA GDP I . -10.85 16.01 -25.04
O1A GDP I . -10.39 14.84 -25.86
O2A GDP I . -11.47 15.58 -23.75
O5' GDP I . -11.93 16.78 -25.94
C5' GDP I . -12.31 18.13 -25.62
C4' GDP I . -13.78 18.39 -25.96
O4' GDP I . -13.86 18.91 -27.28
C3' GDP I . -14.65 17.12 -25.93
O3' GDP I . -15.87 17.38 -25.24
C2' GDP I . -14.95 16.77 -27.36
O2' GDP I . -16.31 16.40 -27.52
C1' GDP I . -14.66 18.06 -28.11
N9 GDP I . -13.90 17.80 -29.35
C8 GDP I . -12.68 17.27 -29.46
N7 GDP I . -12.30 17.21 -30.77
C5 GDP I . -13.29 17.72 -31.50
C6 GDP I . -13.55 17.96 -32.93
O6 GDP I . -12.71 17.65 -33.79
N1 GDP I . -14.73 18.53 -33.27
C2 GDP I . -15.67 18.86 -32.37
N2 GDP I . -16.82 19.42 -32.78
N3 GDP I . -15.49 18.67 -31.03
C4 GDP I . -14.35 18.11 -30.57
AL ALF J . -26.11 -11.11 4.98
F1 ALF J . -26.90 -12.76 4.69
F2 ALF J . -26.48 -10.63 3.22
F3 ALF J . -25.32 -9.45 5.25
F4 ALF J . -25.75 -11.57 6.74
MG MG K . -26.05 -7.68 5.79
PB GDP L . -28.66 -9.53 6.39
O1B GDP L . -28.81 -10.16 7.75
O2B GDP L . -28.01 -8.19 6.59
O3B GDP L . -27.78 -10.40 5.51
O3A GDP L . -30.14 -9.34 5.74
PA GDP L . -30.66 -7.92 5.16
O1A GDP L . -30.43 -6.73 6.09
O2A GDP L . -29.94 -7.67 3.86
O5' GDP L . -32.22 -8.14 4.86
C5' GDP L . -32.56 -9.29 4.09
C4' GDP L . -33.85 -9.12 3.28
O4' GDP L . -34.99 -9.15 4.14
C3' GDP L . -33.93 -7.77 2.59
O3' GDP L . -34.69 -7.93 1.37
C2' GDP L . -34.68 -6.89 3.57
O2' GDP L . -35.25 -5.77 2.89
C1' GDP L . -35.69 -7.90 4.09
N9 GDP L . -36.22 -7.69 5.45
C8 GDP L . -35.51 -7.52 6.56
N7 GDP L . -36.31 -7.41 7.64
C5 GDP L . -37.57 -7.53 7.22
C6 GDP L . -38.90 -7.49 7.83
O6 GDP L . -39.02 -7.32 9.07
N1 GDP L . -39.96 -7.64 7.04
C2 GDP L . -39.84 -7.82 5.70
N2 GDP L . -40.95 -7.97 4.93
N3 GDP L . -38.63 -7.85 5.09
C4 GDP L . -37.50 -7.72 5.78
#